data_5W8H
#
_entry.id   5W8H
#
_cell.length_a   167.730
_cell.length_b   81.210
_cell.length_c   120.650
_cell.angle_alpha   90.000
_cell.angle_beta   118.220
_cell.angle_gamma   90.000
#
_symmetry.space_group_name_H-M   'C 1 2 1'
#
loop_
_entity.id
_entity.type
_entity.pdbx_description
1 polymer 'L-lactate dehydrogenase A chain'
2 non-polymer '2-[3-(4-fluorophenyl)-5-(trifluoromethyl)-1H-pyrazol-1-yl]-1,3-thiazole-4-carboxylic acid'
3 non-polymer 'ACETATE ION'
4 non-polymer 'DIMETHYL SULFOXIDE'
5 non-polymer 'MALONIC ACID'
6 non-polymer GLYCEROL
7 water water
#
_entity_poly.entity_id   1
_entity_poly.type   'polypeptide(L)'
_entity_poly.pdbx_seq_one_letter_code
;MATLKDQLIYNLLKEEQTPQNKITVVGVGAVGMACAISILMKDLADELALVDVIEDKLKGEMMDLQHGSLFLRTPKIVSG
KDYNVTANSKLVIITAGARQQEGESRLNLVQRNVNIFKFIIPNVVKYSPNCKLLIVSNPVDILTYVAWKISGFPKNRVIG
SGCNLDSARFRYLMGERLGVHPLSCHGWVLGEHGDSSVPVWSGMNVAGVSLKTLHPDLGTDKDKEQWKEVHKQVVESAYE
VIKLKGYTSWAIGLSVADLAESIMKNLRRVHPVSTMIKGLYGIKDDVFLSVPCILGQNGISDLVKVTLTSEEEARLKKSA
DTLWGIQKELQF
;
_entity_poly.pdbx_strand_id   A,B,C,D
#
loop_
_chem_comp.id
_chem_comp.type
_chem_comp.name
_chem_comp.formula
9Y1 non-polymer '2-[3-(4-fluorophenyl)-5-(trifluoromethyl)-1H-pyrazol-1-yl]-1,3-thiazole-4-carboxylic acid' 'C14 H7 F4 N3 O2 S'
ACT non-polymer 'ACETATE ION' 'C2 H3 O2 -1'
DMS non-polymer 'DIMETHYL SULFOXIDE' 'C2 H6 O S'
GOL non-polymer GLYCEROL 'C3 H8 O3'
MLA non-polymer 'MALONIC ACID' 'C3 H4 O4'
#
# COMPACT_ATOMS: atom_id res chain seq x y z
N ALA A 2 -10.46 18.62 -36.80
CA ALA A 2 -9.58 18.15 -35.74
C ALA A 2 -10.05 16.79 -35.23
N THR A 3 -9.12 15.99 -34.73
CA THR A 3 -9.46 14.72 -34.12
C THR A 3 -10.23 14.94 -32.83
N LEU A 4 -10.86 13.88 -32.33
CA LEU A 4 -11.55 14.00 -31.06
C LEU A 4 -10.52 14.31 -29.98
N LYS A 5 -9.39 13.61 -30.03
CA LYS A 5 -8.31 13.88 -29.07
C LYS A 5 -7.90 15.34 -29.05
N ASP A 6 -7.76 15.96 -30.22
CA ASP A 6 -7.30 17.36 -30.19
C ASP A 6 -8.41 18.34 -29.80
N GLN A 7 -9.66 17.97 -30.06
CA GLN A 7 -10.80 18.75 -29.56
C GLN A 7 -10.84 18.74 -28.03
N LEU A 8 -10.50 17.59 -27.47
CA LEU A 8 -10.61 17.34 -26.04
C LEU A 8 -9.39 17.89 -25.29
N ILE A 9 -8.22 17.73 -25.90
CA ILE A 9 -6.95 17.93 -25.16
C ILE A 9 -6.01 18.88 -25.87
N TYR A 10 -5.57 19.93 -25.14
CA TYR A 10 -4.54 20.84 -25.61
C TYR A 10 -3.17 20.34 -25.14
N ASN A 11 -2.26 20.12 -26.09
CA ASN A 11 -0.95 19.60 -25.73
C ASN A 11 0.06 20.72 -25.42
N LEU A 12 0.75 20.60 -24.29
CA LEU A 12 1.82 21.53 -23.90
C LEU A 12 3.19 21.02 -24.31
N LEU A 13 3.37 19.71 -24.19
CA LEU A 13 4.67 19.05 -24.25
C LEU A 13 4.72 17.88 -25.16
N LYS A 14 5.68 17.88 -26.08
CA LYS A 14 6.10 16.66 -26.76
C LYS A 14 7.24 16.12 -25.91
N GLU A 15 7.02 14.99 -25.26
CA GLU A 15 8.06 14.49 -24.37
C GLU A 15 8.72 13.21 -24.86
N GLU A 16 9.99 13.32 -25.23
CA GLU A 16 10.85 12.16 -25.35
C GLU A 16 11.59 12.05 -24.03
N GLN A 17 11.03 11.30 -23.09
CA GLN A 17 11.63 11.22 -21.76
C GLN A 17 12.10 9.80 -21.45
N THR A 18 13.25 9.70 -20.81
CA THR A 18 13.82 8.41 -20.53
C THR A 18 13.18 7.86 -19.25
N PRO A 19 12.97 6.53 -19.20
CA PRO A 19 12.40 5.89 -18.00
C PRO A 19 13.17 6.28 -16.74
N GLN A 20 12.46 6.56 -15.65
CA GLN A 20 13.09 7.00 -14.40
C GLN A 20 13.24 5.90 -13.34
N ASN A 21 12.32 4.94 -13.36
CA ASN A 21 12.33 3.88 -12.37
C ASN A 21 11.93 2.57 -13.06
N LYS A 22 12.72 2.17 -14.05
CA LYS A 22 12.34 1.03 -14.91
C LYS A 22 12.91 -0.30 -14.43
N ILE A 23 12.11 -1.38 -14.55
CA ILE A 23 12.58 -2.72 -14.26
C ILE A 23 12.31 -3.58 -15.48
N THR A 24 13.28 -4.42 -15.82
CA THR A 24 13.08 -5.46 -16.84
C THR A 24 13.06 -6.84 -16.20
N VAL A 25 12.12 -7.68 -16.65
CA VAL A 25 12.18 -9.10 -16.32
C VAL A 25 12.50 -9.90 -17.60
N VAL A 26 13.56 -10.69 -17.56
CA VAL A 26 13.90 -11.54 -18.70
C VAL A 26 13.42 -12.97 -18.42
N GLY A 27 12.58 -13.48 -19.31
CA GLY A 27 11.97 -14.78 -19.14
C GLY A 27 10.55 -14.59 -18.65
N VAL A 28 9.59 -15.13 -19.39
CA VAL A 28 8.18 -15.01 -18.99
C VAL A 28 7.55 -16.38 -18.71
N GLY A 29 8.36 -17.30 -18.21
CA GLY A 29 7.85 -18.53 -17.61
C GLY A 29 7.20 -18.20 -16.28
N ALA A 30 6.89 -19.23 -15.48
CA ALA A 30 6.11 -19.00 -14.26
C ALA A 30 6.86 -18.10 -13.27
N VAL A 31 8.17 -18.30 -13.13
CA VAL A 31 8.95 -17.47 -12.22
C VAL A 31 8.98 -16.02 -12.69
N GLY A 32 9.26 -15.79 -13.96
CA GLY A 32 9.31 -14.42 -14.45
C GLY A 32 7.99 -13.67 -14.30
N MET A 33 6.86 -14.33 -14.57
CA MET A 33 5.57 -13.61 -14.44
C MET A 33 5.18 -13.42 -12.98
N ALA A 34 5.58 -14.33 -12.10
CA ALA A 34 5.33 -14.11 -10.66
C ALA A 34 6.18 -12.92 -10.16
N CYS A 35 7.42 -12.81 -10.62
CA CYS A 35 8.18 -11.60 -10.30
C CYS A 35 7.48 -10.37 -10.86
N ALA A 36 7.00 -10.47 -12.10
CA ALA A 36 6.34 -9.31 -12.72
C ALA A 36 5.10 -8.85 -11.95
N ILE A 37 4.22 -9.78 -11.60
CA ILE A 37 2.98 -9.36 -10.93
C ILE A 37 3.29 -8.83 -9.54
N SER A 38 4.30 -9.40 -8.88
CA SER A 38 4.63 -8.95 -7.51
C SER A 38 5.19 -7.56 -7.53
N ILE A 39 6.04 -7.31 -8.51
CA ILE A 39 6.58 -5.96 -8.68
C ILE A 39 5.50 -4.96 -9.05
N LEU A 40 4.55 -5.37 -9.91
CA LEU A 40 3.44 -4.47 -10.26
C LEU A 40 2.56 -4.16 -9.07
N MET A 41 2.30 -5.15 -8.23
CA MET A 41 1.35 -4.87 -7.15
CA MET A 41 1.40 -4.98 -7.08
C MET A 41 2.03 -4.15 -5.97
N LYS A 42 3.35 -4.01 -6.03
CA LYS A 42 4.08 -3.25 -4.99
C LYS A 42 4.49 -1.85 -5.49
N ASP A 43 4.07 -1.51 -6.71
CA ASP A 43 4.30 -0.16 -7.25
C ASP A 43 5.78 0.22 -7.26
N LEU A 44 6.66 -0.72 -7.59
CA LEU A 44 8.09 -0.44 -7.55
C LEU A 44 8.65 0.26 -8.80
N ALA A 45 7.92 0.20 -9.92
CA ALA A 45 8.47 0.63 -11.22
C ALA A 45 7.51 1.58 -11.92
N ASP A 46 8.02 2.55 -12.70
CA ASP A 46 7.15 3.36 -13.54
C ASP A 46 7.11 2.80 -14.97
N GLU A 47 7.95 1.82 -15.26
CA GLU A 47 7.91 1.14 -16.55
C GLU A 47 8.38 -0.27 -16.29
N LEU A 48 7.66 -1.25 -16.87
CA LEU A 48 8.05 -2.66 -16.77
C LEU A 48 8.24 -3.23 -18.17
N ALA A 49 9.41 -3.82 -18.41
CA ALA A 49 9.71 -4.45 -19.72
C ALA A 49 9.85 -5.94 -19.55
N LEU A 50 9.29 -6.70 -20.49
CA LEU A 50 9.40 -8.15 -20.45
C LEU A 50 10.12 -8.58 -21.71
N VAL A 51 11.04 -9.53 -21.59
CA VAL A 51 11.76 -10.08 -22.76
C VAL A 51 11.79 -11.60 -22.69
N ASP A 52 11.63 -12.25 -23.84
CA ASP A 52 11.79 -13.68 -23.96
C ASP A 52 11.96 -14.00 -25.43
N VAL A 53 12.11 -15.28 -25.75
CA VAL A 53 12.37 -15.67 -27.12
C VAL A 53 11.11 -16.23 -27.79
N ILE A 54 10.11 -16.57 -26.98
CA ILE A 54 8.87 -17.09 -27.54
C ILE A 54 7.90 -15.95 -27.77
N GLU A 55 7.69 -15.57 -29.03
CA GLU A 55 7.06 -14.28 -29.30
C GLU A 55 5.56 -14.22 -28.99
N ASP A 56 4.79 -15.27 -29.28
CA ASP A 56 3.36 -15.21 -29.02
CA ASP A 56 3.36 -15.22 -29.02
C ASP A 56 3.09 -15.20 -27.51
N LYS A 57 3.77 -16.08 -26.78
CA LYS A 57 3.64 -16.09 -25.32
C LYS A 57 4.00 -14.76 -24.67
N LEU A 58 5.08 -14.16 -25.14
CA LEU A 58 5.50 -12.88 -24.64
C LEU A 58 4.43 -11.80 -24.85
N LYS A 59 3.91 -11.74 -26.06
CA LYS A 59 2.89 -10.75 -26.41
C LYS A 59 1.64 -10.98 -25.58
N GLY A 60 1.25 -12.23 -25.45
CA GLY A 60 0.08 -12.55 -24.62
C GLY A 60 0.21 -12.14 -23.16
N GLU A 61 1.36 -12.40 -22.56
CA GLU A 61 1.57 -11.98 -21.16
C GLU A 61 1.54 -10.45 -21.03
N MET A 62 2.21 -9.76 -21.93
CA MET A 62 2.17 -8.31 -21.91
C MET A 62 0.73 -7.75 -22.01
N MET A 63 -0.03 -8.29 -22.96
CA MET A 63 -1.42 -7.83 -23.13
C MET A 63 -2.27 -8.10 -21.90
N ASP A 64 -2.08 -9.27 -21.28
CA ASP A 64 -2.88 -9.66 -20.12
C ASP A 64 -2.59 -8.67 -18.98
N LEU A 65 -1.30 -8.32 -18.79
CA LEU A 65 -0.96 -7.34 -17.77
C LEU A 65 -1.51 -5.97 -18.12
N GLN A 66 -1.38 -5.55 -19.39
CA GLN A 66 -1.88 -4.25 -19.81
C GLN A 66 -3.39 -4.10 -19.59
N HIS A 67 -4.13 -5.18 -19.78
CA HIS A 67 -5.57 -5.10 -19.59
C HIS A 67 -5.96 -4.86 -18.13
N GLY A 68 -5.05 -5.08 -17.19
CA GLY A 68 -5.30 -4.81 -15.78
C GLY A 68 -4.74 -3.44 -15.33
N SER A 69 -4.32 -2.61 -16.30
CA SER A 69 -3.68 -1.29 -16.00
C SER A 69 -4.51 -0.38 -15.12
N LEU A 70 -5.82 -0.44 -15.28
CA LEU A 70 -6.74 0.36 -14.46
C LEU A 70 -6.50 0.12 -12.97
N PHE A 71 -6.11 -1.11 -12.64
CA PHE A 71 -5.95 -1.56 -11.28
C PHE A 71 -4.52 -1.44 -10.76
N LEU A 72 -3.66 -0.79 -11.54
CA LEU A 72 -2.21 -0.75 -11.25
C LEU A 72 -1.77 0.70 -11.19
N ARG A 73 -0.50 0.93 -10.85
CA ARG A 73 0.09 2.29 -10.87
C ARG A 73 1.41 2.27 -11.59
N THR A 74 1.50 1.44 -12.63
CA THR A 74 2.69 1.31 -13.43
C THR A 74 2.20 1.60 -14.84
N PRO A 75 2.41 2.84 -15.32
CA PRO A 75 1.70 3.34 -16.52
C PRO A 75 2.24 2.79 -17.85
N LYS A 76 3.41 2.15 -17.87
CA LYS A 76 3.97 1.67 -19.12
C LYS A 76 4.46 0.25 -18.95
N ILE A 77 3.86 -0.66 -19.74
CA ILE A 77 4.25 -2.06 -19.77
C ILE A 77 4.59 -2.42 -21.22
N VAL A 78 5.82 -2.89 -21.46
CA VAL A 78 6.28 -3.12 -22.82
C VAL A 78 6.90 -4.50 -22.93
N SER A 79 7.00 -5.03 -24.15
CA SER A 79 7.67 -6.31 -24.33
C SER A 79 8.22 -6.44 -25.73
N GLY A 80 9.16 -7.37 -25.91
CA GLY A 80 9.67 -7.67 -27.23
C GLY A 80 10.81 -8.66 -27.13
N LYS A 81 11.12 -9.33 -28.24
CA LYS A 81 12.26 -10.22 -28.28
C LYS A 81 13.54 -9.40 -28.40
N ASP A 82 13.42 -8.20 -28.97
CA ASP A 82 14.57 -7.29 -29.13
C ASP A 82 14.85 -6.57 -27.82
N TYR A 83 16.11 -6.56 -27.38
CA TYR A 83 16.42 -6.00 -26.07
C TYR A 83 16.36 -4.46 -26.03
N ASN A 84 16.09 -3.83 -27.17
CA ASN A 84 15.96 -2.38 -27.12
C ASN A 84 14.76 -1.94 -26.24
N VAL A 85 13.82 -2.85 -26.00
CA VAL A 85 12.70 -2.52 -25.12
C VAL A 85 13.12 -2.40 -23.65
N THR A 86 14.32 -2.89 -23.31
CA THR A 86 14.81 -2.89 -21.93
C THR A 86 15.68 -1.68 -21.60
N ALA A 87 15.83 -0.74 -22.54
CA ALA A 87 16.82 0.33 -22.38
C ALA A 87 16.57 1.18 -21.11
N ASN A 88 17.66 1.56 -20.43
CA ASN A 88 17.61 2.41 -19.24
C ASN A 88 16.86 1.81 -18.04
N SER A 89 16.97 0.50 -17.90
CA SER A 89 16.47 -0.19 -16.70
C SER A 89 17.40 0.04 -15.51
N LYS A 90 16.84 0.33 -14.33
CA LYS A 90 17.66 0.43 -13.13
C LYS A 90 17.99 -0.97 -12.65
N LEU A 91 17.09 -1.90 -12.92
CA LEU A 91 17.18 -3.24 -12.35
C LEU A 91 16.72 -4.22 -13.43
N VAL A 92 17.55 -5.23 -13.71
CA VAL A 92 17.20 -6.27 -14.70
C VAL A 92 17.22 -7.63 -13.99
N ILE A 93 16.07 -8.30 -14.01
CA ILE A 93 15.89 -9.55 -13.29
C ILE A 93 15.95 -10.71 -14.29
N ILE A 94 16.92 -11.59 -14.15
CA ILE A 94 17.05 -12.70 -15.08
C ILE A 94 16.44 -13.99 -14.52
N THR A 95 15.39 -14.50 -15.18
CA THR A 95 14.75 -15.77 -14.79
C THR A 95 14.80 -16.85 -15.87
N ALA A 96 15.39 -16.49 -17.00
CA ALA A 96 15.39 -17.37 -18.17
C ALA A 96 16.51 -18.38 -18.03
N GLY A 97 16.41 -19.46 -18.79
CA GLY A 97 17.45 -20.45 -18.74
C GLY A 97 17.00 -21.85 -19.11
N ALA A 98 17.93 -22.78 -19.08
CA ALA A 98 17.63 -24.16 -19.42
C ALA A 98 17.26 -24.94 -18.16
N ARG A 99 16.31 -25.86 -18.28
CA ARG A 99 15.95 -26.72 -17.15
C ARG A 99 16.69 -28.05 -17.22
N GLN A 100 17.06 -28.60 -16.06
CA GLN A 100 17.84 -29.84 -16.01
C GLN A 100 17.02 -30.98 -16.58
N GLN A 101 17.58 -31.73 -17.53
CA GLN A 101 16.87 -32.84 -18.15
C GLN A 101 17.22 -34.15 -17.46
N GLU A 102 16.48 -35.21 -17.81
CA GLU A 102 16.74 -36.52 -17.25
C GLU A 102 18.13 -36.98 -17.63
N GLY A 103 18.90 -37.39 -16.62
CA GLY A 103 20.23 -37.93 -16.83
C GLY A 103 21.33 -36.89 -16.96
N GLU A 104 20.96 -35.62 -17.09
CA GLU A 104 21.95 -34.59 -17.41
C GLU A 104 22.79 -34.21 -16.19
N SER A 105 24.10 -34.13 -16.38
CA SER A 105 25.01 -33.71 -15.31
C SER A 105 24.85 -32.23 -14.97
N ARG A 106 25.31 -31.85 -13.78
CA ARG A 106 25.30 -30.44 -13.39
C ARG A 106 26.18 -29.62 -14.31
N LEU A 107 27.34 -30.18 -14.67
CA LEU A 107 28.24 -29.47 -15.57
C LEU A 107 27.55 -29.19 -16.90
N ASN A 108 26.94 -30.20 -17.52
CA ASN A 108 26.31 -29.98 -18.83
C ASN A 108 25.13 -29.01 -18.75
N LEU A 109 24.35 -29.09 -17.68
CA LEU A 109 23.25 -28.15 -17.48
C LEU A 109 23.76 -26.71 -17.39
N VAL A 110 24.81 -26.50 -16.59
CA VAL A 110 25.30 -25.14 -16.41
C VAL A 110 25.85 -24.64 -17.74
N GLN A 111 26.49 -25.52 -18.51
CA GLN A 111 27.10 -25.09 -19.75
C GLN A 111 26.00 -24.62 -20.73
N ARG A 112 24.86 -25.31 -20.74
CA ARG A 112 23.77 -24.89 -21.61
C ARG A 112 23.28 -23.52 -21.22
N ASN A 113 23.25 -23.25 -19.90
CA ASN A 113 22.90 -21.91 -19.42
C ASN A 113 23.95 -20.87 -19.75
N VAL A 114 25.23 -21.24 -19.73
CA VAL A 114 26.28 -20.30 -20.13
C VAL A 114 26.00 -19.85 -21.54
N ASN A 115 25.68 -20.82 -22.39
CA ASN A 115 25.44 -20.55 -23.81
C ASN A 115 24.28 -19.58 -24.01
N ILE A 116 23.21 -19.75 -23.22
CA ILE A 116 22.09 -18.83 -23.23
C ILE A 116 22.46 -17.47 -22.61
N PHE A 117 23.20 -17.46 -21.52
CA PHE A 117 23.63 -16.18 -20.92
C PHE A 117 24.57 -15.42 -21.85
N LYS A 118 25.27 -16.14 -22.73
CA LYS A 118 26.18 -15.43 -23.63
C LYS A 118 25.40 -14.60 -24.63
N PHE A 119 24.11 -14.94 -24.82
CA PHE A 119 23.23 -14.13 -25.64
C PHE A 119 22.55 -13.03 -24.81
N ILE A 120 21.95 -13.44 -23.70
CA ILE A 120 21.15 -12.53 -22.89
C ILE A 120 21.98 -11.41 -22.29
N ILE A 121 23.09 -11.76 -21.64
CA ILE A 121 23.75 -10.78 -20.78
C ILE A 121 24.38 -9.62 -21.57
N PRO A 122 25.07 -9.90 -22.67
CA PRO A 122 25.58 -8.73 -23.41
C PRO A 122 24.49 -7.81 -23.96
N ASN A 123 23.35 -8.38 -24.32
CA ASN A 123 22.24 -7.57 -24.80
C ASN A 123 21.66 -6.70 -23.69
N VAL A 124 21.54 -7.27 -22.49
CA VAL A 124 21.13 -6.47 -21.33
C VAL A 124 22.12 -5.32 -21.07
N VAL A 125 23.41 -5.64 -21.09
CA VAL A 125 24.45 -4.64 -20.78
C VAL A 125 24.48 -3.52 -21.84
N LYS A 126 24.26 -3.89 -23.08
CA LYS A 126 24.25 -2.91 -24.16
C LYS A 126 23.21 -1.82 -23.91
N TYR A 127 22.01 -2.21 -23.50
CA TYR A 127 20.94 -1.25 -23.37
C TYR A 127 20.81 -0.62 -21.97
N SER A 128 21.33 -1.31 -20.95
CA SER A 128 21.34 -0.72 -19.60
C SER A 128 22.68 -0.95 -18.93
N PRO A 129 23.73 -0.25 -19.37
CA PRO A 129 25.10 -0.54 -18.90
C PRO A 129 25.31 -0.26 -17.42
N ASN A 130 24.39 0.50 -16.82
CA ASN A 130 24.52 0.87 -15.42
C ASN A 130 23.48 0.20 -14.52
N CYS A 131 22.77 -0.81 -15.03
CA CYS A 131 21.75 -1.49 -14.21
C CYS A 131 22.38 -2.34 -13.13
N LYS A 132 21.56 -2.72 -12.16
CA LYS A 132 21.88 -3.84 -11.28
C LYS A 132 21.29 -5.09 -11.92
N LEU A 133 22.03 -6.19 -11.90
CA LEU A 133 21.58 -7.49 -12.39
C LEU A 133 21.18 -8.33 -11.21
N LEU A 134 19.96 -8.82 -11.21
CA LEU A 134 19.49 -9.75 -10.18
C LEU A 134 19.25 -11.12 -10.83
N ILE A 135 20.07 -12.11 -10.48
CA ILE A 135 19.95 -13.41 -11.14
C ILE A 135 19.06 -14.34 -10.30
N VAL A 136 18.03 -14.90 -10.94
CA VAL A 136 17.10 -15.76 -10.25
C VAL A 136 17.13 -17.18 -10.86
N SER A 137 17.57 -17.30 -12.11
CA SER A 137 17.71 -18.61 -12.78
C SER A 137 18.54 -19.59 -11.94
N ASN A 138 18.10 -20.84 -11.83
CA ASN A 138 18.90 -21.90 -11.20
C ASN A 138 19.82 -22.66 -12.16
N PRO A 139 20.98 -23.15 -11.66
CA PRO A 139 21.47 -23.07 -10.27
C PRO A 139 22.01 -21.67 -9.95
N VAL A 140 21.39 -20.98 -9.00
CA VAL A 140 21.55 -19.53 -8.94
C VAL A 140 22.96 -19.05 -8.57
N ASP A 141 23.65 -19.75 -7.67
CA ASP A 141 24.97 -19.29 -7.28
C ASP A 141 25.96 -19.37 -8.45
N ILE A 142 25.90 -20.45 -9.22
CA ILE A 142 26.83 -20.55 -10.34
C ILE A 142 26.42 -19.58 -11.45
N LEU A 143 25.11 -19.45 -11.73
CA LEU A 143 24.72 -18.57 -12.83
C LEU A 143 24.91 -17.09 -12.48
N THR A 144 24.96 -16.76 -11.19
CA THR A 144 25.32 -15.39 -10.81
C THR A 144 26.79 -15.15 -11.20
N TYR A 145 27.66 -16.13 -10.95
CA TYR A 145 29.07 -16.05 -11.40
C TYR A 145 29.15 -15.92 -12.92
N VAL A 146 28.35 -16.71 -13.61
CA VAL A 146 28.33 -16.66 -15.05
C VAL A 146 27.94 -15.25 -15.51
N ALA A 147 26.85 -14.72 -14.96
CA ALA A 147 26.42 -13.36 -15.31
C ALA A 147 27.50 -12.31 -15.01
N TRP A 148 28.16 -12.48 -13.89
CA TRP A 148 29.24 -11.56 -13.51
C TRP A 148 30.37 -11.58 -14.52
N LYS A 149 30.79 -12.78 -14.92
CA LYS A 149 31.93 -12.89 -15.83
C LYS A 149 31.60 -12.32 -17.21
N ILE A 150 30.41 -12.64 -17.72
CA ILE A 150 30.02 -12.19 -19.05
C ILE A 150 29.75 -10.68 -19.10
N SER A 151 29.07 -10.14 -18.08
CA SER A 151 28.71 -8.73 -18.06
C SER A 151 29.91 -7.83 -17.89
N GLY A 152 30.88 -8.31 -17.15
CA GLY A 152 32.03 -7.49 -16.78
C GLY A 152 31.68 -6.41 -15.77
N PHE A 153 30.50 -6.53 -15.13
CA PHE A 153 30.08 -5.61 -14.05
C PHE A 153 30.92 -5.77 -12.79
N PRO A 154 31.00 -4.71 -11.96
CA PRO A 154 31.61 -4.87 -10.65
C PRO A 154 30.67 -5.68 -9.76
N LYS A 155 31.23 -6.39 -8.80
CA LYS A 155 30.43 -7.37 -8.06
C LYS A 155 29.29 -6.76 -7.24
N ASN A 156 29.35 -5.47 -6.92
CA ASN A 156 28.20 -4.87 -6.21
C ASN A 156 26.92 -4.84 -7.05
N ARG A 157 27.07 -4.88 -8.38
CA ARG A 157 25.91 -4.78 -9.28
C ARG A 157 25.48 -6.12 -9.88
N VAL A 158 26.04 -7.21 -9.39
CA VAL A 158 25.59 -8.53 -9.80
C VAL A 158 25.16 -9.37 -8.60
N ILE A 159 23.85 -9.55 -8.44
CA ILE A 159 23.30 -10.11 -7.20
C ILE A 159 22.54 -11.38 -7.54
N GLY A 160 22.77 -12.47 -6.81
CA GLY A 160 21.95 -13.65 -7.01
C GLY A 160 20.85 -13.73 -5.95
N SER A 161 19.67 -14.21 -6.32
N SER A 161 19.67 -14.21 -6.34
CA SER A 161 18.59 -14.29 -5.33
CA SER A 161 18.57 -14.38 -5.38
C SER A 161 18.98 -15.24 -4.17
C SER A 161 19.02 -15.20 -4.18
N GLY A 162 19.83 -16.22 -4.47
CA GLY A 162 20.52 -17.00 -3.45
C GLY A 162 19.60 -17.61 -2.40
N CYS A 163 19.90 -17.33 -1.14
CA CYS A 163 19.19 -17.92 -0.01
C CYS A 163 18.12 -17.01 0.58
N ASN A 164 17.73 -15.95 -0.14
CA ASN A 164 16.64 -15.08 0.30
C ASN A 164 15.34 -15.89 0.51
N LEU A 165 15.05 -16.76 -0.45
CA LEU A 165 13.85 -17.57 -0.32
C LEU A 165 14.03 -18.71 0.70
N ASP A 166 15.22 -19.32 0.75
CA ASP A 166 15.48 -20.35 1.78
C ASP A 166 15.23 -19.78 3.19
N SER A 167 15.73 -18.57 3.42
CA SER A 167 15.54 -17.91 4.71
C SER A 167 14.08 -17.57 4.99
N ALA A 168 13.37 -17.12 3.96
CA ALA A 168 11.94 -16.88 4.12
C ALA A 168 11.20 -18.18 4.46
N ARG A 169 11.56 -19.29 3.81
CA ARG A 169 10.90 -20.55 4.10
C ARG A 169 11.22 -21.00 5.52
N PHE A 170 12.48 -20.84 5.90
CA PHE A 170 12.90 -21.15 7.27
C PHE A 170 12.07 -20.37 8.28
N ARG A 171 11.85 -19.09 8.03
CA ARG A 171 11.12 -18.27 9.00
C ARG A 171 9.63 -18.60 9.04
N TYR A 172 9.05 -18.93 7.88
CA TYR A 172 7.70 -19.49 7.83
C TYR A 172 7.59 -20.73 8.73
N LEU A 173 8.54 -21.66 8.57
CA LEU A 173 8.47 -22.92 9.32
C LEU A 173 8.71 -22.70 10.81
N MET A 174 9.63 -21.82 11.14
CA MET A 174 9.88 -21.42 12.53
C MET A 174 8.63 -20.77 13.15
N GLY A 175 7.98 -19.86 12.41
CA GLY A 175 6.74 -19.24 12.89
C GLY A 175 5.58 -20.21 13.15
N GLU A 176 5.48 -21.21 12.28
CA GLU A 176 4.48 -22.26 12.39
C GLU A 176 4.73 -23.04 13.69
N ARG A 177 5.98 -23.32 13.98
CA ARG A 177 6.27 -24.07 15.18
C ARG A 177 5.99 -23.28 16.45
N LEU A 178 6.29 -21.99 16.42
CA LEU A 178 6.19 -21.13 17.60
C LEU A 178 4.86 -20.39 17.72
N GLY A 179 4.04 -20.42 16.67
CA GLY A 179 2.81 -19.64 16.61
C GLY A 179 3.07 -18.13 16.63
N VAL A 180 4.08 -17.72 15.87
CA VAL A 180 4.46 -16.32 15.78
C VAL A 180 4.55 -15.97 14.30
N HIS A 181 4.16 -14.75 13.91
CA HIS A 181 4.33 -14.34 12.53
C HIS A 181 5.81 -14.45 12.09
N PRO A 182 6.04 -14.90 10.86
CA PRO A 182 7.43 -14.96 10.39
C PRO A 182 8.19 -13.64 10.45
N LEU A 183 7.49 -12.50 10.38
CA LEU A 183 8.17 -11.20 10.52
C LEU A 183 8.90 -11.09 11.85
N SER A 184 8.40 -11.80 12.88
CA SER A 184 9.00 -11.72 14.23
C SER A 184 9.85 -12.92 14.58
N CYS A 185 10.02 -13.82 13.62
CA CYS A 185 10.86 -15.01 13.79
C CYS A 185 12.12 -14.79 12.97
N HIS A 186 13.29 -14.68 13.61
CA HIS A 186 14.49 -14.37 12.88
C HIS A 186 15.40 -15.58 12.79
N GLY A 187 16.01 -15.73 11.62
CA GLY A 187 16.89 -16.86 11.38
C GLY A 187 17.39 -16.75 9.96
N TRP A 188 18.63 -17.14 9.79
CA TRP A 188 19.36 -16.98 8.53
C TRP A 188 19.80 -18.32 7.97
N VAL A 189 19.47 -18.57 6.71
CA VAL A 189 20.03 -19.68 5.97
C VAL A 189 21.02 -19.08 4.97
N LEU A 190 22.27 -19.52 5.03
CA LEU A 190 23.32 -18.92 4.21
C LEU A 190 24.01 -19.95 3.35
N GLY A 191 24.94 -19.51 2.51
CA GLY A 191 25.75 -20.42 1.73
C GLY A 191 25.13 -20.68 0.39
N GLU A 192 25.13 -21.95 -0.01
CA GLU A 192 24.65 -22.35 -1.33
C GLU A 192 23.14 -22.60 -1.31
N HIS A 193 22.40 -22.00 -2.23
CA HIS A 193 20.95 -22.20 -2.29
C HIS A 193 20.59 -23.69 -2.46
N GLY A 194 19.56 -24.15 -1.76
CA GLY A 194 19.13 -25.54 -1.94
C GLY A 194 19.73 -26.53 -0.93
N ASP A 195 20.10 -27.70 -1.43
CA ASP A 195 20.48 -28.82 -0.56
C ASP A 195 21.63 -28.58 0.40
N SER A 196 22.61 -27.77 -0.01
CA SER A 196 23.80 -27.56 0.83
C SER A 196 23.74 -26.30 1.68
N SER A 197 22.59 -25.63 1.71
CA SER A 197 22.48 -24.39 2.50
C SER A 197 22.77 -24.61 3.99
N VAL A 198 23.17 -23.54 4.66
CA VAL A 198 23.62 -23.63 6.05
C VAL A 198 22.68 -22.83 6.96
N PRO A 199 21.95 -23.52 7.84
CA PRO A 199 21.12 -22.81 8.80
C PRO A 199 22.01 -22.32 9.95
N VAL A 200 22.02 -21.02 10.22
CA VAL A 200 22.90 -20.48 11.24
C VAL A 200 22.19 -20.48 12.59
N TRP A 201 22.31 -21.59 13.31
CA TRP A 201 21.50 -21.79 14.53
C TRP A 201 21.74 -20.69 15.59
N SER A 202 22.96 -20.16 15.61
CA SER A 202 23.34 -19.16 16.62
C SER A 202 22.55 -17.87 16.50
N GLY A 203 21.98 -17.62 15.33
CA GLY A 203 21.29 -16.37 15.07
C GLY A 203 19.78 -16.46 15.19
N MET A 204 19.28 -17.68 15.33
N MET A 204 19.27 -17.69 15.35
CA MET A 204 17.85 -17.90 15.46
CA MET A 204 17.83 -17.93 15.43
C MET A 204 17.32 -17.27 16.73
C MET A 204 17.25 -17.36 16.73
N ASN A 205 16.31 -16.42 16.62
CA ASN A 205 15.80 -15.74 17.81
C ASN A 205 14.40 -15.17 17.64
N VAL A 206 13.74 -14.94 18.77
CA VAL A 206 12.51 -14.13 18.78
C VAL A 206 12.76 -13.00 19.79
N ALA A 207 12.50 -11.76 19.39
CA ALA A 207 12.73 -10.61 20.29
C ALA A 207 14.14 -10.58 20.92
N GLY A 208 15.16 -10.97 20.15
CA GLY A 208 16.53 -10.93 20.62
C GLY A 208 16.90 -12.04 21.60
N VAL A 209 15.99 -12.98 21.81
CA VAL A 209 16.25 -14.10 22.73
C VAL A 209 16.77 -15.26 21.90
N SER A 210 18.05 -15.56 22.05
CA SER A 210 18.68 -16.67 21.33
C SER A 210 18.11 -18.04 21.68
N LEU A 211 17.52 -18.72 20.69
CA LEU A 211 16.96 -20.04 20.91
C LEU A 211 18.04 -21.04 21.24
N LYS A 212 19.22 -20.84 20.67
CA LYS A 212 20.34 -21.75 20.90
C LYS A 212 20.84 -21.61 22.34
N THR A 213 20.73 -20.41 22.88
CA THR A 213 21.11 -20.23 24.28
C THR A 213 20.04 -20.83 25.17
N LEU A 214 18.77 -20.69 24.82
CA LEU A 214 17.70 -21.33 25.59
C LEU A 214 17.73 -22.83 25.49
N HIS A 215 18.14 -23.32 24.32
CA HIS A 215 18.01 -24.74 23.97
C HIS A 215 19.31 -25.20 23.28
N PRO A 216 20.33 -25.58 24.07
CA PRO A 216 21.66 -25.81 23.52
C PRO A 216 21.74 -26.93 22.48
N ASP A 217 20.81 -27.87 22.53
CA ASP A 217 20.70 -28.92 21.53
C ASP A 217 20.16 -28.45 20.19
N LEU A 218 19.75 -27.18 20.10
CA LEU A 218 19.17 -26.66 18.87
C LEU A 218 20.07 -26.90 17.66
N GLY A 219 19.54 -27.60 16.66
CA GLY A 219 20.28 -27.81 15.43
C GLY A 219 21.12 -29.06 15.39
N THR A 220 21.15 -29.81 16.50
CA THR A 220 21.97 -31.00 16.54
C THR A 220 21.11 -32.23 16.33
N ASP A 221 21.76 -33.37 16.08
CA ASP A 221 21.07 -34.63 15.85
C ASP A 221 20.37 -35.15 17.11
N LYS A 222 20.93 -34.86 18.29
CA LYS A 222 20.39 -35.42 19.52
C LYS A 222 19.23 -34.60 20.10
N ASP A 223 18.94 -33.45 19.49
CA ASP A 223 17.83 -32.60 19.89
C ASP A 223 16.51 -33.38 20.00
N LYS A 224 15.95 -33.50 21.20
CA LYS A 224 14.67 -34.20 21.35
C LYS A 224 13.57 -33.50 20.56
N GLU A 225 13.71 -32.21 20.35
CA GLU A 225 12.68 -31.50 19.60
C GLU A 225 12.95 -31.47 18.11
N GLN A 226 14.08 -32.04 17.70
N GLN A 226 14.07 -32.04 17.69
CA GLN A 226 14.47 -32.15 16.30
CA GLN A 226 14.42 -32.15 16.27
C GLN A 226 14.25 -30.86 15.49
C GLN A 226 14.26 -30.86 15.47
N TRP A 227 14.78 -29.75 15.99
CA TRP A 227 14.67 -28.49 15.27
C TRP A 227 15.41 -28.50 13.95
N LYS A 228 16.38 -29.40 13.83
CA LYS A 228 17.11 -29.57 12.58
C LYS A 228 16.15 -29.91 11.42
N GLU A 229 15.01 -30.49 11.77
CA GLU A 229 13.98 -30.84 10.79
C GLU A 229 13.40 -29.62 10.06
N VAL A 230 13.40 -28.47 10.73
CA VAL A 230 12.98 -27.22 10.10
C VAL A 230 13.86 -26.94 8.87
N HIS A 231 15.18 -27.07 9.02
CA HIS A 231 16.06 -26.85 7.86
C HIS A 231 15.93 -27.98 6.84
N LYS A 232 15.72 -29.22 7.30
CA LYS A 232 15.46 -30.32 6.36
C LYS A 232 14.21 -29.98 5.52
N GLN A 233 13.21 -29.40 6.17
N GLN A 233 13.21 -29.37 6.14
CA GLN A 233 11.99 -29.02 5.48
CA GLN A 233 11.98 -29.03 5.42
C GLN A 233 12.25 -27.87 4.49
C GLN A 233 12.15 -27.77 4.55
N VAL A 234 13.13 -26.93 4.85
CA VAL A 234 13.46 -25.83 3.96
C VAL A 234 13.97 -26.40 2.65
N VAL A 235 14.78 -27.43 2.76
CA VAL A 235 15.32 -28.10 1.59
C VAL A 235 14.25 -28.94 0.87
N GLU A 236 13.56 -29.77 1.63
CA GLU A 236 12.60 -30.70 1.05
C GLU A 236 11.30 -30.07 0.55
N SER A 237 10.86 -28.98 1.18
CA SER A 237 9.59 -28.35 0.77
C SER A 237 9.65 -27.82 -0.67
N ALA A 238 10.83 -27.39 -1.12
CA ALA A 238 10.94 -26.95 -2.52
C ALA A 238 10.70 -28.10 -3.49
N TYR A 239 11.36 -29.23 -3.23
CA TYR A 239 11.18 -30.41 -4.06
C TYR A 239 9.75 -30.86 -4.00
N GLU A 240 9.12 -30.70 -2.84
CA GLU A 240 7.74 -31.17 -2.68
C GLU A 240 6.81 -30.30 -3.54
N VAL A 241 7.04 -29.00 -3.55
CA VAL A 241 6.21 -28.13 -4.37
C VAL A 241 6.39 -28.49 -5.86
N ILE A 242 7.64 -28.71 -6.26
CA ILE A 242 7.90 -29.14 -7.64
C ILE A 242 7.18 -30.45 -7.98
N LYS A 243 7.24 -31.42 -7.08
CA LYS A 243 6.56 -32.69 -7.30
C LYS A 243 5.05 -32.49 -7.42
N LEU A 244 4.49 -31.59 -6.60
CA LEU A 244 3.03 -31.46 -6.49
C LEU A 244 2.41 -30.58 -7.59
N LYS A 245 3.01 -29.42 -7.87
CA LYS A 245 2.41 -28.55 -8.90
C LYS A 245 3.31 -28.37 -10.12
N GLY A 246 4.51 -28.94 -10.11
CA GLY A 246 5.36 -28.90 -11.28
C GLY A 246 6.59 -28.01 -11.20
N TYR A 247 6.52 -26.96 -10.38
CA TYR A 247 7.51 -25.90 -10.35
C TYR A 247 7.15 -25.03 -9.16
N THR A 248 8.09 -24.21 -8.68
CA THR A 248 7.72 -23.16 -7.71
C THR A 248 7.67 -21.78 -8.41
N SER A 249 6.77 -20.90 -7.99
CA SER A 249 6.69 -19.58 -8.62
C SER A 249 6.29 -18.48 -7.66
N TRP A 250 5.20 -18.66 -6.92
CA TRP A 250 4.72 -17.52 -6.11
C TRP A 250 5.71 -17.03 -5.06
N ALA A 251 6.29 -17.95 -4.28
CA ALA A 251 7.18 -17.50 -3.20
C ALA A 251 8.44 -16.83 -3.76
N ILE A 252 8.97 -17.37 -4.86
N ILE A 252 8.97 -17.35 -4.88
CA ILE A 252 10.10 -16.75 -5.54
CA ILE A 252 10.17 -16.75 -5.47
C ILE A 252 9.75 -15.33 -5.92
C ILE A 252 9.82 -15.37 -6.06
N GLY A 253 8.58 -15.18 -6.53
CA GLY A 253 8.16 -13.88 -7.02
C GLY A 253 8.08 -12.86 -5.88
N LEU A 254 7.56 -13.29 -4.74
CA LEU A 254 7.40 -12.39 -3.62
C LEU A 254 8.76 -12.04 -3.04
N SER A 255 9.63 -13.04 -2.93
N SER A 255 9.64 -13.02 -2.95
CA SER A 255 10.99 -12.84 -2.43
CA SER A 255 10.96 -12.79 -2.38
C SER A 255 11.75 -11.85 -3.31
C SER A 255 11.80 -11.89 -3.30
N VAL A 256 11.65 -12.06 -4.60
CA VAL A 256 12.38 -11.22 -5.58
C VAL A 256 11.85 -9.78 -5.53
N ALA A 257 10.55 -9.60 -5.39
CA ALA A 257 9.99 -8.26 -5.25
C ALA A 257 10.49 -7.55 -3.97
N ASP A 258 10.75 -8.31 -2.91
CA ASP A 258 11.29 -7.74 -1.68
C ASP A 258 12.71 -7.20 -1.94
N LEU A 259 13.53 -8.00 -2.62
CA LEU A 259 14.86 -7.55 -3.05
C LEU A 259 14.80 -6.31 -3.94
N ALA A 260 13.88 -6.32 -4.91
CA ALA A 260 13.66 -5.18 -5.79
C ALA A 260 13.27 -3.93 -4.98
N GLU A 261 12.47 -4.12 -3.95
CA GLU A 261 12.01 -2.98 -3.16
C GLU A 261 13.22 -2.29 -2.50
N SER A 262 14.10 -3.08 -1.89
CA SER A 262 15.26 -2.49 -1.21
C SER A 262 16.17 -1.79 -2.23
N ILE A 263 16.35 -2.40 -3.39
CA ILE A 263 17.21 -1.79 -4.39
C ILE A 263 16.58 -0.50 -4.96
N MET A 264 15.31 -0.59 -5.39
CA MET A 264 14.70 0.56 -6.06
C MET A 264 14.52 1.73 -5.10
N LYS A 265 14.29 1.44 -3.82
CA LYS A 265 14.01 2.52 -2.85
C LYS A 265 15.19 2.85 -1.97
N ASN A 266 16.36 2.29 -2.31
CA ASN A 266 17.61 2.52 -1.56
C ASN A 266 17.45 2.32 -0.05
N LEU A 267 16.81 1.22 0.34
CA LEU A 267 16.46 1.04 1.74
C LEU A 267 17.64 0.68 2.66
N ARG A 268 18.65 0.01 2.12
CA ARG A 268 19.77 -0.49 2.94
C ARG A 268 19.26 -1.46 4.01
N ARG A 269 18.33 -2.31 3.60
CA ARG A 269 17.94 -3.46 4.41
C ARG A 269 18.92 -4.59 4.14
N VAL A 270 19.01 -5.53 5.07
CA VAL A 270 19.91 -6.67 4.96
C VAL A 270 19.17 -7.91 4.49
N HIS A 271 19.69 -8.55 3.45
CA HIS A 271 19.08 -9.71 2.81
C HIS A 271 20.13 -10.77 2.58
N PRO A 272 19.78 -12.06 2.74
CA PRO A 272 20.76 -13.08 2.41
C PRO A 272 20.73 -13.35 0.90
N VAL A 273 21.65 -12.73 0.16
CA VAL A 273 21.68 -12.90 -1.29
C VAL A 273 23.05 -13.40 -1.69
N SER A 274 23.17 -13.89 -2.92
CA SER A 274 24.43 -14.47 -3.37
CA SER A 274 24.42 -14.46 -3.45
C SER A 274 25.40 -13.37 -3.86
N THR A 275 26.60 -13.38 -3.30
CA THR A 275 27.58 -12.35 -3.66
C THR A 275 28.97 -12.98 -3.72
N MET A 276 29.88 -12.34 -4.45
CA MET A 276 31.23 -12.83 -4.63
C MET A 276 31.95 -12.84 -3.29
N ILE A 277 32.32 -14.03 -2.83
CA ILE A 277 32.69 -14.23 -1.44
C ILE A 277 34.18 -14.53 -1.22
N LYS A 278 34.97 -14.47 -2.30
CA LYS A 278 36.41 -14.69 -2.23
C LYS A 278 37.06 -13.78 -1.19
N GLY A 279 37.79 -14.36 -0.26
CA GLY A 279 38.44 -13.59 0.78
C GLY A 279 37.78 -13.74 2.14
N LEU A 280 36.59 -14.35 2.19
CA LEU A 280 35.91 -14.63 3.46
C LEU A 280 35.88 -16.12 3.79
N TYR A 281 35.92 -16.43 5.08
CA TYR A 281 35.82 -17.80 5.56
C TYR A 281 36.80 -18.77 4.89
N GLY A 282 38.00 -18.27 4.58
CA GLY A 282 39.03 -19.11 3.98
C GLY A 282 38.70 -19.53 2.56
N ILE A 283 37.77 -18.82 1.94
CA ILE A 283 37.40 -19.11 0.56
C ILE A 283 38.31 -18.30 -0.36
N LYS A 284 38.94 -18.99 -1.31
CA LYS A 284 40.01 -18.42 -2.11
C LYS A 284 39.69 -18.43 -3.61
N ASP A 285 38.47 -18.81 -3.97
CA ASP A 285 38.07 -18.83 -5.39
C ASP A 285 36.96 -17.82 -5.67
N ASP A 286 36.78 -17.50 -6.96
CA ASP A 286 35.71 -16.62 -7.41
C ASP A 286 34.36 -17.34 -7.39
N VAL A 287 33.73 -17.43 -6.23
CA VAL A 287 32.41 -18.05 -6.14
C VAL A 287 31.42 -17.13 -5.44
N PHE A 288 30.15 -17.33 -5.76
CA PHE A 288 29.08 -16.56 -5.17
C PHE A 288 28.33 -17.43 -4.17
N LEU A 289 28.22 -16.96 -2.93
CA LEU A 289 27.43 -17.67 -1.93
C LEU A 289 26.65 -16.66 -1.16
N SER A 290 25.60 -17.10 -0.46
CA SER A 290 24.79 -16.14 0.27
C SER A 290 25.37 -15.77 1.63
N VAL A 291 25.47 -14.47 1.86
CA VAL A 291 25.72 -13.93 3.19
C VAL A 291 24.76 -12.73 3.36
N PRO A 292 24.58 -12.21 4.57
CA PRO A 292 23.65 -11.07 4.72
C PRO A 292 24.26 -9.83 4.08
N CYS A 293 23.55 -9.23 3.12
CA CYS A 293 24.07 -8.09 2.38
C CYS A 293 23.21 -6.86 2.55
N ILE A 294 23.82 -5.69 2.67
CA ILE A 294 23.06 -4.42 2.64
C ILE A 294 22.74 -4.07 1.19
N LEU A 295 21.45 -3.96 0.88
CA LEU A 295 21.00 -3.75 -0.48
C LEU A 295 20.42 -2.35 -0.63
N GLY A 296 20.81 -1.65 -1.69
CA GLY A 296 20.24 -0.34 -1.95
C GLY A 296 20.48 0.06 -3.41
N GLN A 297 20.57 1.36 -3.66
CA GLN A 297 20.52 1.84 -5.04
C GLN A 297 21.76 1.46 -5.87
N ASN A 298 22.87 1.12 -5.23
CA ASN A 298 24.08 0.66 -5.94
C ASN A 298 24.29 -0.85 -5.83
N GLY A 299 23.22 -1.58 -5.53
CA GLY A 299 23.30 -3.01 -5.32
C GLY A 299 23.79 -3.37 -3.93
N ILE A 300 24.78 -4.26 -3.85
CA ILE A 300 25.35 -4.66 -2.58
C ILE A 300 26.45 -3.68 -2.18
N SER A 301 26.22 -2.89 -1.14
CA SER A 301 27.22 -1.92 -0.77
C SER A 301 28.07 -2.39 0.41
N ASP A 302 27.54 -3.34 1.18
CA ASP A 302 28.22 -3.79 2.38
C ASP A 302 27.76 -5.21 2.66
N LEU A 303 28.52 -5.97 3.42
N LEU A 303 28.57 -5.95 3.41
CA LEU A 303 27.98 -7.25 3.88
CA LEU A 303 28.25 -7.31 3.87
C LEU A 303 28.31 -7.47 5.34
C LEU A 303 28.25 -7.35 5.39
N VAL A 304 27.45 -8.23 5.98
CA VAL A 304 27.58 -8.50 7.39
C VAL A 304 28.51 -9.69 7.58
N LYS A 305 29.48 -9.53 8.47
CA LYS A 305 30.39 -10.62 8.78
C LYS A 305 29.83 -11.51 9.89
N VAL A 306 29.08 -12.52 9.49
CA VAL A 306 28.49 -13.44 10.46
C VAL A 306 29.58 -14.30 11.08
N THR A 307 29.56 -14.44 12.40
CA THR A 307 30.50 -15.34 13.07
C THR A 307 30.00 -16.76 12.90
N LEU A 308 30.79 -17.60 12.24
CA LEU A 308 30.40 -18.96 11.97
C LEU A 308 31.21 -19.91 12.84
N THR A 309 30.61 -21.03 13.24
CA THR A 309 31.41 -22.07 13.92
C THR A 309 32.34 -22.74 12.93
N SER A 310 33.20 -23.62 13.42
CA SER A 310 34.09 -24.35 12.54
C SER A 310 33.33 -25.23 11.56
N GLU A 311 32.23 -25.85 12.02
CA GLU A 311 31.46 -26.73 11.15
C GLU A 311 30.78 -25.92 10.06
N GLU A 312 30.25 -24.75 10.42
CA GLU A 312 29.60 -23.88 9.45
C GLU A 312 30.57 -23.35 8.38
N GLU A 313 31.77 -22.93 8.81
CA GLU A 313 32.80 -22.50 7.88
C GLU A 313 33.20 -23.62 6.94
N ALA A 314 33.35 -24.84 7.46
CA ALA A 314 33.71 -25.97 6.60
C ALA A 314 32.64 -26.23 5.54
N ARG A 315 31.38 -26.05 5.91
CA ARG A 315 30.31 -26.29 4.95
C ARG A 315 30.32 -25.23 3.83
N LEU A 316 30.62 -23.98 4.18
CA LEU A 316 30.74 -22.96 3.13
C LEU A 316 31.91 -23.26 2.17
N LYS A 317 33.05 -23.66 2.73
CA LYS A 317 34.23 -24.01 1.92
C LYS A 317 33.96 -25.18 1.00
N LYS A 318 33.27 -26.20 1.51
CA LYS A 318 32.97 -27.36 0.68
C LYS A 318 32.05 -26.95 -0.46
N SER A 319 31.13 -26.03 -0.20
CA SER A 319 30.27 -25.56 -1.29
C SER A 319 31.08 -24.77 -2.31
N ALA A 320 31.96 -23.92 -1.81
CA ALA A 320 32.82 -23.11 -2.66
C ALA A 320 33.71 -24.02 -3.55
N ASP A 321 34.22 -25.13 -3.00
CA ASP A 321 35.07 -26.04 -3.78
C ASP A 321 34.24 -26.72 -4.86
N THR A 322 33.02 -27.10 -4.49
CA THR A 322 32.11 -27.76 -5.41
C THR A 322 31.72 -26.85 -6.56
N LEU A 323 31.35 -25.61 -6.24
CA LEU A 323 30.99 -24.63 -7.27
C LEU A 323 32.18 -24.31 -8.15
N TRP A 324 33.33 -24.04 -7.53
CA TRP A 324 34.50 -23.76 -8.33
C TRP A 324 34.86 -24.96 -9.20
N GLY A 325 34.67 -26.15 -8.66
CA GLY A 325 34.90 -27.39 -9.43
C GLY A 325 34.16 -27.44 -10.74
N ILE A 326 32.96 -26.84 -10.75
CA ILE A 326 32.15 -26.79 -11.96
C ILE A 326 32.57 -25.61 -12.87
N GLN A 327 32.69 -24.44 -12.26
CA GLN A 327 33.01 -23.20 -12.98
C GLN A 327 34.31 -23.29 -13.76
N LYS A 328 35.30 -23.97 -13.20
CA LYS A 328 36.60 -24.04 -13.86
C LYS A 328 36.53 -24.85 -15.13
N GLU A 329 35.45 -25.63 -15.29
CA GLU A 329 35.29 -26.44 -16.49
C GLU A 329 34.43 -25.77 -17.56
N LEU A 330 33.84 -24.62 -17.26
CA LEU A 330 32.95 -23.97 -18.22
C LEU A 330 33.71 -23.33 -19.38
N GLN A 331 33.09 -23.33 -20.57
CA GLN A 331 33.67 -22.66 -21.73
C GLN A 331 32.88 -21.39 -22.01
N PHE A 332 33.52 -20.24 -21.81
CA PHE A 332 32.90 -18.95 -22.07
C PHE A 332 33.17 -18.48 -23.50
N ALA B 2 9.78 -28.84 30.28
CA ALA B 2 9.72 -27.58 29.55
C ALA B 2 10.31 -27.73 28.14
N THR B 3 9.49 -27.44 27.14
CA THR B 3 9.96 -27.38 25.76
C THR B 3 10.53 -25.99 25.47
N LEU B 4 11.15 -25.86 24.31
CA LEU B 4 11.76 -24.58 23.94
C LEU B 4 10.65 -23.53 23.82
N LYS B 5 9.57 -23.88 23.14
CA LYS B 5 8.42 -22.99 23.03
C LYS B 5 7.91 -22.52 24.40
N ASP B 6 7.83 -23.45 25.36
CA ASP B 6 7.41 -23.18 26.75
C ASP B 6 8.37 -22.23 27.47
N GLN B 7 9.66 -22.44 27.28
CA GLN B 7 10.65 -21.60 27.91
C GLN B 7 10.63 -20.20 27.33
N LEU B 8 10.28 -20.09 26.04
CA LEU B 8 10.37 -18.82 25.31
C LEU B 8 9.11 -17.99 25.47
N ILE B 9 7.97 -18.66 25.45
CA ILE B 9 6.69 -17.99 25.36
C ILE B 9 5.74 -18.42 26.48
N TYR B 10 5.26 -17.45 27.25
CA TYR B 10 4.22 -17.70 28.25
C TYR B 10 2.84 -17.44 27.63
N ASN B 11 2.01 -18.47 27.61
CA ASN B 11 0.71 -18.34 26.93
C ASN B 11 -0.38 -17.80 27.86
N LEU B 12 -1.11 -16.80 27.39
CA LEU B 12 -2.27 -16.27 28.11
C LEU B 12 -3.59 -16.86 27.62
N LEU B 13 -3.75 -16.93 26.31
CA LEU B 13 -5.01 -17.33 25.71
C LEU B 13 -4.87 -18.64 25.01
N LYS B 14 -5.73 -19.59 25.36
CA LYS B 14 -5.69 -20.92 24.78
C LYS B 14 -6.57 -21.05 23.54
N GLU B 15 -7.75 -20.43 23.56
CA GLU B 15 -8.75 -20.64 22.52
C GLU B 15 -8.53 -19.83 21.24
N GLU B 16 -8.42 -20.53 20.10
CA GLU B 16 -8.38 -19.88 18.79
C GLU B 16 -9.78 -19.42 18.36
N GLN B 17 -9.85 -18.28 17.70
CA GLN B 17 -11.12 -17.71 17.29
C GLN B 17 -11.31 -17.80 15.78
N THR B 18 -12.55 -17.64 15.33
CA THR B 18 -12.85 -17.59 13.91
C THR B 18 -12.17 -16.38 13.28
N PRO B 19 -11.81 -16.48 11.99
CA PRO B 19 -11.23 -15.31 11.32
C PRO B 19 -12.27 -14.21 11.11
N GLN B 20 -11.82 -12.97 11.00
CA GLN B 20 -12.76 -11.86 10.83
C GLN B 20 -13.06 -11.54 9.38
N ASN B 21 -12.13 -11.90 8.51
CA ASN B 21 -12.16 -11.49 7.12
C ASN B 21 -11.66 -12.61 6.23
N LYS B 22 -12.28 -13.78 6.34
CA LYS B 22 -11.80 -14.94 5.56
C LYS B 22 -12.32 -14.90 4.12
N ILE B 23 -11.47 -15.25 3.17
CA ILE B 23 -11.90 -15.36 1.77
C ILE B 23 -11.52 -16.74 1.28
N THR B 24 -12.44 -17.38 0.56
CA THR B 24 -12.15 -18.66 -0.07
C THR B 24 -12.06 -18.45 -1.58
N VAL B 25 -11.07 -19.09 -2.21
CA VAL B 25 -11.03 -19.17 -3.67
C VAL B 25 -11.27 -20.62 -4.07
N VAL B 26 -12.32 -20.87 -4.87
CA VAL B 26 -12.65 -22.23 -5.32
C VAL B 26 -12.10 -22.35 -6.73
N GLY B 27 -11.21 -23.33 -6.94
CA GLY B 27 -10.50 -23.52 -8.19
C GLY B 27 -9.09 -22.92 -8.16
N VAL B 28 -8.09 -23.75 -8.42
CA VAL B 28 -6.70 -23.27 -8.40
C VAL B 28 -6.05 -23.38 -9.78
N GLY B 29 -6.85 -23.23 -10.82
CA GLY B 29 -6.29 -22.99 -12.15
C GLY B 29 -5.65 -21.60 -12.22
N ALA B 30 -5.29 -21.17 -13.41
CA ALA B 30 -4.58 -19.88 -13.51
C ALA B 30 -5.42 -18.71 -13.00
N VAL B 31 -6.73 -18.73 -13.30
CA VAL B 31 -7.61 -17.64 -12.87
C VAL B 31 -7.70 -17.61 -11.33
N GLY B 32 -7.94 -18.77 -10.73
CA GLY B 32 -8.05 -18.82 -9.27
C GLY B 32 -6.77 -18.37 -8.61
N MET B 33 -5.63 -18.81 -9.11
CA MET B 33 -4.36 -18.44 -8.46
C MET B 33 -4.03 -16.95 -8.67
N ALA B 34 -4.44 -16.40 -9.81
CA ALA B 34 -4.27 -14.96 -10.04
C ALA B 34 -5.19 -14.18 -9.09
N CYS B 35 -6.40 -14.66 -8.86
CA CYS B 35 -7.24 -14.03 -7.84
C CYS B 35 -6.59 -14.13 -6.46
N ALA B 36 -6.08 -15.30 -6.11
CA ALA B 36 -5.43 -15.47 -4.79
C ALA B 36 -4.26 -14.52 -4.57
N ILE B 37 -3.31 -14.45 -5.51
CA ILE B 37 -2.15 -13.62 -5.25
C ILE B 37 -2.56 -12.13 -5.20
N SER B 38 -3.55 -11.77 -6.00
CA SER B 38 -3.98 -10.38 -6.03
C SER B 38 -4.65 -10.00 -4.73
N ILE B 39 -5.46 -10.91 -4.21
CA ILE B 39 -6.11 -10.66 -2.93
C ILE B 39 -5.08 -10.63 -1.81
N LEU B 40 -4.12 -11.55 -1.85
CA LEU B 40 -3.04 -11.55 -0.83
C LEU B 40 -2.24 -10.25 -0.83
N MET B 41 -1.95 -9.73 -2.02
CA MET B 41 -1.09 -8.56 -2.07
CA MET B 41 -1.12 -8.53 -2.17
C MET B 41 -1.85 -7.27 -1.80
N LYS B 42 -3.18 -7.37 -1.71
CA LYS B 42 -4.02 -6.20 -1.39
C LYS B 42 -4.48 -6.22 0.07
N ASP B 43 -3.99 -7.20 0.83
CA ASP B 43 -4.28 -7.26 2.27
C ASP B 43 -5.77 -7.26 2.57
N LEU B 44 -6.54 -8.06 1.84
CA LEU B 44 -7.98 -8.04 2.03
C LEU B 44 -8.48 -9.12 3.00
N ALA B 45 -7.63 -10.09 3.34
CA ALA B 45 -8.10 -11.24 4.16
C ALA B 45 -7.17 -11.57 5.31
N ASP B 46 -7.74 -12.08 6.42
CA ASP B 46 -6.87 -12.60 7.50
C ASP B 46 -6.75 -14.13 7.38
N GLU B 47 -7.53 -14.73 6.48
CA GLU B 47 -7.43 -16.17 6.21
C GLU B 47 -7.82 -16.37 4.75
N LEU B 48 -7.03 -17.14 4.03
CA LEU B 48 -7.32 -17.53 2.66
C LEU B 48 -7.44 -19.06 2.60
N ALA B 49 -8.58 -19.58 2.10
CA ALA B 49 -8.73 -21.00 1.85
C ALA B 49 -8.79 -21.28 0.35
N LEU B 50 -8.20 -22.40 -0.06
CA LEU B 50 -8.22 -22.84 -1.46
C LEU B 50 -8.87 -24.19 -1.53
N VAL B 51 -9.74 -24.38 -2.53
CA VAL B 51 -10.43 -25.65 -2.69
C VAL B 51 -10.41 -26.03 -4.13
N ASP B 52 -10.11 -27.30 -4.41
CA ASP B 52 -10.23 -27.80 -5.78
C ASP B 52 -10.28 -29.31 -5.72
N VAL B 53 -10.42 -29.96 -6.88
CA VAL B 53 -10.60 -31.41 -6.85
C VAL B 53 -9.30 -32.12 -7.13
N ILE B 54 -8.31 -31.40 -7.66
CA ILE B 54 -7.01 -32.00 -7.92
C ILE B 54 -6.07 -31.82 -6.72
N GLU B 55 -5.95 -32.85 -5.91
CA GLU B 55 -5.33 -32.69 -4.59
C GLU B 55 -3.82 -32.32 -4.60
N ASP B 56 -3.04 -32.90 -5.51
CA ASP B 56 -1.60 -32.58 -5.56
C ASP B 56 -1.39 -31.11 -5.92
N LYS B 57 -1.99 -30.69 -7.02
CA LYS B 57 -1.87 -29.32 -7.49
C LYS B 57 -2.31 -28.35 -6.40
N LEU B 58 -3.42 -28.68 -5.76
CA LEU B 58 -3.97 -27.87 -4.68
C LEU B 58 -2.98 -27.68 -3.53
N LYS B 59 -2.42 -28.78 -3.05
CA LYS B 59 -1.49 -28.71 -1.94
C LYS B 59 -0.23 -27.93 -2.33
N GLY B 60 0.23 -28.14 -3.57
CA GLY B 60 1.39 -27.45 -4.11
C GLY B 60 1.22 -25.95 -4.18
N GLU B 61 0.08 -25.51 -4.67
CA GLU B 61 -0.20 -24.08 -4.71
C GLU B 61 -0.28 -23.49 -3.31
N MET B 62 -0.93 -24.22 -2.40
CA MET B 62 -1.06 -23.73 -1.04
C MET B 62 0.34 -23.54 -0.43
N MET B 63 1.21 -24.55 -0.58
CA MET B 63 2.55 -24.47 0.01
C MET B 63 3.36 -23.33 -0.60
N ASP B 64 3.24 -23.16 -1.90
CA ASP B 64 3.97 -22.09 -2.58
C ASP B 64 3.56 -20.73 -1.98
N LEU B 65 2.26 -20.49 -1.83
CA LEU B 65 1.83 -19.24 -1.20
C LEU B 65 2.31 -19.13 0.24
N GLN B 66 2.15 -20.21 1.00
CA GLN B 66 2.60 -20.21 2.39
C GLN B 66 4.08 -19.83 2.53
N HIS B 67 4.91 -20.33 1.61
CA HIS B 67 6.33 -20.02 1.67
C HIS B 67 6.65 -18.55 1.47
N GLY B 68 5.69 -17.82 0.91
CA GLY B 68 5.81 -16.37 0.74
C GLY B 68 5.26 -15.55 1.92
N SER B 69 4.89 -16.23 3.02
CA SER B 69 4.19 -15.60 4.16
C SER B 69 4.94 -14.42 4.76
N LEU B 70 6.26 -14.50 4.77
CA LEU B 70 7.12 -13.44 5.29
C LEU B 70 6.80 -12.11 4.61
N PHE B 71 6.36 -12.18 3.37
CA PHE B 71 6.19 -10.99 2.55
C PHE B 71 4.73 -10.54 2.46
N LEU B 72 3.87 -11.19 3.24
CA LEU B 72 2.42 -10.96 3.18
C LEU B 72 1.88 -10.58 4.55
N ARG B 73 0.60 -10.21 4.61
N ARG B 73 0.59 -10.22 4.58
CA ARG B 73 -0.05 -9.90 5.89
CA ARG B 73 -0.11 -9.84 5.83
C ARG B 73 -1.36 -10.69 6.00
C ARG B 73 -1.37 -10.69 5.99
N THR B 74 -1.30 -11.95 5.56
CA THR B 74 -2.42 -12.88 5.73
C THR B 74 -1.88 -14.08 6.47
N PRO B 75 -2.17 -14.18 7.77
CA PRO B 75 -1.41 -15.11 8.60
C PRO B 75 -1.83 -16.57 8.46
N LYS B 76 -2.90 -16.88 7.74
CA LYS B 76 -3.32 -18.28 7.66
C LYS B 76 -3.79 -18.55 6.25
N ILE B 77 -3.15 -19.52 5.61
CA ILE B 77 -3.52 -19.99 4.27
C ILE B 77 -3.75 -21.51 4.39
N VAL B 78 -4.93 -21.99 3.99
CA VAL B 78 -5.27 -23.42 4.10
C VAL B 78 -5.82 -23.93 2.77
N SER B 79 -5.89 -25.24 2.62
CA SER B 79 -6.49 -25.81 1.41
C SER B 79 -7.03 -27.20 1.69
N GLY B 80 -7.93 -27.65 0.84
CA GLY B 80 -8.39 -29.02 0.96
C GLY B 80 -9.45 -29.27 -0.10
N LYS B 81 -9.65 -30.53 -0.43
CA LYS B 81 -10.68 -30.91 -1.37
C LYS B 81 -12.03 -30.88 -0.64
N ASP B 82 -11.98 -31.03 0.67
CA ASP B 82 -13.21 -30.98 1.49
C ASP B 82 -13.62 -29.53 1.76
N TYR B 83 -14.90 -29.19 1.58
CA TYR B 83 -15.32 -27.80 1.76
C TYR B 83 -15.30 -27.34 3.23
N ASN B 84 -15.01 -28.26 4.17
CA ASN B 84 -14.98 -27.82 5.56
C ASN B 84 -13.83 -26.84 5.78
N VAL B 85 -12.86 -26.80 4.86
CA VAL B 85 -11.79 -25.83 4.98
C VAL B 85 -12.28 -24.40 4.68
N THR B 86 -13.47 -24.27 4.11
CA THR B 86 -14.00 -22.96 3.70
C THR B 86 -14.92 -22.32 4.74
N ALA B 87 -15.16 -23.01 5.84
CA ALA B 87 -16.15 -22.55 6.80
C ALA B 87 -15.88 -21.12 7.26
N ASN B 88 -16.95 -20.36 7.49
CA ASN B 88 -16.89 -19.01 8.06
C ASN B 88 -16.32 -17.98 7.12
N SER B 89 -16.39 -18.24 5.81
CA SER B 89 -15.90 -17.26 4.86
C SER B 89 -16.85 -16.06 4.72
N LYS B 90 -16.29 -14.85 4.63
CA LYS B 90 -17.09 -13.66 4.31
C LYS B 90 -17.39 -13.55 2.81
N LEU B 91 -16.43 -14.00 2.00
CA LEU B 91 -16.52 -13.92 0.55
C LEU B 91 -16.00 -15.24 -0.02
N VAL B 92 -16.76 -15.85 -0.92
CA VAL B 92 -16.31 -17.05 -1.61
C VAL B 92 -16.32 -16.78 -3.11
N ILE B 93 -15.14 -16.89 -3.72
CA ILE B 93 -14.89 -16.55 -5.11
C ILE B 93 -14.82 -17.85 -5.90
N ILE B 94 -15.72 -18.01 -6.86
N ILE B 94 -15.68 -18.03 -6.88
CA ILE B 94 -15.83 -19.27 -7.60
CA ILE B 94 -15.74 -19.34 -7.51
C ILE B 94 -15.14 -19.08 -8.93
C ILE B 94 -15.22 -19.22 -8.93
N THR B 95 -14.06 -19.84 -9.17
CA THR B 95 -13.36 -19.72 -10.44
C THR B 95 -13.27 -21.07 -11.14
N ALA B 96 -13.78 -22.11 -10.48
CA ALA B 96 -13.60 -23.47 -10.96
C ALA B 96 -14.43 -23.79 -12.19
N GLY B 97 -14.04 -24.82 -12.89
CA GLY B 97 -14.84 -25.29 -14.01
C GLY B 97 -14.04 -25.26 -15.30
N ALA B 98 -14.70 -25.65 -16.36
CA ALA B 98 -14.06 -25.64 -17.66
C ALA B 98 -13.79 -24.21 -18.12
N ARG B 99 -12.72 -24.02 -18.90
CA ARG B 99 -12.50 -22.68 -19.49
C ARG B 99 -12.43 -22.73 -21.01
N GLN B 100 -12.64 -21.59 -21.67
CA GLN B 100 -12.52 -21.43 -23.13
C GLN B 100 -11.24 -21.98 -23.73
N GLN B 101 -11.36 -22.82 -24.77
CA GLN B 101 -10.23 -23.12 -25.65
C GLN B 101 -10.11 -22.03 -26.73
N GLU B 102 -9.04 -22.06 -27.50
CA GLU B 102 -8.87 -21.08 -28.57
C GLU B 102 -10.09 -21.08 -29.50
N GLY B 103 -10.72 -19.91 -29.69
CA GLY B 103 -11.81 -19.79 -30.64
C GLY B 103 -13.16 -20.19 -30.08
N GLU B 104 -13.19 -20.68 -28.85
CA GLU B 104 -14.42 -21.20 -28.26
C GLU B 104 -15.21 -20.10 -27.53
N SER B 105 -16.51 -20.04 -27.77
CA SER B 105 -17.39 -19.12 -27.01
C SER B 105 -17.50 -19.48 -25.55
N ARG B 106 -17.53 -18.49 -24.64
CA ARG B 106 -17.84 -18.79 -23.24
C ARG B 106 -19.17 -19.50 -23.09
N LEU B 107 -20.10 -19.24 -24.01
CA LEU B 107 -21.42 -19.85 -23.91
C LEU B 107 -21.37 -21.38 -24.13
N ASN B 108 -20.29 -21.86 -24.75
CA ASN B 108 -20.11 -23.30 -25.00
C ASN B 108 -19.79 -24.06 -23.72
N LEU B 109 -19.59 -23.34 -22.62
CA LEU B 109 -19.16 -23.94 -21.35
C LEU B 109 -20.35 -24.24 -20.42
N VAL B 110 -21.56 -23.85 -20.85
CA VAL B 110 -22.72 -23.86 -19.94
C VAL B 110 -23.00 -25.24 -19.33
N GLN B 111 -23.12 -26.27 -20.18
CA GLN B 111 -23.51 -27.58 -19.63
C GLN B 111 -22.49 -28.05 -18.58
N ARG B 112 -21.22 -28.03 -18.95
N ARG B 112 -21.22 -28.01 -18.93
CA ARG B 112 -20.14 -28.47 -18.07
CA ARG B 112 -20.17 -28.50 -18.03
C ARG B 112 -20.15 -27.74 -16.73
C ARG B 112 -20.18 -27.74 -16.71
N ASN B 113 -20.25 -26.42 -16.80
CA ASN B 113 -20.11 -25.64 -15.58
C ASN B 113 -21.36 -25.55 -14.74
N VAL B 114 -22.54 -25.69 -15.35
CA VAL B 114 -23.75 -25.82 -14.56
C VAL B 114 -23.69 -27.13 -13.75
N ASN B 115 -23.21 -28.20 -14.38
CA ASN B 115 -23.11 -29.45 -13.65
C ASN B 115 -22.09 -29.37 -12.51
N ILE B 116 -20.99 -28.64 -12.70
CA ILE B 116 -20.01 -28.50 -11.62
C ILE B 116 -20.63 -27.63 -10.51
N PHE B 117 -21.40 -26.63 -10.91
CA PHE B 117 -22.00 -25.74 -9.91
C PHE B 117 -23.03 -26.46 -9.05
N LYS B 118 -23.72 -27.44 -9.61
CA LYS B 118 -24.63 -28.27 -8.82
C LYS B 118 -23.93 -29.00 -7.68
N PHE B 119 -22.62 -29.24 -7.79
CA PHE B 119 -21.83 -29.84 -6.71
C PHE B 119 -21.25 -28.76 -5.80
N ILE B 120 -20.64 -27.74 -6.42
CA ILE B 120 -19.93 -26.71 -5.66
C ILE B 120 -20.84 -25.84 -4.79
N ILE B 121 -21.93 -25.34 -5.36
CA ILE B 121 -22.67 -24.27 -4.68
C ILE B 121 -23.33 -24.80 -3.36
N PRO B 122 -23.97 -25.99 -3.37
CA PRO B 122 -24.48 -26.45 -2.07
C PRO B 122 -23.41 -26.66 -1.01
N ASN B 123 -22.20 -27.07 -1.40
CA ASN B 123 -21.12 -27.26 -0.44
C ASN B 123 -20.60 -25.93 0.12
N VAL B 124 -20.56 -24.90 -0.73
CA VAL B 124 -20.15 -23.58 -0.26
C VAL B 124 -21.16 -23.05 0.75
N VAL B 125 -22.44 -23.15 0.41
CA VAL B 125 -23.50 -22.57 1.24
C VAL B 125 -23.59 -23.34 2.56
N LYS B 126 -23.33 -24.63 2.50
CA LYS B 126 -23.29 -25.46 3.71
C LYS B 126 -22.30 -24.93 4.74
N TYR B 127 -21.10 -24.50 4.32
CA TYR B 127 -20.09 -24.13 5.31
C TYR B 127 -20.01 -22.63 5.58
N SER B 128 -20.52 -21.81 4.65
CA SER B 128 -20.56 -20.36 4.83
C SER B 128 -21.94 -19.80 4.44
N PRO B 129 -22.98 -20.08 5.25
CA PRO B 129 -24.34 -19.66 4.89
C PRO B 129 -24.52 -18.16 4.80
N ASN B 130 -23.62 -17.39 5.41
CA ASN B 130 -23.72 -15.94 5.34
C ASN B 130 -22.74 -15.22 4.40
N CYS B 131 -22.04 -15.97 3.57
CA CYS B 131 -21.05 -15.32 2.70
C CYS B 131 -21.71 -14.54 1.58
N LYS B 132 -20.91 -13.72 0.94
CA LYS B 132 -21.20 -13.23 -0.40
C LYS B 132 -20.54 -14.21 -1.37
N LEU B 133 -21.24 -14.55 -2.45
CA LEU B 133 -20.70 -15.38 -3.53
C LEU B 133 -20.22 -14.45 -4.64
N LEU B 134 -18.97 -14.60 -5.06
CA LEU B 134 -18.48 -13.84 -6.24
C LEU B 134 -18.14 -14.84 -7.35
N ILE B 135 -18.96 -14.84 -8.39
CA ILE B 135 -18.83 -15.85 -9.46
C ILE B 135 -17.92 -15.33 -10.54
N VAL B 136 -16.94 -16.13 -10.96
CA VAL B 136 -15.95 -15.69 -11.92
C VAL B 136 -15.95 -16.69 -13.10
N SER B 137 -16.25 -17.95 -12.81
CA SER B 137 -16.35 -19.00 -13.85
C SER B 137 -17.28 -18.58 -15.00
N ASN B 138 -17.02 -19.10 -16.21
CA ASN B 138 -17.80 -18.66 -17.36
C ASN B 138 -18.80 -19.71 -17.85
N PRO B 139 -19.88 -19.28 -18.52
CA PRO B 139 -20.24 -17.88 -18.78
C PRO B 139 -20.78 -17.22 -17.51
N VAL B 140 -20.14 -16.13 -17.07
CA VAL B 140 -20.31 -15.67 -15.70
C VAL B 140 -21.76 -15.18 -15.45
N ASP B 141 -22.40 -14.59 -16.46
CA ASP B 141 -23.76 -14.10 -16.22
C ASP B 141 -24.75 -15.24 -15.96
N ILE B 142 -24.68 -16.27 -16.80
CA ILE B 142 -25.52 -17.42 -16.64
C ILE B 142 -25.22 -18.13 -15.32
N LEU B 143 -23.94 -18.28 -15.00
CA LEU B 143 -23.57 -19.02 -13.78
C LEU B 143 -23.89 -18.22 -12.52
N THR B 144 -24.03 -16.91 -12.64
CA THR B 144 -24.43 -16.12 -11.46
C THR B 144 -25.91 -16.40 -11.19
N TYR B 145 -26.73 -16.45 -12.25
CA TYR B 145 -28.12 -16.85 -12.13
C TYR B 145 -28.25 -18.25 -11.49
N VAL B 146 -27.44 -19.18 -11.99
CA VAL B 146 -27.45 -20.55 -11.49
C VAL B 146 -27.05 -20.59 -10.01
N ALA B 147 -25.99 -19.90 -9.65
CA ALA B 147 -25.55 -19.87 -8.24
C ALA B 147 -26.64 -19.27 -7.35
N TRP B 148 -27.33 -18.24 -7.85
CA TRP B 148 -28.44 -17.65 -7.11
C TRP B 148 -29.57 -18.68 -6.93
N LYS B 149 -29.92 -19.38 -8.01
CA LYS B 149 -30.99 -20.38 -7.90
C LYS B 149 -30.64 -21.54 -6.97
N ILE B 150 -29.41 -22.03 -7.06
CA ILE B 150 -29.02 -23.20 -6.25
C ILE B 150 -28.82 -22.81 -4.78
N SER B 151 -28.17 -21.67 -4.53
CA SER B 151 -27.83 -21.26 -3.16
C SER B 151 -29.04 -20.92 -2.31
N GLY B 152 -30.09 -20.42 -2.96
CA GLY B 152 -31.22 -19.87 -2.22
C GLY B 152 -30.88 -18.57 -1.48
N PHE B 153 -29.74 -17.95 -1.81
CA PHE B 153 -29.35 -16.67 -1.20
C PHE B 153 -30.24 -15.51 -1.72
N PRO B 154 -30.37 -14.43 -0.93
CA PRO B 154 -30.95 -13.24 -1.57
C PRO B 154 -29.99 -12.74 -2.67
N LYS B 155 -30.55 -12.12 -3.71
CA LYS B 155 -29.75 -11.79 -4.87
C LYS B 155 -28.65 -10.78 -4.60
N ASN B 156 -28.79 -9.95 -3.56
CA ASN B 156 -27.69 -9.04 -3.22
C ASN B 156 -26.39 -9.75 -2.90
N ARG B 157 -26.45 -11.01 -2.45
CA ARG B 157 -25.25 -11.72 -2.03
C ARG B 157 -24.69 -12.64 -3.09
N VAL B 158 -25.18 -12.53 -4.31
CA VAL B 158 -24.68 -13.36 -5.42
C VAL B 158 -24.27 -12.43 -6.56
N ILE B 159 -22.98 -12.29 -6.75
CA ILE B 159 -22.43 -11.25 -7.60
C ILE B 159 -21.58 -11.90 -8.67
N GLY B 160 -21.79 -11.55 -9.94
CA GLY B 160 -20.94 -12.09 -11.00
C GLY B 160 -19.85 -11.06 -11.34
N SER B 161 -18.62 -11.51 -11.60
CA SER B 161 -17.55 -10.54 -11.93
C SER B 161 -17.92 -9.73 -13.20
N GLY B 162 -18.71 -10.32 -14.09
CA GLY B 162 -19.37 -9.57 -15.14
C GLY B 162 -18.43 -8.76 -16.03
N CYS B 163 -18.87 -7.54 -16.30
CA CYS B 163 -18.15 -6.61 -17.18
C CYS B 163 -17.20 -5.66 -16.46
N ASN B 164 -16.85 -5.94 -15.19
CA ASN B 164 -15.83 -5.13 -14.52
C ASN B 164 -14.54 -5.17 -15.36
N LEU B 165 -14.21 -6.35 -15.86
CA LEU B 165 -13.00 -6.50 -16.69
C LEU B 165 -13.19 -5.88 -18.07
N ASP B 166 -14.34 -6.12 -18.71
CA ASP B 166 -14.52 -5.54 -20.05
C ASP B 166 -14.44 -4.02 -20.00
N SER B 167 -14.97 -3.45 -18.92
CA SER B 167 -14.89 -2.00 -18.76
C SER B 167 -13.46 -1.58 -18.51
N ALA B 168 -12.73 -2.32 -17.68
CA ALA B 168 -11.31 -2.00 -17.51
C ALA B 168 -10.53 -2.04 -18.83
N ARG B 169 -10.83 -3.01 -19.68
CA ARG B 169 -10.15 -3.11 -20.97
C ARG B 169 -10.52 -1.93 -21.88
N PHE B 170 -11.80 -1.59 -21.87
CA PHE B 170 -12.31 -0.44 -22.64
C PHE B 170 -11.59 0.83 -22.22
N ARG B 171 -11.44 1.01 -20.91
CA ARG B 171 -10.79 2.23 -20.43
C ARG B 171 -9.29 2.23 -20.74
N TYR B 172 -8.65 1.08 -20.67
CA TYR B 172 -7.27 0.98 -21.11
C TYR B 172 -7.10 1.42 -22.58
N LEU B 173 -7.98 0.90 -23.45
CA LEU B 173 -7.84 1.19 -24.87
C LEU B 173 -8.17 2.67 -25.14
N MET B 174 -9.15 3.16 -24.41
N MET B 174 -9.14 3.20 -24.41
CA MET B 174 -9.53 4.56 -24.45
CA MET B 174 -9.50 4.61 -24.50
C MET B 174 -8.32 5.43 -24.05
C MET B 174 -8.29 5.46 -24.07
N GLY B 175 -7.60 5.01 -23.02
CA GLY B 175 -6.44 5.73 -22.52
C GLY B 175 -5.31 5.72 -23.53
N GLU B 176 -5.18 4.61 -24.23
CA GLU B 176 -4.14 4.54 -25.24
C GLU B 176 -4.40 5.54 -26.37
N ARG B 177 -5.65 5.64 -26.78
CA ARG B 177 -6.01 6.56 -27.84
C ARG B 177 -5.88 8.02 -27.44
N LEU B 178 -6.19 8.33 -26.18
CA LEU B 178 -6.20 9.72 -25.73
C LEU B 178 -4.92 10.16 -24.99
N GLY B 179 -4.06 9.22 -24.60
CA GLY B 179 -2.84 9.56 -23.87
C GLY B 179 -3.11 9.91 -22.41
N VAL B 180 -4.09 9.24 -21.82
CA VAL B 180 -4.53 9.52 -20.45
C VAL B 180 -4.58 8.20 -19.69
N HIS B 181 -4.18 8.20 -18.42
CA HIS B 181 -4.32 6.99 -17.61
C HIS B 181 -5.76 6.48 -17.62
N PRO B 182 -5.98 5.14 -17.65
CA PRO B 182 -7.34 4.58 -17.62
C PRO B 182 -8.17 5.06 -16.43
N LEU B 183 -7.51 5.37 -15.31
CA LEU B 183 -8.21 5.90 -14.14
C LEU B 183 -8.97 7.17 -14.48
N SER B 184 -8.47 7.94 -15.43
CA SER B 184 -9.12 9.22 -15.78
C SER B 184 -9.95 9.13 -17.07
N CYS B 185 -10.06 7.94 -17.65
CA CYS B 185 -10.90 7.70 -18.83
C CYS B 185 -12.16 6.95 -18.39
N HIS B 186 -13.34 7.49 -18.62
CA HIS B 186 -14.56 6.88 -18.08
C HIS B 186 -15.43 6.40 -19.19
N GLY B 187 -15.83 5.13 -19.12
CA GLY B 187 -16.63 4.52 -20.19
C GLY B 187 -17.07 3.17 -19.68
N TRP B 188 -18.31 2.80 -19.95
CA TRP B 188 -18.90 1.59 -19.39
C TRP B 188 -19.21 0.57 -20.49
N VAL B 189 -18.90 -0.70 -20.23
CA VAL B 189 -19.36 -1.79 -21.10
C VAL B 189 -20.31 -2.62 -20.25
N LEU B 190 -21.54 -2.81 -20.70
CA LEU B 190 -22.58 -3.47 -19.94
C LEU B 190 -23.08 -4.72 -20.64
N GLY B 191 -23.97 -5.48 -20.00
CA GLY B 191 -24.57 -6.63 -20.69
C GLY B 191 -23.77 -7.90 -20.44
N GLU B 192 -23.74 -8.79 -21.45
CA GLU B 192 -23.00 -10.04 -21.32
C GLU B 192 -21.50 -9.81 -21.22
N HIS B 193 -20.82 -10.53 -20.32
CA HIS B 193 -19.37 -10.61 -20.40
C HIS B 193 -19.04 -11.57 -21.55
N GLY B 194 -19.01 -11.04 -22.75
CA GLY B 194 -18.87 -11.91 -23.92
C GLY B 194 -19.22 -11.13 -25.17
N ASP B 195 -19.61 -11.83 -26.21
CA ASP B 195 -19.67 -11.23 -27.54
C ASP B 195 -20.76 -10.20 -27.71
N SER B 196 -21.80 -10.26 -26.88
CA SER B 196 -22.94 -9.35 -27.01
C SER B 196 -22.85 -8.16 -26.04
N SER B 197 -21.68 -7.93 -25.46
CA SER B 197 -21.52 -6.76 -24.57
C SER B 197 -21.86 -5.42 -25.29
N VAL B 198 -22.18 -4.39 -24.50
CA VAL B 198 -22.67 -3.12 -25.03
C VAL B 198 -21.79 -1.97 -24.55
N PRO B 199 -21.13 -1.27 -25.47
CA PRO B 199 -20.38 -0.07 -25.05
C PRO B 199 -21.34 1.12 -24.91
N VAL B 200 -21.29 1.86 -23.79
CA VAL B 200 -22.24 2.93 -23.62
C VAL B 200 -21.57 4.22 -24.07
N TRP B 201 -21.53 4.43 -25.37
CA TRP B 201 -20.87 5.62 -25.93
C TRP B 201 -21.38 6.92 -25.34
N SER B 202 -22.67 6.95 -25.02
CA SER B 202 -23.30 8.19 -24.54
C SER B 202 -22.84 8.61 -23.17
N GLY B 203 -22.16 7.72 -22.45
CA GLY B 203 -21.62 8.01 -21.14
C GLY B 203 -20.11 8.30 -21.09
N MET B 204 -19.40 8.05 -22.20
CA MET B 204 -17.94 8.16 -22.17
C MET B 204 -17.49 9.59 -22.00
N ASN B 205 -16.52 9.80 -21.12
CA ASN B 205 -16.08 11.16 -20.86
C ASN B 205 -14.70 11.16 -20.25
N VAL B 206 -14.04 12.32 -20.31
CA VAL B 206 -12.80 12.58 -19.57
C VAL B 206 -13.11 13.87 -18.82
N ALA B 207 -12.87 13.89 -17.51
CA ALA B 207 -13.10 15.09 -16.71
C ALA B 207 -14.52 15.64 -16.86
N GLY B 208 -15.50 14.74 -17.03
CA GLY B 208 -16.90 15.15 -17.21
C GLY B 208 -17.25 15.73 -18.56
N VAL B 209 -16.32 15.70 -19.51
CA VAL B 209 -16.58 16.24 -20.84
C VAL B 209 -17.06 15.09 -21.70
N SER B 210 -18.30 15.21 -22.20
CA SER B 210 -18.91 14.11 -22.98
C SER B 210 -18.22 13.94 -24.34
N LEU B 211 -17.66 12.76 -24.61
CA LEU B 211 -17.00 12.55 -25.90
C LEU B 211 -18.00 12.49 -27.04
N LYS B 212 -19.21 11.97 -26.78
CA LYS B 212 -20.22 11.92 -27.86
C LYS B 212 -20.74 13.31 -28.19
N THR B 213 -20.73 14.21 -27.21
CA THR B 213 -21.12 15.60 -27.51
C THR B 213 -20.07 16.29 -28.37
N LEU B 214 -18.79 16.06 -28.09
CA LEU B 214 -17.73 16.60 -28.93
C LEU B 214 -17.70 15.95 -30.29
N HIS B 215 -18.07 14.68 -30.35
CA HIS B 215 -17.89 13.87 -31.55
C HIS B 215 -19.17 13.05 -31.82
N PRO B 216 -20.19 13.67 -32.43
CA PRO B 216 -21.53 13.07 -32.52
C PRO B 216 -21.56 11.71 -33.22
N ASP B 217 -20.58 11.41 -34.05
CA ASP B 217 -20.52 10.13 -34.72
C ASP B 217 -19.85 9.01 -33.93
N LEU B 218 -19.42 9.33 -32.72
CA LEU B 218 -18.76 8.38 -31.81
C LEU B 218 -19.49 7.06 -31.73
N GLY B 219 -18.81 5.99 -32.09
CA GLY B 219 -19.36 4.65 -31.96
C GLY B 219 -20.30 4.26 -33.09
N THR B 220 -20.37 5.04 -34.14
CA THR B 220 -21.25 4.69 -35.25
C THR B 220 -20.41 4.14 -36.40
N ASP B 221 -21.08 3.54 -37.39
CA ASP B 221 -20.33 3.04 -38.54
C ASP B 221 -19.72 4.18 -39.34
N LYS B 222 -20.36 5.35 -39.33
CA LYS B 222 -19.90 6.52 -40.10
C LYS B 222 -18.66 7.23 -39.48
N ASP B 223 -18.37 6.94 -38.21
CA ASP B 223 -17.23 7.51 -37.48
C ASP B 223 -15.89 7.42 -38.24
N LYS B 224 -15.32 8.56 -38.64
CA LYS B 224 -14.04 8.55 -39.35
C LYS B 224 -12.88 8.01 -38.49
N GLU B 225 -13.02 8.06 -37.16
CA GLU B 225 -11.99 7.54 -36.27
C GLU B 225 -12.25 6.09 -35.84
N GLN B 226 -13.36 5.54 -36.32
N GLN B 226 -13.33 5.50 -36.32
CA GLN B 226 -13.75 4.15 -36.05
CA GLN B 226 -13.63 4.09 -36.03
C GLN B 226 -13.56 3.72 -34.58
C GLN B 226 -13.54 3.70 -34.55
N TRP B 227 -14.16 4.49 -33.67
CA TRP B 227 -14.09 4.12 -32.27
C TRP B 227 -14.81 2.81 -31.98
N LYS B 228 -15.70 2.35 -32.86
CA LYS B 228 -16.29 1.03 -32.65
C LYS B 228 -15.24 -0.08 -32.56
N GLU B 229 -14.11 0.15 -33.21
CA GLU B 229 -13.01 -0.82 -33.17
C GLU B 229 -12.50 -1.01 -31.75
N VAL B 230 -12.70 -0.02 -30.90
CA VAL B 230 -12.24 -0.16 -29.53
C VAL B 230 -13.08 -1.22 -28.82
N HIS B 231 -14.40 -1.15 -29.05
CA HIS B 231 -15.28 -2.14 -28.44
C HIS B 231 -15.03 -3.50 -29.10
N LYS B 232 -14.80 -3.49 -30.41
CA LYS B 232 -14.48 -4.76 -31.06
C LYS B 232 -13.25 -5.40 -30.42
N GLN B 233 -12.24 -4.60 -30.10
CA GLN B 233 -11.05 -5.14 -29.41
C GLN B 233 -11.35 -5.63 -28.03
N VAL B 234 -12.25 -4.94 -27.33
CA VAL B 234 -12.66 -5.43 -26.03
C VAL B 234 -13.31 -6.81 -26.15
N VAL B 235 -14.20 -6.96 -27.12
CA VAL B 235 -14.88 -8.25 -27.31
C VAL B 235 -13.86 -9.35 -27.64
N GLU B 236 -12.87 -8.99 -28.46
CA GLU B 236 -11.94 -10.01 -28.95
C GLU B 236 -10.77 -10.27 -28.00
N SER B 237 -10.63 -9.47 -26.94
CA SER B 237 -9.42 -9.52 -26.12
CA SER B 237 -9.46 -9.52 -26.06
C SER B 237 -9.13 -10.91 -25.54
N ALA B 238 -10.11 -11.56 -24.90
CA ALA B 238 -9.83 -12.86 -24.30
C ALA B 238 -9.41 -13.85 -25.36
N TYR B 239 -10.07 -13.80 -26.53
CA TYR B 239 -9.72 -14.71 -27.62
C TYR B 239 -8.27 -14.50 -28.05
N GLU B 240 -7.88 -13.23 -28.16
N GLU B 240 -7.85 -13.24 -28.17
CA GLU B 240 -6.54 -12.90 -28.64
CA GLU B 240 -6.49 -12.99 -28.65
C GLU B 240 -5.49 -13.35 -27.65
C GLU B 240 -5.49 -13.46 -27.63
N VAL B 241 -5.75 -13.14 -26.36
CA VAL B 241 -4.80 -13.55 -25.32
C VAL B 241 -4.75 -15.07 -25.21
N ILE B 242 -5.91 -15.72 -25.33
CA ILE B 242 -5.89 -17.19 -25.31
C ILE B 242 -5.11 -17.76 -26.50
N LYS B 243 -5.26 -17.15 -27.66
CA LYS B 243 -4.52 -17.63 -28.81
C LYS B 243 -2.98 -17.48 -28.60
N LEU B 244 -2.60 -16.41 -27.90
CA LEU B 244 -1.19 -16.10 -27.70
C LEU B 244 -0.55 -16.88 -26.55
N LYS B 245 -1.19 -16.93 -25.37
CA LYS B 245 -0.55 -17.56 -24.21
C LYS B 245 -1.34 -18.74 -23.69
N GLY B 246 -2.47 -19.07 -24.32
CA GLY B 246 -3.21 -20.28 -23.92
C GLY B 246 -4.40 -20.08 -23.00
N TYR B 247 -4.46 -18.96 -22.26
CA TYR B 247 -5.49 -18.69 -21.25
C TYR B 247 -5.36 -17.22 -20.88
N THR B 248 -6.30 -16.69 -20.11
CA THR B 248 -6.06 -15.37 -19.55
C THR B 248 -6.04 -15.53 -18.04
N SER B 249 -5.35 -14.64 -17.35
CA SER B 249 -5.29 -14.78 -15.89
C SER B 249 -5.07 -13.47 -15.16
N TRP B 250 -4.10 -12.66 -15.59
CA TRP B 250 -3.71 -11.54 -14.72
C TRP B 250 -4.78 -10.45 -14.62
N ALA B 251 -5.38 -10.10 -15.75
CA ALA B 251 -6.34 -9.00 -15.75
C ALA B 251 -7.60 -9.43 -15.01
N ILE B 252 -8.04 -10.65 -15.22
CA ILE B 252 -9.24 -11.07 -14.48
C ILE B 252 -8.95 -11.17 -12.97
N GLY B 253 -7.74 -11.60 -12.61
CA GLY B 253 -7.34 -11.69 -11.21
C GLY B 253 -7.41 -10.30 -10.56
N LEU B 254 -6.91 -9.29 -11.26
CA LEU B 254 -6.96 -7.92 -10.74
C LEU B 254 -8.38 -7.35 -10.68
N SER B 255 -9.19 -7.70 -11.68
CA SER B 255 -10.59 -7.27 -11.69
C SER B 255 -11.36 -7.85 -10.49
N VAL B 256 -11.15 -9.14 -10.26
CA VAL B 256 -11.84 -9.80 -9.11
C VAL B 256 -11.37 -9.21 -7.79
N ALA B 257 -10.06 -8.92 -7.67
CA ALA B 257 -9.55 -8.31 -6.43
C ALA B 257 -10.12 -6.91 -6.21
N ASP B 258 -10.36 -6.20 -7.33
CA ASP B 258 -11.00 -4.90 -7.28
C ASP B 258 -12.41 -5.01 -6.66
N LEU B 259 -13.19 -5.98 -7.16
CA LEU B 259 -14.54 -6.25 -6.61
C LEU B 259 -14.47 -6.69 -5.16
N ALA B 260 -13.53 -7.59 -4.86
CA ALA B 260 -13.35 -8.05 -3.47
C ALA B 260 -13.00 -6.91 -2.52
N GLU B 261 -12.22 -5.95 -3.01
CA GLU B 261 -11.85 -4.81 -2.17
C GLU B 261 -13.11 -4.00 -1.81
N SER B 262 -13.97 -3.73 -2.80
CA SER B 262 -15.19 -2.97 -2.51
C SER B 262 -16.09 -3.71 -1.53
N ILE B 263 -16.17 -5.03 -1.70
CA ILE B 263 -17.00 -5.82 -0.79
C ILE B 263 -16.40 -5.89 0.63
N MET B 264 -15.15 -6.30 0.73
CA MET B 264 -14.56 -6.53 2.02
C MET B 264 -14.39 -5.23 2.82
N LYS B 265 -14.17 -4.08 2.16
CA LYS B 265 -13.93 -2.82 2.85
C LYS B 265 -15.20 -1.93 2.84
N ASN B 266 -16.30 -2.48 2.34
CA ASN B 266 -17.60 -1.79 2.37
C ASN B 266 -17.54 -0.42 1.69
N LEU B 267 -16.87 -0.35 0.55
CA LEU B 267 -16.61 0.96 -0.05
C LEU B 267 -17.82 1.61 -0.71
N ARG B 268 -18.77 0.82 -1.18
CA ARG B 268 -19.92 1.38 -1.95
C ARG B 268 -19.42 2.13 -3.18
N ARG B 269 -18.41 1.55 -3.83
CA ARG B 269 -18.00 1.97 -5.17
C ARG B 269 -18.97 1.33 -6.19
N VAL B 270 -19.10 1.94 -7.34
CA VAL B 270 -19.97 1.43 -8.42
C VAL B 270 -19.18 0.60 -9.44
N HIS B 271 -19.65 -0.61 -9.72
CA HIS B 271 -18.98 -1.54 -10.64
C HIS B 271 -20.02 -2.19 -11.55
N PRO B 272 -19.65 -2.49 -12.79
CA PRO B 272 -20.59 -3.24 -13.62
C PRO B 272 -20.44 -4.73 -13.36
N VAL B 273 -21.38 -5.33 -12.64
CA VAL B 273 -21.27 -6.76 -12.27
C VAL B 273 -22.56 -7.47 -12.62
N SER B 274 -22.54 -8.80 -12.70
CA SER B 274 -23.73 -9.50 -13.14
C SER B 274 -24.75 -9.55 -12.01
N THR B 275 -25.98 -9.16 -12.32
CA THR B 275 -27.07 -9.19 -11.34
C THR B 275 -28.40 -9.23 -12.08
N MET B 276 -29.51 -9.44 -11.36
CA MET B 276 -30.79 -9.55 -11.99
C MET B 276 -31.23 -8.16 -12.45
N ILE B 277 -31.66 -8.03 -13.71
CA ILE B 277 -32.03 -6.69 -14.20
C ILE B 277 -33.51 -6.53 -14.45
N LYS B 278 -34.30 -7.50 -14.00
CA LYS B 278 -35.75 -7.44 -14.08
C LYS B 278 -36.25 -6.10 -13.54
N GLY B 279 -37.12 -5.45 -14.31
CA GLY B 279 -37.66 -4.16 -13.93
C GLY B 279 -36.95 -2.97 -14.57
N LEU B 280 -35.80 -3.21 -15.19
CA LEU B 280 -35.07 -2.14 -15.90
C LEU B 280 -35.36 -2.27 -17.38
N TYR B 281 -35.53 -1.13 -18.07
CA TYR B 281 -35.68 -1.14 -19.52
C TYR B 281 -36.79 -2.04 -19.97
N GLY B 282 -37.83 -2.16 -19.14
CA GLY B 282 -38.99 -2.97 -19.48
C GLY B 282 -38.76 -4.46 -19.54
N ILE B 283 -37.63 -4.93 -19.01
CA ILE B 283 -37.31 -6.36 -18.99
C ILE B 283 -38.05 -7.07 -17.85
N LYS B 284 -38.76 -8.14 -18.16
CA LYS B 284 -39.59 -8.79 -17.16
C LYS B 284 -39.03 -10.14 -16.78
N ASP B 285 -37.99 -10.59 -17.48
CA ASP B 285 -37.39 -11.89 -17.21
C ASP B 285 -36.35 -11.84 -16.09
N ASP B 286 -36.11 -12.99 -15.44
CA ASP B 286 -35.14 -13.06 -14.35
C ASP B 286 -33.71 -13.12 -14.89
N VAL B 287 -33.42 -12.35 -15.93
CA VAL B 287 -32.10 -12.46 -16.54
C VAL B 287 -31.00 -11.73 -15.74
N PHE B 288 -29.82 -12.35 -15.68
CA PHE B 288 -28.65 -11.75 -15.05
C PHE B 288 -27.70 -11.27 -16.14
N LEU B 289 -27.25 -10.02 -16.02
CA LEU B 289 -26.18 -9.47 -16.87
C LEU B 289 -25.62 -8.22 -16.17
N SER B 290 -24.61 -7.55 -16.76
CA SER B 290 -23.94 -6.48 -16.03
C SER B 290 -24.64 -5.13 -16.20
N VAL B 291 -24.94 -4.47 -15.08
CA VAL B 291 -25.28 -3.04 -15.04
C VAL B 291 -24.48 -2.47 -13.86
N PRO B 292 -24.37 -1.14 -13.77
CA PRO B 292 -23.57 -0.61 -12.64
C PRO B 292 -24.30 -0.82 -11.32
N CYS B 293 -23.58 -1.36 -10.33
CA CYS B 293 -24.15 -1.63 -9.02
C CYS B 293 -23.29 -1.03 -7.94
N ILE B 294 -23.93 -0.62 -6.84
CA ILE B 294 -23.16 -0.20 -5.64
C ILE B 294 -22.77 -1.45 -4.85
N LEU B 295 -21.48 -1.63 -4.59
CA LEU B 295 -20.98 -2.87 -3.95
C LEU B 295 -20.43 -2.58 -2.57
N GLY B 296 -20.75 -3.41 -1.59
CA GLY B 296 -20.26 -3.17 -0.25
C GLY B 296 -20.40 -4.43 0.59
N GLN B 297 -20.45 -4.29 1.91
CA GLN B 297 -20.33 -5.49 2.75
C GLN B 297 -21.55 -6.40 2.68
N ASN B 298 -22.67 -5.90 2.16
CA ASN B 298 -23.83 -6.75 1.90
C ASN B 298 -23.98 -7.14 0.43
N GLY B 299 -22.91 -6.99 -0.33
CA GLY B 299 -22.96 -7.34 -1.75
C GLY B 299 -23.54 -6.17 -2.54
N ILE B 300 -24.50 -6.45 -3.41
CA ILE B 300 -25.11 -5.42 -4.26
C ILE B 300 -26.24 -4.77 -3.51
N SER B 301 -26.10 -3.50 -3.14
CA SER B 301 -27.15 -2.90 -2.33
C SER B 301 -28.08 -2.05 -3.17
N ASP B 302 -27.62 -1.67 -4.35
CA ASP B 302 -28.32 -0.73 -5.21
C ASP B 302 -27.88 -0.91 -6.66
N LEU B 303 -28.76 -0.60 -7.60
CA LEU B 303 -28.47 -0.59 -9.04
C LEU B 303 -28.43 0.88 -9.50
N VAL B 304 -27.46 1.26 -10.34
CA VAL B 304 -27.54 2.58 -10.95
C VAL B 304 -28.35 2.50 -12.23
N LYS B 305 -29.35 3.35 -12.39
CA LYS B 305 -30.21 3.28 -13.57
C LYS B 305 -29.64 4.11 -14.73
N VAL B 306 -28.91 3.47 -15.61
CA VAL B 306 -28.24 4.21 -16.66
C VAL B 306 -29.20 4.59 -17.76
N THR B 307 -29.17 5.86 -18.18
CA THR B 307 -29.98 6.29 -19.31
C THR B 307 -29.25 5.90 -20.60
N LEU B 308 -29.89 5.07 -21.40
CA LEU B 308 -29.27 4.58 -22.63
C LEU B 308 -29.96 5.23 -23.81
N THR B 309 -29.22 5.47 -24.89
CA THR B 309 -29.87 5.84 -26.15
C THR B 309 -30.75 4.69 -26.65
N SER B 310 -31.59 4.96 -27.64
N SER B 310 -31.60 4.97 -27.63
CA SER B 310 -32.43 3.91 -28.20
CA SER B 310 -32.42 3.91 -28.20
C SER B 310 -31.59 2.74 -28.75
C SER B 310 -31.58 2.73 -28.71
N GLU B 311 -30.49 3.03 -29.41
CA GLU B 311 -29.62 1.97 -29.93
C GLU B 311 -28.91 1.20 -28.80
N GLU B 312 -28.40 1.91 -27.80
CA GLU B 312 -27.74 1.25 -26.67
C GLU B 312 -28.71 0.35 -25.95
N GLU B 313 -29.94 0.81 -25.76
CA GLU B 313 -30.91 0.01 -25.04
C GLU B 313 -31.33 -1.21 -25.87
N ALA B 314 -31.48 -1.02 -27.18
CA ALA B 314 -31.79 -2.16 -28.06
C ALA B 314 -30.69 -3.22 -27.98
N ARG B 315 -29.44 -2.77 -27.95
CA ARG B 315 -28.30 -3.68 -27.87
C ARG B 315 -28.29 -4.42 -26.53
N LEU B 316 -28.64 -3.72 -25.45
CA LEU B 316 -28.68 -4.35 -24.14
C LEU B 316 -29.80 -5.37 -24.09
N LYS B 317 -30.92 -5.05 -24.71
CA LYS B 317 -32.02 -6.00 -24.73
C LYS B 317 -31.70 -7.22 -25.59
N LYS B 318 -30.92 -7.02 -26.67
CA LYS B 318 -30.43 -8.15 -27.47
C LYS B 318 -29.55 -9.04 -26.63
N SER B 319 -28.68 -8.43 -25.84
CA SER B 319 -27.80 -9.20 -24.96
C SER B 319 -28.65 -10.01 -23.96
N ALA B 320 -29.66 -9.36 -23.37
CA ALA B 320 -30.53 -10.03 -22.39
C ALA B 320 -31.30 -11.18 -23.04
N ASP B 321 -31.79 -10.96 -24.26
CA ASP B 321 -32.49 -12.04 -24.99
C ASP B 321 -31.60 -13.26 -25.21
N THR B 322 -30.36 -13.03 -25.59
CA THR B 322 -29.38 -14.10 -25.82
C THR B 322 -29.16 -14.89 -24.53
N LEU B 323 -28.92 -14.18 -23.43
CA LEU B 323 -28.63 -14.87 -22.19
C LEU B 323 -29.88 -15.54 -21.64
N TRP B 324 -31.02 -14.86 -21.74
CA TRP B 324 -32.22 -15.45 -21.16
C TRP B 324 -32.64 -16.71 -21.95
N GLY B 325 -32.37 -16.72 -23.25
CA GLY B 325 -32.64 -17.88 -24.09
C GLY B 325 -31.95 -19.13 -23.55
N ILE B 326 -30.81 -18.93 -22.88
CA ILE B 326 -30.12 -20.04 -22.23
C ILE B 326 -30.60 -20.26 -20.80
N GLN B 327 -30.57 -19.20 -19.98
N GLN B 327 -30.61 -19.19 -19.99
CA GLN B 327 -31.00 -19.27 -18.59
CA GLN B 327 -30.95 -19.26 -18.57
C GLN B 327 -32.32 -19.99 -18.46
C GLN B 327 -32.36 -19.84 -18.35
N LYS B 328 -33.29 -19.54 -19.25
CA LYS B 328 -34.66 -20.01 -19.09
C LYS B 328 -34.78 -21.51 -19.27
N GLU B 329 -33.88 -22.12 -20.05
CA GLU B 329 -33.96 -23.56 -20.35
C GLU B 329 -33.23 -24.43 -19.33
N LEU B 330 -32.62 -23.85 -18.31
CA LEU B 330 -31.85 -24.64 -17.36
C LEU B 330 -32.83 -25.28 -16.37
N GLN B 331 -32.48 -26.42 -15.80
CA GLN B 331 -33.43 -27.13 -14.95
C GLN B 331 -32.86 -27.45 -13.58
N PHE B 332 -33.52 -26.93 -12.55
CA PHE B 332 -33.06 -27.14 -11.17
C PHE B 332 -34.10 -27.92 -10.37
N ALA C 2 -39.13 10.44 -6.36
CA ALA C 2 -38.85 11.24 -7.55
C ALA C 2 -37.74 12.24 -7.25
N THR C 3 -37.03 12.00 -6.15
CA THR C 3 -35.82 12.77 -5.85
C THR C 3 -34.75 12.40 -6.86
N LEU C 4 -33.68 13.19 -6.95
CA LEU C 4 -32.65 12.87 -7.93
C LEU C 4 -32.04 11.52 -7.56
N LYS C 5 -31.78 11.33 -6.27
CA LYS C 5 -31.20 10.08 -5.77
C LYS C 5 -32.03 8.88 -6.23
N ASP C 6 -33.35 8.99 -6.16
CA ASP C 6 -34.23 7.88 -6.53
C ASP C 6 -34.33 7.71 -8.06
N GLN C 7 -34.21 8.79 -8.82
CA GLN C 7 -34.16 8.69 -10.27
C GLN C 7 -32.90 7.97 -10.73
N LEU C 8 -31.82 8.18 -10.00
CA LEU C 8 -30.54 7.61 -10.37
C LEU C 8 -30.33 6.19 -9.85
N ILE C 9 -30.87 5.89 -8.68
CA ILE C 9 -30.45 4.69 -7.94
C ILE C 9 -31.64 3.87 -7.50
N TYR C 10 -31.66 2.60 -7.92
CA TYR C 10 -32.70 1.69 -7.47
C TYR C 10 -32.19 0.91 -6.26
N ASN C 11 -32.83 1.11 -5.11
CA ASN C 11 -32.33 0.50 -3.89
C ASN C 11 -32.88 -0.92 -3.72
N LEU C 12 -32.00 -1.85 -3.38
CA LEU C 12 -32.39 -3.25 -3.11
C LEU C 12 -32.47 -3.54 -1.62
N LEU C 13 -31.57 -2.90 -0.88
CA LEU C 13 -31.31 -3.18 0.52
C LEU C 13 -31.42 -1.94 1.39
N LYS C 14 -32.28 -2.00 2.40
CA LYS C 14 -32.21 -1.02 3.48
C LYS C 14 -31.45 -1.65 4.64
N GLU C 15 -30.12 -1.54 4.61
CA GLU C 15 -29.26 -2.29 5.54
C GLU C 15 -28.85 -1.49 6.79
N THR C 18 -23.98 -3.14 10.61
CA THR C 18 -23.02 -2.69 11.60
C THR C 18 -21.59 -2.79 11.07
N PRO C 19 -20.71 -1.87 11.50
CA PRO C 19 -19.34 -1.88 10.98
C PRO C 19 -18.60 -3.13 11.43
N GLN C 20 -17.73 -3.64 10.57
CA GLN C 20 -17.10 -4.91 10.82
C GLN C 20 -15.66 -4.78 11.32
N ASN C 21 -15.05 -3.63 11.06
CA ASN C 21 -13.65 -3.38 11.38
C ASN C 21 -13.46 -1.97 11.89
N LYS C 22 -14.14 -1.65 12.98
CA LYS C 22 -14.22 -0.26 13.44
C LYS C 22 -13.15 0.04 14.51
N ILE C 23 -12.55 1.21 14.41
CA ILE C 23 -11.60 1.71 15.44
C ILE C 23 -12.11 3.05 15.95
N THR C 24 -11.99 3.26 17.27
CA THR C 24 -12.31 4.54 17.87
C THR C 24 -11.02 5.14 18.43
N VAL C 25 -10.82 6.45 18.25
CA VAL C 25 -9.75 7.18 18.93
C VAL C 25 -10.36 8.17 19.91
N VAL C 26 -9.98 8.07 21.17
CA VAL C 26 -10.48 8.99 22.19
C VAL C 26 -9.43 10.06 22.45
N GLY C 27 -9.81 11.31 22.28
CA GLY C 27 -8.87 12.41 22.37
C GLY C 27 -8.40 12.84 20.99
N VAL C 28 -8.61 14.11 20.65
CA VAL C 28 -8.19 14.60 19.34
C VAL C 28 -7.14 15.72 19.45
N GLY C 29 -6.28 15.58 20.46
CA GLY C 29 -5.06 16.38 20.50
C GLY C 29 -4.11 15.89 19.42
N ALA C 30 -2.89 16.38 19.46
CA ALA C 30 -1.94 16.04 18.38
C ALA C 30 -1.71 14.54 18.33
N VAL C 31 -1.58 13.89 19.48
CA VAL C 31 -1.36 12.46 19.47
C VAL C 31 -2.56 11.71 18.88
N GLY C 32 -3.77 12.04 19.35
CA GLY C 32 -4.95 11.35 18.83
C GLY C 32 -5.07 11.49 17.30
N MET C 33 -4.83 12.68 16.78
CA MET C 33 -4.99 12.88 15.34
C MET C 33 -3.88 12.25 14.56
N ALA C 34 -2.69 12.20 15.13
CA ALA C 34 -1.61 11.47 14.45
C ALA C 34 -1.95 9.97 14.38
N CYS C 35 -2.54 9.43 15.44
CA CYS C 35 -3.01 8.05 15.36
C CYS C 35 -4.09 7.90 14.30
N ALA C 36 -5.07 8.80 14.31
CA ALA C 36 -6.13 8.75 13.30
C ALA C 36 -5.60 8.77 11.87
N ILE C 37 -4.75 9.75 11.53
CA ILE C 37 -4.31 9.84 10.14
C ILE C 37 -3.49 8.62 9.74
N SER C 38 -2.67 8.09 10.66
CA SER C 38 -1.84 6.93 10.35
C SER C 38 -2.69 5.70 10.15
N ILE C 39 -3.74 5.54 10.96
CA ILE C 39 -4.67 4.44 10.79
C ILE C 39 -5.44 4.55 9.46
N LEU C 40 -5.86 5.76 9.13
CA LEU C 40 -6.59 5.96 7.86
C LEU C 40 -5.70 5.64 6.67
N MET C 41 -4.44 6.10 6.72
CA MET C 41 -3.60 5.87 5.55
CA MET C 41 -3.48 5.88 5.64
C MET C 41 -3.09 4.42 5.43
N LYS C 42 -3.25 3.63 6.48
CA LYS C 42 -2.93 2.22 6.42
C LYS C 42 -4.13 1.32 6.16
N ASP C 43 -5.30 1.91 5.94
CA ASP C 43 -6.52 1.16 5.56
C ASP C 43 -6.88 0.09 6.58
N LEU C 44 -6.79 0.42 7.87
CA LEU C 44 -7.01 -0.59 8.89
C LEU C 44 -8.48 -0.72 9.28
N ALA C 45 -9.25 0.34 9.06
CA ALA C 45 -10.64 0.40 9.55
C ALA C 45 -11.67 0.65 8.44
N ASP C 46 -12.88 0.09 8.57
CA ASP C 46 -13.98 0.48 7.68
C ASP C 46 -14.87 1.57 8.31
N GLU C 47 -14.61 1.89 9.57
CA GLU C 47 -15.25 3.02 10.22
C GLU C 47 -14.28 3.54 11.28
N LEU C 48 -14.11 4.86 11.35
CA LEU C 48 -13.29 5.50 12.38
C LEU C 48 -14.18 6.44 13.19
N ALA C 49 -14.21 6.30 14.52
CA ALA C 49 -14.93 7.25 15.35
C ALA C 49 -13.96 8.06 16.20
N LEU C 50 -14.25 9.35 16.37
CA LEU C 50 -13.44 10.24 17.21
C LEU C 50 -14.30 10.76 18.36
N VAL C 51 -13.75 10.80 19.57
CA VAL C 51 -14.47 11.31 20.72
C VAL C 51 -13.57 12.26 21.47
N ASP C 52 -14.14 13.38 21.92
CA ASP C 52 -13.40 14.28 22.82
C ASP C 52 -14.46 15.10 23.57
N VAL C 53 -14.04 16.03 24.43
CA VAL C 53 -15.04 16.84 25.13
C VAL C 53 -15.13 18.25 24.62
N ILE C 54 -14.19 18.66 23.78
CA ILE C 54 -14.23 20.00 23.20
C ILE C 54 -14.95 19.89 21.87
N GLU C 55 -16.20 20.37 21.81
CA GLU C 55 -17.05 19.98 20.70
C GLU C 55 -16.65 20.59 19.35
N ASP C 56 -16.27 21.86 19.33
N ASP C 56 -16.23 21.85 19.34
CA ASP C 56 -15.93 22.50 18.08
CA ASP C 56 -15.93 22.47 18.04
C ASP C 56 -14.68 21.87 17.45
C ASP C 56 -14.66 21.88 17.43
N LYS C 57 -13.61 21.74 18.24
CA LYS C 57 -12.38 21.11 17.80
C LYS C 57 -12.60 19.68 17.25
N LEU C 58 -13.44 18.93 17.93
CA LEU C 58 -13.82 17.57 17.53
C LEU C 58 -14.49 17.56 16.16
N LYS C 59 -15.48 18.42 16.00
CA LYS C 59 -16.20 18.51 14.73
C LYS C 59 -15.27 18.98 13.62
N GLY C 60 -14.42 19.96 13.94
CA GLY C 60 -13.46 20.42 12.93
C GLY C 60 -12.48 19.36 12.42
N GLU C 61 -11.98 18.54 13.34
CA GLU C 61 -11.06 17.48 12.97
C GLU C 61 -11.79 16.44 12.16
N MET C 62 -12.99 16.07 12.58
CA MET C 62 -13.76 15.08 11.81
C MET C 62 -14.00 15.58 10.38
N MET C 63 -14.42 16.82 10.23
CA MET C 63 -14.70 17.36 8.88
C MET C 63 -13.43 17.38 8.01
N ASP C 64 -12.29 17.75 8.60
CA ASP C 64 -11.04 17.86 7.85
C ASP C 64 -10.67 16.46 7.30
N LEU C 65 -10.82 15.42 8.14
CA LEU C 65 -10.58 14.06 7.67
C LEU C 65 -11.60 13.65 6.60
N GLN C 66 -12.88 13.97 6.82
CA GLN C 66 -13.93 13.57 5.87
C GLN C 66 -13.64 14.16 4.49
N HIS C 67 -13.17 15.39 4.48
CA HIS C 67 -12.91 16.05 3.19
C HIS C 67 -11.81 15.38 2.40
N GLY C 68 -10.99 14.58 3.06
CA GLY C 68 -9.98 13.80 2.34
C GLY C 68 -10.45 12.40 1.92
N SER C 69 -11.75 12.14 2.04
CA SER C 69 -12.32 10.77 1.84
C SER C 69 -12.02 10.19 0.46
N LEU C 70 -11.99 11.06 -0.54
CA LEU C 70 -11.64 10.62 -1.90
C LEU C 70 -10.28 9.92 -1.95
N PHE C 71 -9.37 10.27 -1.03
CA PHE C 71 -8.03 9.72 -1.07
C PHE C 71 -7.83 8.57 -0.09
N LEU C 72 -8.93 8.17 0.56
CA LEU C 72 -8.90 7.14 1.63
C LEU C 72 -9.76 5.94 1.23
N ARG C 73 -9.68 4.87 2.02
CA ARG C 73 -10.51 3.69 1.80
C ARG C 73 -11.23 3.34 3.10
N THR C 74 -11.63 4.38 3.82
CA THR C 74 -12.35 4.21 5.07
C THR C 74 -13.64 4.99 4.90
N PRO C 75 -14.75 4.29 4.63
CA PRO C 75 -15.93 4.99 4.09
C PRO C 75 -16.80 5.70 5.13
N LYS C 76 -16.54 5.54 6.41
CA LYS C 76 -17.35 6.28 7.37
C LYS C 76 -16.45 6.79 8.48
N ILE C 77 -16.48 8.11 8.66
CA ILE C 77 -15.78 8.79 9.75
C ILE C 77 -16.81 9.58 10.52
N VAL C 78 -16.89 9.34 11.84
CA VAL C 78 -17.91 9.97 12.69
C VAL C 78 -17.27 10.54 13.95
N SER C 79 -18.00 11.39 14.65
CA SER C 79 -17.47 11.95 15.90
C SER C 79 -18.59 12.45 16.78
N GLY C 80 -18.31 12.60 18.07
CA GLY C 80 -19.31 13.16 18.97
C GLY C 80 -18.81 13.15 20.40
N LYS C 81 -19.41 13.97 21.25
CA LYS C 81 -19.08 13.92 22.66
C LYS C 81 -19.78 12.71 23.27
N ASP C 82 -20.84 12.24 22.61
CA ASP C 82 -21.61 11.09 23.11
C ASP C 82 -20.96 9.78 22.67
N TYR C 83 -20.73 8.86 23.61
CA TYR C 83 -20.01 7.64 23.27
C TYR C 83 -20.83 6.63 22.42
N ASN C 84 -22.12 6.90 22.19
CA ASN C 84 -22.84 6.02 21.25
C ASN C 84 -22.20 6.02 19.83
N VAL C 85 -21.38 7.01 19.49
CA VAL C 85 -20.74 6.99 18.16
C VAL C 85 -19.63 5.94 18.10
N THR C 86 -19.24 5.41 19.25
CA THR C 86 -18.15 4.44 19.30
C THR C 86 -18.63 3.01 19.31
N ALA C 87 -19.93 2.83 19.21
CA ALA C 87 -20.51 1.49 19.36
C ALA C 87 -19.89 0.47 18.38
N ASN C 88 -19.65 -0.74 18.88
CA ASN C 88 -19.17 -1.87 18.08
C ASN C 88 -17.74 -1.68 17.58
N SER C 89 -16.90 -0.99 18.35
CA SER C 89 -15.50 -0.87 17.97
C SER C 89 -14.74 -2.18 18.27
N LYS C 90 -13.89 -2.60 17.36
CA LYS C 90 -12.96 -3.70 17.63
C LYS C 90 -11.83 -3.22 18.54
N LEU C 91 -11.43 -1.99 18.32
CA LEU C 91 -10.26 -1.42 18.96
C LEU C 91 -10.55 0.02 19.39
N VAL C 92 -10.27 0.32 20.66
CA VAL C 92 -10.46 1.70 21.14
C VAL C 92 -9.14 2.22 21.67
N ILE C 93 -8.65 3.31 21.06
CA ILE C 93 -7.34 3.86 21.39
C ILE C 93 -7.52 5.10 22.26
N ILE C 94 -7.00 5.05 23.49
CA ILE C 94 -7.18 6.14 24.42
C ILE C 94 -5.95 7.05 24.48
N THR C 95 -6.10 8.31 24.05
CA THR C 95 -4.98 9.25 24.09
C THR C 95 -5.29 10.45 24.98
N ALA C 96 -6.52 10.53 25.51
CA ALA C 96 -6.92 11.66 26.34
C ALA C 96 -6.33 11.57 27.72
N GLY C 97 -6.36 12.71 28.43
CA GLY C 97 -5.97 12.70 29.82
C GLY C 97 -5.22 13.97 30.19
N ALA C 98 -4.80 14.06 31.43
CA ALA C 98 -4.16 15.28 31.91
C ALA C 98 -2.65 15.17 31.81
N ARG C 99 -1.99 16.28 31.50
CA ARG C 99 -0.53 16.42 31.54
C ARG C 99 -0.03 16.90 32.90
N GLN C 100 1.14 16.43 33.32
CA GLN C 100 1.72 16.90 34.60
C GLN C 100 1.97 18.39 34.58
N GLN C 101 1.47 19.09 35.59
CA GLN C 101 1.63 20.55 35.65
C GLN C 101 2.75 20.91 36.61
N GLU C 102 3.15 22.19 36.60
CA GLU C 102 4.17 22.66 37.53
C GLU C 102 3.72 22.42 38.99
N GLY C 103 4.65 21.91 39.79
CA GLY C 103 4.37 21.60 41.17
C GLY C 103 3.55 20.34 41.40
N GLU C 104 3.21 19.60 40.35
CA GLU C 104 2.32 18.45 40.52
C GLU C 104 3.10 17.16 40.76
N SER C 105 2.68 16.40 41.76
CA SER C 105 3.27 15.11 42.04
C SER C 105 2.79 14.08 41.01
N ARG C 106 3.58 13.02 40.81
CA ARG C 106 3.11 11.92 39.96
C ARG C 106 1.80 11.33 40.50
N LEU C 107 1.72 11.14 41.81
CA LEU C 107 0.49 10.59 42.42
C LEU C 107 -0.75 11.42 42.06
N ASN C 108 -0.69 12.72 42.27
CA ASN C 108 -1.86 13.55 41.99
C ASN C 108 -2.15 13.68 40.51
N LEU C 109 -1.12 13.65 39.68
CA LEU C 109 -1.35 13.65 38.24
C LEU C 109 -2.07 12.37 37.83
N VAL C 110 -1.63 11.24 38.39
CA VAL C 110 -2.29 9.98 38.05
C VAL C 110 -3.74 9.98 38.54
N GLN C 111 -3.97 10.50 39.75
CA GLN C 111 -5.31 10.56 40.29
C GLN C 111 -6.22 11.40 39.40
N ARG C 112 -5.72 12.51 38.87
CA ARG C 112 -6.53 13.28 37.94
C ARG C 112 -6.90 12.46 36.70
N ASN C 113 -5.98 11.63 36.24
CA ASN C 113 -6.25 10.78 35.10
C ASN C 113 -7.17 9.62 35.43
N VAL C 114 -7.13 9.14 36.68
CA VAL C 114 -8.10 8.14 37.16
C VAL C 114 -9.50 8.73 37.07
N ASN C 115 -9.63 9.97 37.52
CA ASN C 115 -10.91 10.65 37.55
C ASN C 115 -11.46 10.85 36.14
N ILE C 116 -10.58 11.16 35.18
CA ILE C 116 -10.99 11.20 33.77
C ILE C 116 -11.35 9.81 33.22
N PHE C 117 -10.57 8.78 33.57
CA PHE C 117 -10.81 7.43 33.01
C PHE C 117 -12.10 6.85 33.60
N LYS C 118 -12.51 7.35 34.76
CA LYS C 118 -13.74 6.89 35.39
C LYS C 118 -14.96 7.34 34.61
N PHE C 119 -14.76 8.32 33.73
CA PHE C 119 -15.80 8.77 32.84
C PHE C 119 -15.64 8.08 31.48
N ILE C 120 -14.43 8.13 30.94
CA ILE C 120 -14.19 7.55 29.60
C ILE C 120 -14.44 6.04 29.53
N ILE C 121 -13.80 5.30 30.43
CA ILE C 121 -13.71 3.87 30.24
C ILE C 121 -15.10 3.18 30.37
N PRO C 122 -15.93 3.54 31.38
CA PRO C 122 -17.24 2.87 31.43
C PRO C 122 -18.14 3.15 30.22
N ASN C 123 -18.01 4.35 29.67
CA ASN C 123 -18.72 4.70 28.43
C ASN C 123 -18.23 3.88 27.24
N VAL C 124 -16.91 3.73 27.12
CA VAL C 124 -16.34 2.87 26.06
C VAL C 124 -16.86 1.44 26.19
N VAL C 125 -16.78 0.91 27.40
CA VAL C 125 -17.16 -0.47 27.67
C VAL C 125 -18.65 -0.71 27.43
N LYS C 126 -19.48 0.26 27.80
CA LYS C 126 -20.92 0.22 27.51
C LYS C 126 -21.22 -0.03 26.03
N TYR C 127 -20.53 0.70 25.15
CA TYR C 127 -20.88 0.62 23.74
C TYR C 127 -20.06 -0.40 22.94
N SER C 128 -18.90 -0.79 23.46
CA SER C 128 -18.09 -1.84 22.82
C SER C 128 -17.59 -2.80 23.87
N PRO C 129 -18.51 -3.59 24.46
CA PRO C 129 -18.10 -4.46 25.57
C PRO C 129 -17.02 -5.50 25.23
N ASN C 130 -16.81 -5.81 23.94
CA ASN C 130 -15.80 -6.79 23.54
C ASN C 130 -14.56 -6.19 22.83
N CYS C 131 -14.36 -4.89 22.99
CA CYS C 131 -13.19 -4.27 22.33
C CYS C 131 -11.86 -4.59 23.01
N LYS C 132 -10.77 -4.34 22.29
CA LYS C 132 -9.45 -4.23 22.89
C LYS C 132 -9.24 -2.75 23.22
N LEU C 133 -8.70 -2.44 24.40
CA LEU C 133 -8.34 -1.09 24.79
C LEU C 133 -6.84 -0.91 24.60
N LEU C 134 -6.46 0.13 23.86
CA LEU C 134 -5.04 0.44 23.65
C LEU C 134 -4.82 1.80 24.31
N ILE C 135 -4.06 1.79 25.40
CA ILE C 135 -3.81 3.00 26.18
C ILE C 135 -2.53 3.71 25.72
N VAL C 136 -2.64 4.96 25.29
CA VAL C 136 -1.47 5.69 24.82
C VAL C 136 -1.15 6.84 25.77
N SER C 137 -2.18 7.30 26.47
CA SER C 137 -2.00 8.37 27.47
C SER C 137 -0.88 8.08 28.50
N ASN C 138 -0.12 9.12 28.86
CA ASN C 138 0.95 8.97 29.85
C ASN C 138 0.52 9.39 31.24
N PRO C 139 1.09 8.77 32.30
CA PRO C 139 2.11 7.71 32.27
C PRO C 139 1.50 6.36 31.92
N VAL C 140 1.98 5.80 30.81
CA VAL C 140 1.20 4.75 30.17
C VAL C 140 1.13 3.45 30.98
N ASP C 141 2.21 3.11 31.67
CA ASP C 141 2.17 1.85 32.45
C ASP C 141 1.13 1.89 33.57
N ILE C 142 1.04 3.02 34.26
CA ILE C 142 0.08 3.14 35.35
C ILE C 142 -1.33 3.33 34.80
N LEU C 143 -1.45 4.08 33.73
CA LEU C 143 -2.79 4.32 33.20
C LEU C 143 -3.35 3.07 32.51
N THR C 144 -2.50 2.14 32.09
CA THR C 144 -3.01 0.89 31.56
C THR C 144 -3.61 0.05 32.70
N TYR C 145 -2.93 0.06 33.85
CA TYR C 145 -3.50 -0.55 35.05
C TYR C 145 -4.84 0.10 35.42
N VAL C 146 -4.88 1.43 35.39
CA VAL C 146 -6.10 2.17 35.72
C VAL C 146 -7.24 1.75 34.76
N ALA C 147 -6.95 1.64 33.46
CA ALA C 147 -7.99 1.26 32.50
C ALA C 147 -8.46 -0.17 32.73
N TRP C 148 -7.52 -1.05 33.05
CA TRP C 148 -7.83 -2.45 33.33
C TRP C 148 -8.74 -2.55 34.56
N LYS C 149 -8.37 -1.85 35.63
CA LYS C 149 -9.18 -1.87 36.83
C LYS C 149 -10.60 -1.37 36.58
N ILE C 150 -10.74 -0.26 35.86
CA ILE C 150 -12.04 0.38 35.70
C ILE C 150 -12.91 -0.42 34.70
N SER C 151 -12.27 -0.96 33.67
CA SER C 151 -13.02 -1.65 32.61
C SER C 151 -13.52 -3.01 33.06
N GLY C 152 -12.79 -3.64 33.97
CA GLY C 152 -13.08 -5.03 34.30
C GLY C 152 -12.72 -6.03 33.20
N PHE C 153 -12.02 -5.56 32.18
CA PHE C 153 -11.60 -6.45 31.09
C PHE C 153 -10.55 -7.46 31.54
N PRO C 154 -10.50 -8.64 30.89
CA PRO C 154 -9.36 -9.53 31.07
C PRO C 154 -8.08 -8.87 30.55
N LYS C 155 -6.94 -9.26 31.10
CA LYS C 155 -5.70 -8.57 30.86
C LYS C 155 -5.27 -8.65 29.38
N ASN C 156 -5.74 -9.67 28.65
CA ASN C 156 -5.34 -9.73 27.23
C ASN C 156 -5.95 -8.60 26.42
N ARG C 157 -7.04 -8.00 26.91
CA ARG C 157 -7.68 -6.92 26.14
C ARG C 157 -7.37 -5.52 26.62
N VAL C 158 -6.37 -5.36 27.47
CA VAL C 158 -5.96 -4.03 27.92
C VAL C 158 -4.46 -3.91 27.73
N ILE C 159 -4.06 -3.07 26.77
CA ILE C 159 -2.70 -3.01 26.25
C ILE C 159 -2.23 -1.58 26.35
N GLY C 160 -1.02 -1.36 26.87
CA GLY C 160 -0.47 -0.01 26.87
C GLY C 160 0.56 0.10 25.76
N SER C 161 0.67 1.27 25.13
N SER C 161 0.65 1.27 25.14
CA SER C 161 1.63 1.38 24.04
CA SER C 161 1.64 1.47 24.08
C SER C 161 3.08 1.24 24.56
C SER C 161 3.04 1.15 24.59
N GLY C 162 3.28 1.48 25.85
CA GLY C 162 4.53 1.14 26.54
C GLY C 162 5.84 1.54 25.88
N CYS C 163 6.74 0.58 25.71
CA CYS C 163 8.05 0.84 25.09
C CYS C 163 8.09 0.57 23.58
N ASN C 164 6.92 0.49 22.95
CA ASN C 164 6.88 0.26 21.53
C ASN C 164 7.64 1.35 20.74
N LEU C 165 7.40 2.63 21.06
CA LEU C 165 8.14 3.71 20.37
C LEU C 165 9.58 3.84 20.86
N ASP C 166 9.79 3.67 22.17
N ASP C 166 9.80 3.66 22.17
CA ASP C 166 11.16 3.65 22.73
CA ASP C 166 11.17 3.65 22.72
C ASP C 166 12.03 2.68 21.94
C ASP C 166 12.04 2.68 21.93
N SER C 167 11.48 1.52 21.63
CA SER C 167 12.20 0.50 20.89
C SER C 167 12.41 0.94 19.44
N ALA C 168 11.38 1.53 18.85
CA ALA C 168 11.53 2.06 17.50
C ALA C 168 12.59 3.17 17.44
N ARG C 169 12.66 4.05 18.46
CA ARG C 169 13.68 5.09 18.48
C ARG C 169 15.06 4.46 18.59
N PHE C 170 15.13 3.42 19.43
CA PHE C 170 16.39 2.73 19.65
C PHE C 170 16.92 2.15 18.33
N ARG C 171 16.04 1.55 17.54
CA ARG C 171 16.47 0.93 16.30
C ARG C 171 16.82 1.98 15.24
N TYR C 172 16.13 3.11 15.28
CA TYR C 172 16.49 4.25 14.45
C TYR C 172 17.92 4.70 14.73
N LEU C 173 18.25 4.85 16.02
CA LEU C 173 19.55 5.37 16.40
C LEU C 173 20.64 4.34 16.12
N MET C 174 20.32 3.08 16.35
N MET C 174 20.33 3.06 16.32
CA MET C 174 21.17 1.96 15.96
CA MET C 174 21.24 1.98 15.95
C MET C 174 21.51 2.01 14.46
C MET C 174 21.53 2.03 14.44
N GLY C 175 20.47 2.16 13.63
CA GLY C 175 20.63 2.19 12.19
C GLY C 175 21.47 3.36 11.72
N GLU C 176 21.31 4.49 12.40
CA GLU C 176 22.14 5.65 12.09
C GLU C 176 23.61 5.35 12.36
N ARG C 177 23.91 4.75 13.51
CA ARG C 177 25.30 4.40 13.82
C ARG C 177 25.93 3.39 12.86
N LEU C 178 25.13 2.43 12.40
CA LEU C 178 25.63 1.31 11.60
C LEU C 178 25.47 1.45 10.09
N GLY C 179 24.67 2.41 9.66
CA GLY C 179 24.42 2.60 8.24
C GLY C 179 23.52 1.52 7.66
N VAL C 180 22.54 1.07 8.44
CA VAL C 180 21.62 0.00 8.06
C VAL C 180 20.20 0.49 8.33
N HIS C 181 19.23 0.10 7.50
CA HIS C 181 17.82 0.47 7.80
C HIS C 181 17.40 -0.08 9.17
N PRO C 182 16.57 0.69 9.91
CA PRO C 182 16.11 0.25 11.25
C PRO C 182 15.38 -1.09 11.20
N LEU C 183 14.69 -1.37 10.09
CA LEU C 183 14.06 -2.67 9.92
C LEU C 183 15.04 -3.84 10.11
N SER C 184 16.31 -3.61 9.80
CA SER C 184 17.31 -4.68 9.87
C SER C 184 18.18 -4.55 11.11
N CYS C 185 17.89 -3.55 11.95
CA CYS C 185 18.59 -3.35 13.21
C CYS C 185 17.68 -3.80 14.36
N HIS C 186 18.11 -4.75 15.18
CA HIS C 186 17.20 -5.32 16.17
C HIS C 186 17.66 -5.02 17.57
N GLY C 187 16.73 -4.65 18.44
CA GLY C 187 17.10 -4.32 19.83
C GLY C 187 15.85 -3.93 20.56
N TRP C 188 15.82 -4.22 21.85
CA TRP C 188 14.60 -4.09 22.62
C TRP C 188 14.79 -3.19 23.83
N VAL C 189 13.87 -2.26 24.03
CA VAL C 189 13.82 -1.44 25.24
C VAL C 189 12.56 -1.89 25.98
N LEU C 190 12.72 -2.33 27.23
CA LEU C 190 11.66 -2.96 28.02
C LEU C 190 11.42 -2.25 29.35
N GLY C 191 10.41 -2.68 30.08
CA GLY C 191 10.19 -2.21 31.43
C GLY C 191 9.29 -0.99 31.42
N GLU C 192 9.61 -0.02 32.27
CA GLU C 192 8.81 1.18 32.41
C GLU C 192 9.13 2.21 31.33
N HIS C 193 8.12 2.67 30.61
CA HIS C 193 8.32 3.64 29.55
C HIS C 193 8.94 4.91 30.12
N GLY C 194 10.01 5.40 29.52
CA GLY C 194 10.59 6.64 30.03
C GLY C 194 11.99 6.50 30.59
N ASP C 195 12.30 7.25 31.65
CA ASP C 195 13.67 7.34 32.14
C ASP C 195 14.19 6.02 32.71
N SER C 196 13.28 5.16 33.16
CA SER C 196 13.66 3.92 33.84
C SER C 196 13.68 2.68 32.93
N SER C 197 13.36 2.87 31.67
CA SER C 197 13.31 1.75 30.73
C SER C 197 14.67 1.09 30.61
N VAL C 198 14.67 -0.12 30.08
CA VAL C 198 15.87 -0.95 30.12
C VAL C 198 16.25 -1.41 28.71
N PRO C 199 17.44 -1.00 28.23
CA PRO C 199 17.95 -1.50 26.96
C PRO C 199 18.55 -2.88 27.17
N VAL C 200 18.02 -3.89 26.49
CA VAL C 200 18.52 -5.25 26.66
C VAL C 200 19.64 -5.49 25.68
N TRP C 201 20.85 -5.21 26.14
CA TRP C 201 22.04 -5.24 25.29
C TRP C 201 22.29 -6.61 24.66
N SER C 202 21.95 -7.66 25.39
CA SER C 202 22.18 -9.03 24.90
C SER C 202 21.41 -9.39 23.63
N GLY C 203 20.31 -8.70 23.38
CA GLY C 203 19.51 -9.02 22.20
C GLY C 203 19.78 -8.14 20.98
N MET C 204 20.67 -7.16 21.13
N MET C 204 20.66 -7.16 21.10
CA MET C 204 20.99 -6.27 20.03
CA MET C 204 20.91 -6.26 19.99
C MET C 204 21.74 -7.03 18.96
C MET C 204 21.74 -6.98 18.96
N ASN C 205 21.25 -6.98 17.72
CA ASN C 205 21.91 -7.72 16.66
C ASN C 205 21.55 -7.19 15.29
N VAL C 206 22.40 -7.49 14.30
CA VAL C 206 22.08 -7.33 12.89
C VAL C 206 22.25 -8.71 12.28
N ALA C 207 21.23 -9.19 11.55
CA ALA C 207 21.30 -10.51 10.91
C ALA C 207 21.65 -11.62 11.88
N GLY C 208 21.21 -11.50 13.12
CA GLY C 208 21.47 -12.58 14.07
C GLY C 208 22.87 -12.58 14.71
N VAL C 209 23.70 -11.59 14.35
CA VAL C 209 25.04 -11.44 14.94
C VAL C 209 24.96 -10.58 16.17
N SER C 210 25.25 -11.15 17.34
CA SER C 210 25.14 -10.42 18.60
C SER C 210 26.19 -9.31 18.71
N LEU C 211 25.75 -8.07 18.82
CA LEU C 211 26.69 -6.95 19.03
C LEU C 211 27.45 -7.12 20.35
N LYS C 212 26.76 -7.60 21.37
CA LYS C 212 27.39 -7.76 22.69
C LYS C 212 28.51 -8.82 22.69
N THR C 213 28.30 -9.88 21.92
CA THR C 213 29.33 -10.91 21.75
C THR C 213 30.55 -10.38 21.01
N LEU C 214 30.31 -9.64 19.92
CA LEU C 214 31.38 -9.00 19.15
C LEU C 214 32.16 -7.98 19.98
N HIS C 215 31.42 -7.28 20.85
CA HIS C 215 31.93 -6.13 21.57
C HIS C 215 31.44 -6.19 23.01
N PRO C 216 32.12 -6.98 23.86
CA PRO C 216 31.71 -7.26 25.24
C PRO C 216 31.51 -6.03 26.14
N ASP C 217 32.24 -4.93 25.91
CA ASP C 217 31.99 -3.74 26.73
C ASP C 217 30.69 -3.00 26.36
N LEU C 218 29.95 -3.52 25.39
CA LEU C 218 28.72 -2.87 24.91
C LEU C 218 27.76 -2.45 26.03
N GLY C 219 27.44 -1.16 26.08
CA GLY C 219 26.50 -0.64 27.05
C GLY C 219 27.07 -0.39 28.44
N THR C 220 28.36 -0.68 28.63
CA THR C 220 28.99 -0.47 29.93
C THR C 220 29.70 0.88 30.01
N ASP C 221 30.18 1.22 31.20
CA ASP C 221 30.92 2.46 31.41
C ASP C 221 32.26 2.44 30.66
N LYS C 222 32.82 1.24 30.49
CA LYS C 222 34.13 1.09 29.86
C LYS C 222 34.07 1.17 28.33
N ASP C 223 32.86 1.20 27.79
CA ASP C 223 32.68 1.21 26.34
C ASP C 223 33.24 2.46 25.66
N LYS C 224 34.30 2.30 24.88
CA LYS C 224 34.91 3.45 24.20
C LYS C 224 33.99 4.03 23.12
N GLU C 225 32.97 3.28 22.72
CA GLU C 225 32.00 3.80 21.75
C GLU C 225 30.77 4.37 22.43
N GLN C 226 30.72 4.27 23.75
CA GLN C 226 29.66 4.86 24.56
C GLN C 226 28.26 4.50 24.02
N TRP C 227 28.05 3.24 23.70
CA TRP C 227 26.74 2.81 23.22
C TRP C 227 25.63 3.05 24.24
N LYS C 228 25.98 3.19 25.52
CA LYS C 228 24.98 3.53 26.52
C LYS C 228 24.33 4.87 26.18
N GLU C 229 25.06 5.72 25.46
CA GLU C 229 24.50 7.03 25.07
C GLU C 229 23.33 6.86 24.10
N VAL C 230 23.26 5.72 23.41
CA VAL C 230 22.11 5.46 22.54
C VAL C 230 20.84 5.37 23.39
N HIS C 231 20.87 4.58 24.46
CA HIS C 231 19.69 4.51 25.30
C HIS C 231 19.40 5.85 25.99
N LYS C 232 20.45 6.57 26.38
CA LYS C 232 20.28 7.91 26.90
C LYS C 232 19.52 8.79 25.89
N GLN C 233 19.93 8.71 24.62
CA GLN C 233 19.24 9.47 23.57
C GLN C 233 17.78 9.06 23.42
N VAL C 234 17.51 7.76 23.51
CA VAL C 234 16.13 7.28 23.46
C VAL C 234 15.28 7.97 24.54
N VAL C 235 15.86 8.11 25.73
CA VAL C 235 15.12 8.64 26.88
C VAL C 235 14.88 10.13 26.74
N GLU C 236 15.84 10.78 26.10
CA GLU C 236 15.86 12.22 26.08
C GLU C 236 15.35 12.80 24.78
N SER C 237 15.29 11.97 23.73
CA SER C 237 14.85 12.46 22.43
CA SER C 237 14.85 12.45 22.43
C SER C 237 13.40 12.93 22.51
N ALA C 238 12.61 12.26 23.33
CA ALA C 238 11.25 12.71 23.57
C ALA C 238 11.26 14.12 24.14
N TYR C 239 12.09 14.32 25.16
CA TYR C 239 12.22 15.63 25.78
C TYR C 239 12.74 16.66 24.78
N GLU C 240 13.70 16.24 23.97
CA GLU C 240 14.29 17.17 23.01
C GLU C 240 13.23 17.61 21.98
N VAL C 241 12.42 16.67 21.49
CA VAL C 241 11.37 17.04 20.51
C VAL C 241 10.37 18.01 21.16
N ILE C 242 9.95 17.72 22.39
CA ILE C 242 9.05 18.60 23.12
C ILE C 242 9.64 19.99 23.30
N LYS C 243 10.94 20.07 23.56
CA LYS C 243 11.55 21.38 23.71
C LYS C 243 11.59 22.14 22.37
N LEU C 244 11.66 21.41 21.26
CA LEU C 244 11.84 22.03 19.93
C LEU C 244 10.53 22.41 19.27
N LYS C 245 9.57 21.50 19.22
CA LYS C 245 8.31 21.77 18.53
C LYS C 245 7.13 21.82 19.48
N GLY C 246 7.34 21.48 20.75
CA GLY C 246 6.30 21.68 21.75
C GLY C 246 5.66 20.41 22.29
N TYR C 247 5.76 19.33 21.52
CA TYR C 247 5.09 18.07 21.82
C TYR C 247 5.62 17.05 20.82
N THR C 248 5.35 15.78 21.05
CA THR C 248 5.59 14.79 20.00
C THR C 248 4.27 14.21 19.52
N SER C 249 4.24 13.80 18.25
CA SER C 249 3.00 13.26 17.70
C SER C 249 3.25 12.27 16.58
N TRP C 250 4.05 12.63 15.59
CA TRP C 250 4.15 11.75 14.40
C TRP C 250 4.65 10.35 14.73
N ALA C 251 5.72 10.25 15.51
CA ALA C 251 6.29 8.91 15.72
C ALA C 251 5.34 8.07 16.54
N ILE C 252 4.69 8.71 17.51
CA ILE C 252 3.74 7.91 18.31
C ILE C 252 2.56 7.46 17.45
N GLY C 253 2.08 8.33 16.58
CA GLY C 253 0.98 7.94 15.69
C GLY C 253 1.33 6.75 14.80
N LEU C 254 2.54 6.76 14.23
CA LEU C 254 3.01 5.65 13.39
C LEU C 254 3.16 4.37 14.19
N SER C 255 3.70 4.49 15.41
N SER C 255 3.71 4.50 15.41
CA SER C 255 3.95 3.31 16.22
CA SER C 255 3.94 3.33 16.26
C SER C 255 2.62 2.71 16.69
C SER C 255 2.62 2.71 16.69
N VAL C 256 1.65 3.56 17.03
CA VAL C 256 0.33 3.08 17.44
C VAL C 256 -0.39 2.40 16.24
N ALA C 257 -0.24 2.97 15.05
CA ALA C 257 -0.85 2.34 13.87
C ALA C 257 -0.25 0.95 13.59
N ASP C 258 1.01 0.76 13.95
CA ASP C 258 1.66 -0.53 13.77
C ASP C 258 1.06 -1.58 14.70
N LEU C 259 0.81 -1.16 15.94
CA LEU C 259 0.14 -2.02 16.91
C LEU C 259 -1.26 -2.34 16.43
N ALA C 260 -1.97 -1.31 15.96
CA ALA C 260 -3.33 -1.52 15.46
C ALA C 260 -3.36 -2.49 14.30
N GLU C 261 -2.35 -2.43 13.43
CA GLU C 261 -2.27 -3.36 12.30
C GLU C 261 -2.17 -4.82 12.77
N SER C 262 -1.29 -5.08 13.73
CA SER C 262 -1.19 -6.45 14.24
C SER C 262 -2.50 -6.93 14.86
N ILE C 263 -3.14 -6.07 15.66
CA ILE C 263 -4.41 -6.45 16.28
C ILE C 263 -5.53 -6.64 15.24
N MET C 264 -5.71 -5.66 14.35
CA MET C 264 -6.85 -5.68 13.42
C MET C 264 -6.73 -6.81 12.41
N LYS C 265 -5.48 -7.18 12.11
CA LYS C 265 -5.22 -8.15 11.03
C LYS C 265 -4.81 -9.49 11.60
N ASN C 266 -4.90 -9.62 12.93
CA ASN C 266 -4.53 -10.86 13.62
C ASN C 266 -3.14 -11.39 13.22
N LEU C 267 -2.14 -10.51 13.17
CA LEU C 267 -0.85 -10.95 12.62
C LEU C 267 -0.01 -11.81 13.57
N ARG C 268 -0.19 -11.64 14.88
CA ARG C 268 0.67 -12.34 15.88
C ARG C 268 2.13 -11.97 15.68
N ARG C 269 2.38 -10.69 15.39
CA ARG C 269 3.71 -10.11 15.46
C ARG C 269 4.02 -9.79 16.90
N VAL C 270 5.31 -9.62 17.19
CA VAL C 270 5.76 -9.42 18.57
C VAL C 270 6.13 -7.95 18.74
N HIS C 271 5.51 -7.30 19.72
CA HIS C 271 5.75 -5.88 20.01
C HIS C 271 6.02 -5.66 21.48
N PRO C 272 6.89 -4.70 21.82
CA PRO C 272 7.10 -4.47 23.26
C PRO C 272 6.05 -3.49 23.79
N VAL C 273 5.03 -4.02 24.45
CA VAL C 273 3.92 -3.22 24.94
C VAL C 273 3.71 -3.49 26.42
N SER C 274 2.96 -2.60 27.07
CA SER C 274 2.67 -2.67 28.51
CA SER C 274 2.75 -2.73 28.50
C SER C 274 1.64 -3.72 28.78
N THR C 275 1.96 -4.72 29.60
CA THR C 275 1.02 -5.75 29.95
C THR C 275 1.20 -6.16 31.40
N MET C 276 0.21 -6.85 31.95
CA MET C 276 0.26 -7.22 33.35
C MET C 276 1.39 -8.22 33.59
N ILE C 277 2.36 -7.85 34.43
CA ILE C 277 3.62 -8.60 34.49
C ILE C 277 3.77 -9.41 35.78
N LYS C 278 2.72 -9.42 36.60
CA LYS C 278 2.76 -10.18 37.85
C LYS C 278 3.13 -11.62 37.58
N GLY C 279 4.03 -12.17 38.38
CA GLY C 279 4.46 -13.53 38.20
C GLY C 279 5.80 -13.63 37.48
N LEU C 280 6.23 -12.56 36.81
CA LEU C 280 7.54 -12.56 36.16
C LEU C 280 8.55 -11.70 36.90
N TYR C 281 9.82 -12.05 36.75
CA TYR C 281 10.93 -11.28 37.29
C TYR C 281 10.81 -10.95 38.78
N GLY C 282 10.16 -11.84 39.53
CA GLY C 282 10.05 -11.66 40.96
C GLY C 282 8.99 -10.66 41.35
N ILE C 283 8.25 -10.17 40.35
CA ILE C 283 7.21 -9.20 40.59
C ILE C 283 5.92 -9.87 41.06
N LYS C 284 5.40 -9.39 42.18
CA LYS C 284 4.27 -10.02 42.85
C LYS C 284 3.04 -9.12 42.87
N ASP C 285 3.17 -7.89 42.39
CA ASP C 285 2.06 -6.94 42.41
C ASP C 285 1.37 -6.78 41.05
N ASP C 286 0.15 -6.24 41.04
CA ASP C 286 -0.59 -5.97 39.82
C ASP C 286 -0.03 -4.71 39.14
N VAL C 287 1.06 -4.88 38.38
CA VAL C 287 1.63 -3.76 37.66
C VAL C 287 1.81 -4.14 36.19
N PHE C 288 1.78 -3.14 35.33
CA PHE C 288 1.97 -3.31 33.90
C PHE C 288 3.32 -2.76 33.50
N LEU C 289 4.09 -3.54 32.74
CA LEU C 289 5.39 -3.11 32.24
C LEU C 289 5.55 -3.69 30.85
N SER C 290 6.47 -3.12 30.05
CA SER C 290 6.65 -3.62 28.69
C SER C 290 7.51 -4.86 28.61
N VAL C 291 6.97 -5.91 27.97
CA VAL C 291 7.76 -7.05 27.57
C VAL C 291 7.31 -7.34 26.14
N PRO C 292 8.07 -8.16 25.40
CA PRO C 292 7.58 -8.46 24.04
C PRO C 292 6.34 -9.30 24.09
N CYS C 293 5.27 -8.86 23.42
CA CYS C 293 4.01 -9.60 23.44
C CYS C 293 3.58 -9.97 22.04
N ILE C 294 2.95 -11.13 21.90
CA ILE C 294 2.32 -11.50 20.61
C ILE C 294 0.95 -10.85 20.51
N LEU C 295 0.74 -10.00 19.48
CA LEU C 295 -0.51 -9.25 19.34
C LEU C 295 -1.38 -9.77 18.23
N GLY C 296 -2.67 -9.83 18.48
CA GLY C 296 -3.57 -10.33 17.44
C GLY C 296 -5.00 -10.01 17.76
N GLN C 297 -5.91 -10.78 17.20
CA GLN C 297 -7.36 -10.53 17.24
C GLN C 297 -7.92 -10.41 18.66
N ASN C 298 -7.35 -11.18 19.58
CA ASN C 298 -7.80 -11.13 20.97
C ASN C 298 -6.89 -10.29 21.86
N GLY C 299 -6.09 -9.42 21.28
CA GLY C 299 -5.20 -8.61 22.09
C GLY C 299 -3.89 -9.34 22.32
N ILE C 300 -3.39 -9.29 23.55
CA ILE C 300 -2.17 -9.99 23.90
C ILE C 300 -2.48 -11.43 24.17
N SER C 301 -2.02 -12.34 23.31
CA SER C 301 -2.31 -13.76 23.53
C SER C 301 -1.17 -14.50 24.24
N ASP C 302 0.03 -13.94 24.17
CA ASP C 302 1.26 -14.59 24.63
C ASP C 302 2.31 -13.54 24.98
N LEU C 303 3.19 -13.90 25.92
CA LEU C 303 4.32 -13.06 26.39
C LEU C 303 5.62 -13.75 25.99
N VAL C 304 6.63 -13.02 25.49
CA VAL C 304 7.96 -13.62 25.34
C VAL C 304 8.76 -13.43 26.62
N LYS C 305 9.35 -14.49 27.14
CA LYS C 305 10.11 -14.40 28.39
C LYS C 305 11.59 -14.12 28.10
N VAL C 306 11.92 -12.83 28.01
CA VAL C 306 13.27 -12.43 27.72
C VAL C 306 14.19 -12.76 28.90
N THR C 307 15.33 -13.38 28.63
CA THR C 307 16.33 -13.60 29.67
C THR C 307 17.00 -12.30 30.03
N LEU C 308 16.95 -11.94 31.29
CA LEU C 308 17.56 -10.69 31.74
C LEU C 308 18.72 -10.96 32.68
N THR C 309 19.69 -10.06 32.73
CA THR C 309 20.73 -10.14 33.74
C THR C 309 20.16 -9.76 35.10
N SER C 310 20.93 -10.00 36.15
CA SER C 310 20.51 -9.63 37.49
C SER C 310 20.21 -8.15 37.59
N GLU C 311 21.07 -7.34 36.97
CA GLU C 311 20.94 -5.89 37.03
C GLU C 311 19.69 -5.43 36.28
N GLU C 312 19.42 -6.04 35.14
CA GLU C 312 18.25 -5.68 34.34
C GLU C 312 16.98 -6.07 35.09
N GLU C 313 17.01 -7.25 35.69
CA GLU C 313 15.86 -7.73 36.42
C GLU C 313 15.58 -6.85 37.64
N ALA C 314 16.64 -6.45 38.34
CA ALA C 314 16.50 -5.57 39.49
C ALA C 314 15.88 -4.23 39.10
N ARG C 315 16.24 -3.71 37.93
CA ARG C 315 15.67 -2.45 37.44
C ARG C 315 14.18 -2.56 37.15
N LEU C 316 13.72 -3.67 36.57
CA LEU C 316 12.29 -3.88 36.37
C LEU C 316 11.58 -4.03 37.70
N LYS C 317 12.19 -4.74 38.65
CA LYS C 317 11.61 -4.90 39.96
C LYS C 317 11.46 -3.52 40.64
N LYS C 318 12.48 -2.69 40.52
CA LYS C 318 12.46 -1.37 41.13
C LYS C 318 11.33 -0.51 40.55
N SER C 319 11.14 -0.63 39.24
CA SER C 319 10.06 0.09 38.57
C SER C 319 8.73 -0.41 39.08
N ALA C 320 8.59 -1.74 39.19
CA ALA C 320 7.34 -2.34 39.64
C ALA C 320 7.00 -1.91 41.07
N ASP C 321 8.00 -1.87 41.93
CA ASP C 321 7.78 -1.42 43.30
C ASP C 321 7.26 0.02 43.36
N THR C 322 7.82 0.88 42.52
CA THR C 322 7.42 2.28 42.46
C THR C 322 5.99 2.42 41.92
N LEU C 323 5.71 1.72 40.82
CA LEU C 323 4.38 1.74 40.24
C LEU C 323 3.36 1.26 41.24
N TRP C 324 3.65 0.18 41.94
CA TRP C 324 2.66 -0.32 42.91
C TRP C 324 2.50 0.65 44.06
N GLY C 325 3.60 1.32 44.40
CA GLY C 325 3.61 2.27 45.51
C GLY C 325 2.67 3.41 45.22
N ILE C 326 2.64 3.85 43.97
CA ILE C 326 1.69 4.86 43.52
C ILE C 326 0.27 4.29 43.41
N GLN C 327 0.16 3.14 42.75
CA GLN C 327 -1.15 2.56 42.51
C GLN C 327 -1.93 2.32 43.80
N LYS C 328 -1.26 1.89 44.86
CA LYS C 328 -2.03 1.53 46.04
C LYS C 328 -2.54 2.78 46.77
N GLU C 329 -2.12 3.97 46.34
CA GLU C 329 -2.62 5.20 46.94
C GLU C 329 -3.75 5.83 46.13
N LEU C 330 -4.06 5.25 44.97
CA LEU C 330 -5.10 5.79 44.11
C LEU C 330 -6.50 5.55 44.67
N GLN C 331 -7.39 6.48 44.40
CA GLN C 331 -8.79 6.33 44.81
C GLN C 331 -9.66 6.06 43.59
N PHE C 332 -10.19 4.83 43.51
CA PHE C 332 -11.06 4.48 42.40
C PHE C 332 -12.52 4.68 42.76
N ALA D 2 39.48 -2.56 15.65
CA ALA D 2 38.50 -1.88 14.81
C ALA D 2 37.21 -1.60 15.58
N THR D 3 36.41 -0.66 15.10
CA THR D 3 35.14 -0.33 15.73
C THR D 3 34.17 -1.51 15.62
N LEU D 4 33.08 -1.44 16.39
CA LEU D 4 32.04 -2.46 16.32
C LEU D 4 31.51 -2.54 14.89
N LYS D 5 31.22 -1.38 14.30
CA LYS D 5 30.73 -1.32 12.94
C LYS D 5 31.67 -2.04 11.98
N ASP D 6 32.97 -1.80 12.11
CA ASP D 6 33.92 -2.43 11.20
C ASP D 6 34.08 -3.93 11.44
N GLN D 7 33.88 -4.36 12.68
CA GLN D 7 33.88 -5.80 12.97
C GLN D 7 32.65 -6.48 12.42
N LEU D 8 31.53 -5.77 12.39
CA LEU D 8 30.26 -6.34 11.98
C LEU D 8 30.07 -6.30 10.47
N ILE D 9 30.53 -5.20 9.88
CA ILE D 9 30.19 -4.88 8.49
C ILE D 9 31.44 -4.66 7.62
N TYR D 10 31.50 -5.41 6.53
CA TYR D 10 32.55 -5.23 5.54
C TYR D 10 32.03 -4.34 4.41
N ASN D 11 32.67 -3.19 4.19
CA ASN D 11 32.19 -2.24 3.20
C ASN D 11 32.72 -2.53 1.81
N LEU D 12 31.85 -2.61 0.80
CA LEU D 12 32.30 -2.75 -0.59
C LEU D 12 32.46 -1.43 -1.33
N LEU D 13 31.61 -0.47 -0.99
CA LEU D 13 31.43 0.77 -1.74
C LEU D 13 31.43 2.00 -0.86
N LYS D 14 32.26 2.97 -1.20
CA LYS D 14 32.14 4.27 -0.55
C LYS D 14 31.63 5.23 -1.59
N GLU D 15 30.44 4.96 -2.12
CA GLU D 15 29.88 5.75 -3.22
C GLU D 15 29.17 7.00 -2.73
N THR D 18 23.45 9.80 -4.50
CA THR D 18 22.48 10.84 -4.87
C THR D 18 21.04 10.29 -4.98
N PRO D 19 20.07 10.99 -4.36
CA PRO D 19 18.71 10.47 -4.27
C PRO D 19 18.00 10.44 -5.60
N GLN D 20 17.17 9.42 -5.83
CA GLN D 20 16.54 9.21 -7.12
C GLN D 20 15.14 9.77 -7.18
N ASN D 21 14.54 9.96 -6.02
CA ASN D 21 13.13 10.30 -5.95
C ASN D 21 12.89 11.22 -4.75
N LYS D 22 13.61 12.32 -4.72
CA LYS D 22 13.57 13.24 -3.58
C LYS D 22 12.45 14.27 -3.69
N ILE D 23 11.82 14.56 -2.54
CA ILE D 23 10.81 15.59 -2.43
C ILE D 23 11.21 16.52 -1.31
N THR D 24 11.03 17.82 -1.54
CA THR D 24 11.22 18.86 -0.53
C THR D 24 9.88 19.49 -0.21
N VAL D 25 9.61 19.75 1.08
CA VAL D 25 8.48 20.56 1.48
C VAL D 25 9.03 21.86 2.11
N VAL D 26 8.63 23.00 1.58
CA VAL D 26 9.05 24.28 2.14
C VAL D 26 7.91 24.78 3.02
N GLY D 27 8.19 24.98 4.31
CA GLY D 27 7.20 25.43 5.27
C GLY D 27 6.74 24.26 6.11
N VAL D 28 6.93 24.34 7.41
CA VAL D 28 6.60 23.22 8.28
C VAL D 28 5.51 23.61 9.29
N GLY D 29 4.60 24.46 8.84
CA GLY D 29 3.33 24.70 9.51
C GLY D 29 2.43 23.47 9.34
N ALA D 30 1.17 23.61 9.75
CA ALA D 30 0.28 22.46 9.76
C ALA D 30 0.11 21.88 8.35
N VAL D 31 0.01 22.76 7.33
CA VAL D 31 -0.19 22.27 5.97
C VAL D 31 1.05 21.55 5.48
N GLY D 32 2.21 22.12 5.72
CA GLY D 32 3.45 21.49 5.28
C GLY D 32 3.63 20.12 5.92
N MET D 33 3.36 20.01 7.23
CA MET D 33 3.58 18.72 7.90
C MET D 33 2.54 17.69 7.47
N ALA D 34 1.31 18.12 7.19
CA ALA D 34 0.31 17.19 6.64
C ALA D 34 0.74 16.65 5.28
N CYS D 35 1.29 17.52 4.43
CA CYS D 35 1.82 17.07 3.14
C CYS D 35 2.93 16.05 3.38
N ALA D 36 3.83 16.36 4.30
CA ALA D 36 4.97 15.49 4.58
C ALA D 36 4.54 14.12 5.05
N ILE D 37 3.68 14.06 6.07
CA ILE D 37 3.28 12.72 6.58
C ILE D 37 2.52 11.93 5.50
N SER D 38 1.73 12.62 4.67
CA SER D 38 0.94 11.92 3.65
C SER D 38 1.86 11.34 2.57
N ILE D 39 2.89 12.09 2.23
CA ILE D 39 3.86 11.64 1.22
C ILE D 39 4.68 10.47 1.78
N LEU D 40 5.02 10.55 3.05
CA LEU D 40 5.79 9.47 3.67
C LEU D 40 4.99 8.19 3.72
N MET D 41 3.70 8.32 4.03
CA MET D 41 2.90 7.11 4.18
CA MET D 41 2.80 7.17 4.17
C MET D 41 2.47 6.52 2.83
N LYS D 42 2.73 7.26 1.76
CA LYS D 42 2.46 6.75 0.42
C LYS D 42 3.71 6.27 -0.31
N ASP D 43 4.85 6.27 0.37
CA ASP D 43 6.10 5.72 -0.19
C ASP D 43 6.45 6.35 -1.53
N LEU D 44 6.34 7.67 -1.60
CA LEU D 44 6.59 8.35 -2.86
C LEU D 44 8.04 8.83 -3.02
N ALA D 45 8.78 8.90 -1.90
CA ALA D 45 10.12 9.51 -1.94
C ALA D 45 11.21 8.61 -1.34
N ASP D 46 12.42 8.71 -1.84
CA ASP D 46 13.51 8.01 -1.18
C ASP D 46 14.29 8.97 -0.28
N GLU D 47 13.94 10.24 -0.35
CA GLU D 47 14.50 11.27 0.56
C GLU D 47 13.49 12.39 0.69
N LEU D 48 13.26 12.83 1.92
CA LEU D 48 12.39 13.97 2.19
C LEU D 48 13.19 15.07 2.85
N ALA D 49 13.12 16.28 2.29
CA ALA D 49 13.80 17.43 2.91
C ALA D 49 12.73 18.42 3.41
N LEU D 50 12.93 18.99 4.60
CA LEU D 50 12.07 20.05 5.10
C LEU D 50 12.87 21.35 5.25
N VAL D 51 12.30 22.47 4.84
N VAL D 51 12.31 22.48 4.86
CA VAL D 51 12.91 23.78 5.04
CA VAL D 51 12.98 23.77 5.06
C VAL D 51 11.92 24.74 5.65
C VAL D 51 12.01 24.86 5.50
N ASP D 52 12.42 25.64 6.50
CA ASP D 52 11.62 26.75 7.00
C ASP D 52 12.59 27.70 7.69
N VAL D 53 12.09 28.81 8.20
CA VAL D 53 12.95 29.79 8.86
C VAL D 53 12.96 29.67 10.36
N ILE D 54 12.01 28.94 10.93
CA ILE D 54 12.01 28.69 12.37
C ILE D 54 12.80 27.45 12.73
N GLU D 55 14.05 27.64 13.17
CA GLU D 55 14.97 26.52 13.26
C GLU D 55 14.59 25.45 14.28
N ASP D 56 14.05 25.86 15.43
CA ASP D 56 13.68 24.88 16.48
C ASP D 56 12.52 23.99 16.06
N LYS D 57 11.42 24.60 15.66
CA LYS D 57 10.27 23.89 15.12
C LYS D 57 10.67 22.94 14.00
N LEU D 58 11.51 23.44 13.12
CA LEU D 58 11.96 22.66 11.98
C LEU D 58 12.71 21.39 12.41
N LYS D 59 13.67 21.56 13.29
CA LYS D 59 14.44 20.43 13.76
C LYS D 59 13.57 19.44 14.54
N GLY D 60 12.63 19.96 15.34
CA GLY D 60 11.74 19.09 16.10
C GLY D 60 10.82 18.26 15.21
N GLU D 61 10.30 18.87 14.15
CA GLU D 61 9.46 18.12 13.20
C GLU D 61 10.29 17.05 12.48
N MET D 62 11.49 17.41 12.00
CA MET D 62 12.37 16.42 11.39
C MET D 62 12.61 15.24 12.34
N MET D 63 12.93 15.54 13.60
CA MET D 63 13.26 14.47 14.53
C MET D 63 12.07 13.57 14.80
N ASP D 64 10.89 14.18 14.97
CA ASP D 64 9.69 13.40 15.24
C ASP D 64 9.44 12.41 14.08
N LEU D 65 9.56 12.89 12.83
CA LEU D 65 9.39 12.00 11.65
C LEU D 65 10.49 10.96 11.62
N GLN D 66 11.73 11.36 11.91
CA GLN D 66 12.82 10.40 11.92
C GLN D 66 12.58 9.25 12.89
N HIS D 67 11.96 9.58 14.03
CA HIS D 67 11.75 8.56 15.06
C HIS D 67 10.77 7.50 14.62
N GLY D 68 9.99 7.80 13.58
CA GLY D 68 9.05 6.84 13.03
C GLY D 68 9.60 6.06 11.84
N SER D 69 10.91 6.18 11.59
CA SER D 69 11.55 5.56 10.42
C SER D 69 11.31 4.08 10.26
N LEU D 70 11.30 3.37 11.39
CA LEU D 70 11.05 1.93 11.40
C LEU D 70 9.77 1.57 10.65
N PHE D 71 8.82 2.50 10.67
CA PHE D 71 7.49 2.27 10.13
C PHE D 71 7.31 2.82 8.71
N LEU D 72 8.39 3.33 8.12
CA LEU D 72 8.29 3.99 6.84
C LEU D 72 9.23 3.33 5.82
N ARG D 73 9.24 3.84 4.58
CA ARG D 73 10.11 3.29 3.55
C ARG D 73 10.81 4.45 2.88
N THR D 74 11.10 5.49 3.66
CA THR D 74 11.82 6.66 3.17
C THR D 74 13.07 6.76 4.02
N PRO D 75 14.22 6.32 3.48
CA PRO D 75 15.38 6.10 4.37
C PRO D 75 16.12 7.36 4.78
N LYS D 76 15.84 8.51 4.17
CA LYS D 76 16.55 9.71 4.60
C LYS D 76 15.59 10.89 4.74
N ILE D 77 15.56 11.47 5.94
CA ILE D 77 14.77 12.66 6.20
C ILE D 77 15.71 13.72 6.71
N VAL D 78 15.76 14.85 6.03
CA VAL D 78 16.68 15.91 6.41
C VAL D 78 15.96 17.25 6.56
N SER D 79 16.63 18.20 7.20
CA SER D 79 16.03 19.51 7.30
C SER D 79 17.05 20.57 7.57
N GLY D 80 16.69 21.81 7.26
CA GLY D 80 17.52 22.92 7.66
C GLY D 80 16.99 24.25 7.12
N LYS D 81 17.54 25.34 7.64
CA LYS D 81 17.25 26.65 7.08
C LYS D 81 18.01 26.87 5.76
N ASP D 82 19.15 26.21 5.60
CA ASP D 82 19.98 26.30 4.38
C ASP D 82 19.38 25.41 3.29
N TYR D 83 19.21 25.94 2.08
CA TYR D 83 18.58 25.17 1.03
C TYR D 83 19.47 24.08 0.41
N ASN D 84 20.71 23.96 0.90
CA ASN D 84 21.58 22.91 0.38
C ASN D 84 21.01 21.54 0.73
N VAL D 85 20.16 21.48 1.75
CA VAL D 85 19.51 20.23 2.11
C VAL D 85 18.48 19.78 1.06
N THR D 86 18.09 20.70 0.18
CA THR D 86 17.04 20.39 -0.81
C THR D 86 17.63 19.90 -2.12
N ALA D 87 18.96 19.75 -2.20
CA ALA D 87 19.62 19.51 -3.49
C ALA D 87 19.07 18.27 -4.22
N ASN D 88 18.89 18.40 -5.55
CA ASN D 88 18.45 17.29 -6.41
C ASN D 88 17.04 16.76 -6.09
N SER D 89 16.12 17.63 -5.70
CA SER D 89 14.73 17.22 -5.54
C SER D 89 14.07 17.07 -6.90
N LYS D 90 13.23 16.04 -7.05
CA LYS D 90 12.32 15.94 -8.20
C LYS D 90 11.12 16.88 -8.12
N LEU D 91 10.66 17.08 -6.90
CA LEU D 91 9.44 17.82 -6.64
C LEU D 91 9.66 18.68 -5.40
N VAL D 92 9.33 19.96 -5.51
CA VAL D 92 9.45 20.90 -4.39
C VAL D 92 8.09 21.54 -4.15
N ILE D 93 7.57 21.31 -2.95
CA ILE D 93 6.23 21.71 -2.59
C ILE D 93 6.33 22.93 -1.67
N ILE D 94 5.74 24.04 -2.10
N ILE D 94 5.74 24.04 -2.08
CA ILE D 94 5.82 25.29 -1.36
CA ILE D 94 5.85 25.26 -1.31
C ILE D 94 4.54 25.52 -0.59
C ILE D 94 4.56 25.57 -0.59
N THR D 95 4.63 25.65 0.74
CA THR D 95 3.45 25.91 1.55
C THR D 95 3.65 27.21 2.35
N ALA D 96 4.83 27.81 2.26
CA ALA D 96 5.12 29.04 3.01
C ALA D 96 4.44 30.24 2.38
N GLY D 97 4.12 31.26 3.18
CA GLY D 97 3.58 32.47 2.58
C GLY D 97 3.09 33.41 3.67
N ALA D 98 2.58 34.57 3.27
CA ALA D 98 2.14 35.62 4.20
C ALA D 98 0.71 35.40 4.69
N ARG D 99 0.39 35.92 5.88
CA ARG D 99 -0.99 36.01 6.37
C ARG D 99 -1.46 37.45 6.25
N GLN D 100 -2.63 37.67 5.66
CA GLN D 100 -3.09 39.03 5.42
C GLN D 100 -3.41 39.75 6.73
N GLN D 101 -3.00 41.02 6.83
CA GLN D 101 -3.23 41.81 8.03
C GLN D 101 -4.52 42.58 7.93
N GLU D 102 -5.08 42.94 9.07
CA GLU D 102 -6.26 43.80 9.09
C GLU D 102 -5.89 45.10 8.41
N GLY D 103 -6.68 45.49 7.42
CA GLY D 103 -6.52 46.76 6.73
C GLY D 103 -5.60 46.63 5.52
N GLU D 104 -4.97 45.48 5.38
CA GLU D 104 -3.99 45.31 4.31
C GLU D 104 -4.70 44.91 3.03
N SER D 105 -4.40 45.62 1.94
CA SER D 105 -4.99 45.32 0.63
C SER D 105 -4.54 43.96 0.09
N ARG D 106 -5.36 43.37 -0.78
CA ARG D 106 -5.00 42.09 -1.38
C ARG D 106 -3.72 42.28 -2.19
N LEU D 107 -3.60 43.41 -2.88
CA LEU D 107 -2.41 43.71 -3.64
C LEU D 107 -1.16 43.71 -2.75
N ASN D 108 -1.21 44.42 -1.62
CA ASN D 108 -0.07 44.47 -0.70
C ASN D 108 0.29 43.09 -0.16
N LEU D 109 -0.73 42.30 0.15
CA LEU D 109 -0.54 40.94 0.63
C LEU D 109 0.23 40.12 -0.40
N VAL D 110 -0.22 40.18 -1.65
CA VAL D 110 0.46 39.40 -2.68
C VAL D 110 1.90 39.90 -2.85
N GLN D 111 2.12 41.20 -2.73
CA GLN D 111 3.47 41.76 -2.88
C GLN D 111 4.40 41.23 -1.78
N ARG D 112 3.87 41.04 -0.57
CA ARG D 112 4.69 40.47 0.50
C ARG D 112 5.06 39.02 0.13
N ASN D 113 4.10 38.30 -0.44
CA ASN D 113 4.38 36.95 -0.91
C ASN D 113 5.42 36.94 -2.01
N VAL D 114 5.36 37.91 -2.93
CA VAL D 114 6.38 38.03 -3.94
C VAL D 114 7.75 38.18 -3.29
N ASN D 115 7.87 39.06 -2.28
CA ASN D 115 9.16 39.28 -1.65
C ASN D 115 9.65 38.02 -0.91
N ILE D 116 8.72 37.28 -0.32
CA ILE D 116 9.05 36.02 0.34
C ILE D 116 9.54 35.00 -0.72
N PHE D 117 8.83 34.92 -1.83
CA PHE D 117 9.20 33.97 -2.87
C PHE D 117 10.51 34.37 -3.58
N LYS D 118 10.88 35.65 -3.52
CA LYS D 118 12.14 36.08 -4.14
C LYS D 118 13.33 35.56 -3.33
N PHE D 119 13.08 35.15 -2.09
CA PHE D 119 14.09 34.45 -1.31
C PHE D 119 14.00 32.95 -1.55
N ILE D 120 12.81 32.40 -1.39
CA ILE D 120 12.65 30.96 -1.47
C ILE D 120 12.99 30.37 -2.86
N ILE D 121 12.37 30.90 -3.91
CA ILE D 121 12.41 30.22 -5.21
C ILE D 121 13.83 30.21 -5.82
N PRO D 122 14.56 31.35 -5.78
CA PRO D 122 15.91 31.25 -6.36
C PRO D 122 16.81 30.27 -5.62
N ASN D 123 16.61 30.14 -4.31
CA ASN D 123 17.40 29.14 -3.60
C ASN D 123 16.97 27.72 -3.93
N VAL D 124 15.69 27.48 -4.14
CA VAL D 124 15.21 26.18 -4.62
C VAL D 124 15.82 25.84 -6.00
N VAL D 125 15.80 26.82 -6.91
CA VAL D 125 16.25 26.61 -8.29
C VAL D 125 17.77 26.37 -8.35
N LYS D 126 18.50 27.01 -7.45
N LYS D 126 18.48 27.02 -7.44
CA LYS D 126 19.93 26.82 -7.36
CA LYS D 126 19.93 26.84 -7.34
C LYS D 126 20.29 25.34 -7.15
C LYS D 126 20.33 25.38 -7.09
N TYR D 127 19.56 24.70 -6.23
CA TYR D 127 19.90 23.35 -5.80
C TYR D 127 19.14 22.25 -6.54
N SER D 128 18.01 22.60 -7.15
CA SER D 128 17.22 21.62 -7.94
C SER D 128 16.73 22.27 -9.23
N PRO D 129 17.63 22.57 -10.16
CA PRO D 129 17.18 23.33 -11.33
C PRO D 129 16.15 22.62 -12.20
N ASN D 130 16.06 21.28 -12.09
CA ASN D 130 15.12 20.53 -12.92
C ASN D 130 13.90 20.00 -12.16
N CYS D 131 13.64 20.51 -10.96
CA CYS D 131 12.48 20.04 -10.17
C CYS D 131 11.18 20.53 -10.78
N LYS D 132 10.06 19.86 -10.42
CA LYS D 132 8.74 20.47 -10.62
C LYS D 132 8.42 21.26 -9.33
N LEU D 133 7.80 22.43 -9.47
CA LEU D 133 7.34 23.23 -8.33
C LEU D 133 5.88 23.03 -8.16
N LEU D 134 5.45 22.70 -6.95
CA LEU D 134 4.02 22.59 -6.66
C LEU D 134 3.68 23.61 -5.60
N ILE D 135 2.88 24.61 -5.95
CA ILE D 135 2.60 25.72 -5.04
C ILE D 135 1.31 25.42 -4.31
N VAL D 136 1.32 25.42 -2.98
CA VAL D 136 0.11 25.14 -2.18
C VAL D 136 -0.33 26.40 -1.42
N SER D 137 0.63 27.27 -1.17
CA SER D 137 0.42 28.58 -0.51
C SER D 137 -0.76 29.34 -1.13
N ASN D 138 -1.62 29.92 -0.28
CA ASN D 138 -2.71 30.79 -0.78
C ASN D 138 -2.32 32.28 -0.78
N PRO D 139 -2.87 33.05 -1.75
CA PRO D 139 -3.83 32.72 -2.81
C PRO D 139 -3.16 31.97 -3.96
N VAL D 140 -3.55 30.73 -4.14
CA VAL D 140 -2.69 29.80 -4.86
C VAL D 140 -2.56 30.16 -6.34
N ASP D 141 -3.61 30.73 -6.94
CA ASP D 141 -3.55 30.93 -8.40
C ASP D 141 -2.55 32.04 -8.71
N ILE D 142 -2.56 33.09 -7.90
N ILE D 142 -2.61 33.11 -7.92
CA ILE D 142 -1.63 34.15 -8.19
CA ILE D 142 -1.66 34.19 -8.08
C ILE D 142 -0.23 33.84 -7.66
C ILE D 142 -0.24 33.75 -7.73
N LEU D 143 -0.10 33.01 -6.62
CA LEU D 143 1.25 32.66 -6.17
C LEU D 143 1.88 31.62 -7.13
N THR D 144 1.06 30.86 -7.85
CA THR D 144 1.64 29.99 -8.88
C THR D 144 2.24 30.85 -10.00
N TYR D 145 1.52 31.89 -10.40
CA TYR D 145 2.07 32.90 -11.34
C TYR D 145 3.38 33.49 -10.81
N VAL D 146 3.38 33.89 -9.56
CA VAL D 146 4.57 34.47 -8.96
C VAL D 146 5.77 33.48 -8.98
N ALA D 147 5.54 32.23 -8.62
CA ALA D 147 6.61 31.22 -8.65
C ALA D 147 7.12 31.01 -10.07
N TRP D 148 6.20 31.01 -11.02
CA TRP D 148 6.58 30.86 -12.44
C TRP D 148 7.50 32.00 -12.90
N LYS D 149 7.09 33.23 -12.62
CA LYS D 149 7.90 34.38 -13.02
C LYS D 149 9.27 34.37 -12.36
N ILE D 150 9.31 34.06 -11.06
CA ILE D 150 10.60 34.13 -10.36
C ILE D 150 11.53 32.99 -10.75
N SER D 151 10.99 31.79 -10.87
CA SER D 151 11.79 30.61 -11.21
C SER D 151 12.38 30.63 -12.61
N GLY D 152 11.64 31.19 -13.56
CA GLY D 152 12.07 31.15 -14.94
C GLY D 152 11.78 29.79 -15.54
N PHE D 153 11.03 28.95 -14.82
CA PHE D 153 10.72 27.60 -15.30
C PHE D 153 9.71 27.63 -16.46
N PRO D 154 9.78 26.62 -17.31
CA PRO D 154 8.70 26.52 -18.30
C PRO D 154 7.39 26.20 -17.60
N LYS D 155 6.27 26.59 -18.19
CA LYS D 155 5.02 26.52 -17.46
C LYS D 155 4.58 25.09 -17.11
N ASN D 156 5.09 24.06 -17.81
CA ASN D 156 4.73 22.70 -17.44
C ASN D 156 5.27 22.30 -16.07
N ARG D 157 6.30 23.00 -15.57
CA ARG D 157 6.93 22.58 -14.33
C ARG D 157 6.52 23.47 -13.13
N VAL D 158 5.51 24.31 -13.30
CA VAL D 158 5.05 25.12 -12.18
C VAL D 158 3.55 24.91 -12.06
N ILE D 159 3.16 24.21 -10.99
CA ILE D 159 1.78 23.70 -10.81
C ILE D 159 1.20 24.25 -9.53
N GLY D 160 -0.03 24.74 -9.55
CA GLY D 160 -0.66 25.21 -8.31
C GLY D 160 -1.67 24.15 -7.87
N SER D 161 -1.76 23.90 -6.57
CA SER D 161 -2.70 22.88 -6.10
C SER D 161 -4.14 23.27 -6.49
N GLY D 162 -4.40 24.56 -6.63
CA GLY D 162 -5.64 25.01 -7.26
C GLY D 162 -6.93 24.45 -6.66
N CYS D 163 -7.76 23.86 -7.52
CA CYS D 163 -9.10 23.38 -7.10
C CYS D 163 -9.08 21.87 -6.88
N ASN D 164 -7.90 21.27 -6.75
CA ASN D 164 -7.85 19.83 -6.55
C ASN D 164 -8.61 19.43 -5.26
N LEU D 165 -8.39 20.16 -4.17
CA LEU D 165 -9.11 19.84 -2.94
C LEU D 165 -10.58 20.28 -3.02
N ASP D 166 -10.89 21.41 -3.65
N ASP D 166 -10.87 21.42 -3.68
CA ASP D 166 -12.30 21.81 -3.80
CA ASP D 166 -12.26 21.86 -3.88
C ASP D 166 -13.10 20.71 -4.52
C ASP D 166 -13.08 20.74 -4.53
N SER D 167 -12.49 20.13 -5.56
CA SER D 167 -13.15 19.06 -6.30
C SER D 167 -13.30 17.82 -5.41
N ALA D 168 -12.26 17.51 -4.63
CA ALA D 168 -12.40 16.38 -3.68
C ALA D 168 -13.52 16.63 -2.66
N ARG D 169 -13.63 17.85 -2.12
CA ARG D 169 -14.70 18.14 -1.19
C ARG D 169 -16.06 18.01 -1.87
N PHE D 170 -16.15 18.52 -3.09
CA PHE D 170 -17.38 18.40 -3.85
C PHE D 170 -17.80 16.93 -3.99
N ARG D 171 -16.86 16.07 -4.36
CA ARG D 171 -17.17 14.65 -4.54
C ARG D 171 -17.56 13.98 -3.21
N TYR D 172 -16.92 14.40 -2.13
CA TYR D 172 -17.31 13.91 -0.80
C TYR D 172 -18.78 14.27 -0.50
N LEU D 173 -19.15 15.51 -0.75
CA LEU D 173 -20.49 15.96 -0.43
C LEU D 173 -21.52 15.29 -1.36
N MET D 174 -21.14 15.18 -2.63
N MET D 174 -21.15 15.15 -2.62
CA MET D 174 -21.94 14.44 -3.60
CA MET D 174 -21.99 14.44 -3.59
C MET D 174 -22.19 13.00 -3.13
C MET D 174 -22.20 12.99 -3.13
N GLY D 175 -21.12 12.32 -2.73
CA GLY D 175 -21.22 10.96 -2.21
C GLY D 175 -22.10 10.82 -0.97
N GLU D 176 -22.06 11.79 -0.07
CA GLU D 176 -22.94 11.77 1.09
C GLU D 176 -24.40 11.85 0.69
N ARG D 177 -24.69 12.67 -0.32
CA ARG D 177 -26.07 12.85 -0.72
C ARG D 177 -26.59 11.61 -1.40
N LEU D 178 -25.72 10.92 -2.13
CA LEU D 178 -26.16 9.81 -3.00
C LEU D 178 -25.95 8.44 -2.35
N GLY D 179 -25.14 8.38 -1.30
CA GLY D 179 -24.76 7.11 -0.69
C GLY D 179 -23.82 6.28 -1.54
N VAL D 180 -22.91 6.97 -2.23
CA VAL D 180 -21.91 6.36 -3.10
C VAL D 180 -20.53 6.84 -2.67
N HIS D 181 -19.52 5.99 -2.75
CA HIS D 181 -18.16 6.42 -2.44
C HIS D 181 -17.73 7.57 -3.35
N PRO D 182 -17.01 8.58 -2.82
CA PRO D 182 -16.59 9.68 -3.69
C PRO D 182 -15.79 9.26 -4.92
N LEU D 183 -15.08 8.14 -4.82
CA LEU D 183 -14.38 7.60 -6.00
C LEU D 183 -15.29 7.34 -7.20
N SER D 184 -16.55 7.06 -6.94
CA SER D 184 -17.49 6.77 -8.01
C SER D 184 -18.42 7.94 -8.27
N CYS D 185 -18.25 9.03 -7.51
CA CYS D 185 -19.00 10.26 -7.75
C CYS D 185 -18.11 11.24 -8.49
N HIS D 186 -18.47 11.65 -9.69
CA HIS D 186 -17.58 12.50 -10.49
C HIS D 186 -18.13 13.91 -10.61
N GLY D 187 -17.26 14.91 -10.47
CA GLY D 187 -17.67 16.30 -10.63
C GLY D 187 -16.47 17.20 -10.42
N TRP D 188 -16.49 18.33 -11.09
CA TRP D 188 -15.33 19.21 -11.19
C TRP D 188 -15.65 20.63 -10.70
N VAL D 189 -14.76 21.17 -9.86
CA VAL D 189 -14.81 22.59 -9.51
C VAL D 189 -13.58 23.19 -10.17
N LEU D 190 -13.76 24.22 -10.96
CA LEU D 190 -12.70 24.78 -11.78
C LEU D 190 -12.52 26.26 -11.52
N GLY D 191 -11.49 26.86 -12.12
CA GLY D 191 -11.36 28.31 -12.03
C GLY D 191 -10.48 28.75 -10.87
N GLU D 192 -10.88 29.81 -10.20
CA GLU D 192 -10.10 30.41 -9.13
C GLU D 192 -10.44 29.71 -7.83
N HIS D 193 -9.42 29.21 -7.13
CA HIS D 193 -9.65 28.53 -5.86
C HIS D 193 -10.28 29.53 -4.89
N GLY D 194 -11.31 29.10 -4.18
CA GLY D 194 -11.96 29.97 -3.20
C GLY D 194 -13.38 30.29 -3.57
N ASP D 195 -13.84 31.46 -3.13
CA ASP D 195 -15.23 31.84 -3.30
C ASP D 195 -15.68 32.02 -4.74
N SER D 196 -14.75 32.23 -5.67
CA SER D 196 -15.12 32.47 -7.04
C SER D 196 -15.02 31.21 -7.90
N SER D 197 -14.81 30.07 -7.28
CA SER D 197 -14.66 28.84 -8.07
C SER D 197 -15.98 28.43 -8.75
N VAL D 198 -15.87 27.55 -9.76
CA VAL D 198 -17.02 27.21 -10.60
C VAL D 198 -17.33 25.71 -10.55
N PRO D 199 -18.50 25.33 -10.03
CA PRO D 199 -18.92 23.93 -10.08
C PRO D 199 -19.46 23.61 -11.46
N VAL D 200 -18.89 22.65 -12.17
CA VAL D 200 -19.33 22.47 -13.55
C VAL D 200 -20.45 21.42 -13.52
N TRP D 201 -21.69 21.89 -13.40
CA TRP D 201 -22.84 21.01 -13.18
C TRP D 201 -23.00 19.97 -14.29
N SER D 202 -22.68 20.36 -15.53
CA SER D 202 -22.81 19.45 -16.68
C SER D 202 -21.96 18.19 -16.57
N GLY D 203 -20.92 18.24 -15.77
CA GLY D 203 -19.99 17.14 -15.68
C GLY D 203 -20.26 16.20 -14.51
N MET D 204 -21.21 16.59 -13.67
N MET D 204 -21.20 16.58 -13.65
CA MET D 204 -21.55 15.80 -12.49
CA MET D 204 -21.46 15.77 -12.47
C MET D 204 -22.22 14.49 -12.89
C MET D 204 -22.22 14.50 -12.84
N ASN D 205 -21.65 13.35 -12.49
CA ASN D 205 -22.24 12.09 -12.90
C ASN D 205 -21.83 10.93 -12.01
N VAL D 206 -22.65 9.87 -12.06
CA VAL D 206 -22.29 8.58 -11.48
C VAL D 206 -22.44 7.58 -12.63
N ALA D 207 -21.40 6.79 -12.88
CA ALA D 207 -21.45 5.77 -13.94
C ALA D 207 -21.79 6.35 -15.30
N GLY D 208 -21.38 7.60 -15.53
CA GLY D 208 -21.63 8.26 -16.80
C GLY D 208 -23.04 8.83 -16.95
N VAL D 209 -23.84 8.74 -15.88
CA VAL D 209 -25.21 9.27 -15.91
C VAL D 209 -25.16 10.71 -15.44
N SER D 210 -25.45 11.64 -16.34
CA SER D 210 -25.41 13.05 -15.99
C SER D 210 -26.55 13.42 -15.03
N LEU D 211 -26.20 13.96 -13.87
CA LEU D 211 -27.23 14.38 -12.92
C LEU D 211 -28.05 15.54 -13.47
N LYS D 212 -27.41 16.42 -14.25
CA LYS D 212 -28.08 17.60 -14.79
C LYS D 212 -29.14 17.18 -15.82
N THR D 213 -28.90 16.07 -16.49
CA THR D 213 -29.86 15.55 -17.45
C THR D 213 -31.11 15.03 -16.77
N LEU D 214 -30.94 14.25 -15.70
CA LEU D 214 -32.07 13.73 -14.92
C LEU D 214 -32.83 14.83 -14.20
N HIS D 215 -32.11 15.87 -13.79
CA HIS D 215 -32.67 16.90 -12.93
C HIS D 215 -32.28 18.29 -13.46
N PRO D 216 -33.00 18.80 -14.46
CA PRO D 216 -32.58 20.03 -15.14
C PRO D 216 -32.36 21.23 -14.20
N ASP D 217 -33.14 21.29 -13.11
CA ASP D 217 -33.03 22.39 -12.15
C ASP D 217 -31.76 22.29 -11.29
N LEU D 218 -30.95 21.26 -11.50
CA LEU D 218 -29.72 21.04 -10.72
C LEU D 218 -28.80 22.28 -10.66
N GLY D 219 -28.57 22.82 -9.47
CA GLY D 219 -27.63 23.92 -9.35
C GLY D 219 -28.26 25.30 -9.59
N THR D 220 -29.55 25.34 -9.88
CA THR D 220 -30.24 26.61 -10.02
C THR D 220 -31.02 26.97 -8.76
N ASP D 221 -31.57 28.19 -8.73
CA ASP D 221 -32.37 28.62 -7.59
C ASP D 221 -33.72 27.89 -7.54
N LYS D 222 -34.11 27.24 -8.64
CA LYS D 222 -35.40 26.53 -8.70
C LYS D 222 -35.30 25.09 -8.17
N ASP D 223 -34.10 24.72 -7.73
CA ASP D 223 -33.80 23.35 -7.30
C ASP D 223 -34.43 23.06 -5.93
N LYS D 224 -35.48 22.24 -5.90
CA LYS D 224 -36.08 21.84 -4.63
C LYS D 224 -35.06 21.14 -3.71
N GLU D 225 -34.05 20.48 -4.30
CA GLU D 225 -33.01 19.80 -3.52
C GLU D 225 -31.81 20.68 -3.19
N GLN D 226 -31.82 21.91 -3.71
CA GLN D 226 -30.79 22.91 -3.40
C GLN D 226 -29.37 22.39 -3.54
N TRP D 227 -29.04 21.86 -4.72
CA TRP D 227 -27.68 21.36 -4.93
C TRP D 227 -26.65 22.49 -4.97
N LYS D 228 -27.08 23.73 -5.23
CA LYS D 228 -26.15 24.86 -5.17
C LYS D 228 -25.49 24.96 -3.77
N GLU D 229 -26.18 24.48 -2.74
CA GLU D 229 -25.66 24.48 -1.37
C GLU D 229 -24.42 23.58 -1.22
N VAL D 230 -24.32 22.57 -2.07
CA VAL D 230 -23.13 21.73 -2.09
C VAL D 230 -21.92 22.56 -2.46
N HIS D 231 -22.00 23.37 -3.52
CA HIS D 231 -20.87 24.24 -3.86
C HIS D 231 -20.66 25.32 -2.78
N LYS D 232 -21.74 25.81 -2.19
CA LYS D 232 -21.60 26.79 -1.11
C LYS D 232 -20.82 26.13 0.04
N GLN D 233 -21.14 24.88 0.34
CA GLN D 233 -20.43 24.14 1.38
C GLN D 233 -18.95 23.96 1.06
N VAL D 234 -18.65 23.63 -0.20
CA VAL D 234 -17.27 23.53 -0.65
C VAL D 234 -16.52 24.85 -0.39
N VAL D 235 -17.15 25.95 -0.76
CA VAL D 235 -16.52 27.27 -0.69
C VAL D 235 -16.28 27.67 0.77
N GLU D 236 -17.22 27.30 1.62
CA GLU D 236 -17.21 27.70 3.02
C GLU D 236 -16.52 26.69 3.94
N SER D 237 -16.07 25.58 3.36
CA SER D 237 -15.55 24.46 4.15
C SER D 237 -14.31 24.85 4.92
N ALA D 238 -13.32 25.39 4.21
CA ALA D 238 -12.09 25.81 4.88
C ALA D 238 -12.42 26.79 5.99
N TYR D 239 -13.37 27.69 5.72
CA TYR D 239 -13.87 28.66 6.70
C TYR D 239 -14.44 27.97 7.94
N GLU D 240 -15.37 27.05 7.73
CA GLU D 240 -15.97 26.38 8.87
C GLU D 240 -14.92 25.61 9.66
N VAL D 241 -14.03 24.89 8.95
CA VAL D 241 -13.03 24.11 9.67
C VAL D 241 -12.07 25.02 10.43
N ILE D 242 -11.67 26.14 9.84
CA ILE D 242 -10.82 27.09 10.54
C ILE D 242 -11.51 27.62 11.80
N LYS D 243 -12.79 27.94 11.68
CA LYS D 243 -13.55 28.43 12.83
C LYS D 243 -13.66 27.37 13.94
N LEU D 244 -13.68 26.09 13.56
CA LEU D 244 -13.90 25.01 14.53
C LEU D 244 -12.64 24.55 15.21
N LYS D 245 -11.56 24.40 14.44
CA LYS D 245 -10.33 23.85 14.99
C LYS D 245 -9.12 24.79 14.81
N GLY D 246 -9.28 25.88 14.06
CA GLY D 246 -8.26 26.92 14.00
C GLY D 246 -7.54 27.07 12.68
N TYR D 247 -7.67 26.05 11.83
CA TYR D 247 -6.90 25.90 10.60
C TYR D 247 -7.38 24.61 9.93
N THR D 248 -6.98 24.38 8.69
CA THR D 248 -7.22 23.09 8.03
C THR D 248 -5.89 22.50 7.58
N SER D 249 -5.79 21.17 7.50
CA SER D 249 -4.51 20.55 7.17
C SER D 249 -4.65 19.14 6.58
N TRP D 250 -5.43 18.26 7.20
CA TRP D 250 -5.43 16.85 6.75
C TRP D 250 -5.89 16.69 5.31
N ALA D 251 -6.99 17.35 4.95
CA ALA D 251 -7.50 17.15 3.58
C ALA D 251 -6.51 17.71 2.54
N ILE D 252 -5.93 18.87 2.84
N ILE D 252 -5.96 18.88 2.85
CA ILE D 252 -5.03 19.45 1.86
CA ILE D 252 -4.98 19.48 1.94
C ILE D 252 -3.74 18.62 1.74
C ILE D 252 -3.82 18.50 1.74
N GLY D 253 -3.31 18.00 2.85
CA GLY D 253 -2.16 17.10 2.84
C GLY D 253 -2.42 15.90 1.97
N LEU D 254 -3.58 15.27 2.15
CA LEU D 254 -3.95 14.13 1.28
C LEU D 254 -4.10 14.49 -0.19
N SER D 255 -4.70 15.66 -0.46
N SER D 255 -4.67 15.66 -0.48
CA SER D 255 -4.83 16.17 -1.82
CA SER D 255 -4.83 16.07 -1.88
C SER D 255 -3.47 16.35 -2.50
C SER D 255 -3.46 16.37 -2.54
N VAL D 256 -2.55 16.99 -1.80
CA VAL D 256 -1.22 17.28 -2.31
C VAL D 256 -0.47 15.96 -2.56
N ALA D 257 -0.64 14.99 -1.67
CA ALA D 257 0.05 13.70 -1.82
C ALA D 257 -0.49 12.98 -3.06
N ASP D 258 -1.78 13.18 -3.37
CA ASP D 258 -2.34 12.60 -4.60
C ASP D 258 -1.72 13.22 -5.86
N LEU D 259 -1.58 14.55 -5.88
CA LEU D 259 -0.85 15.23 -6.98
C LEU D 259 0.59 14.71 -7.09
N ALA D 260 1.26 14.60 -5.93
CA ALA D 260 2.65 14.13 -5.91
C ALA D 260 2.74 12.72 -6.48
N GLU D 261 1.76 11.88 -6.21
CA GLU D 261 1.76 10.51 -6.74
C GLU D 261 1.73 10.49 -8.27
N SER D 262 0.84 11.29 -8.87
CA SER D 262 0.78 11.32 -10.34
C SER D 262 2.08 11.83 -10.92
N ILE D 263 2.66 12.85 -10.29
CA ILE D 263 3.92 13.43 -10.81
C ILE D 263 5.08 12.45 -10.65
N MET D 264 5.27 11.91 -9.44
CA MET D 264 6.43 11.07 -9.14
C MET D 264 6.36 9.74 -9.89
N LYS D 265 5.15 9.25 -10.14
CA LYS D 265 5.02 7.93 -10.80
C LYS D 265 4.64 8.06 -12.26
N ASN D 266 4.65 9.28 -12.80
CA ASN D 266 4.34 9.50 -14.23
C ASN D 266 3.01 8.91 -14.67
N LEU D 267 1.97 9.13 -13.86
CA LEU D 267 0.71 8.40 -14.10
C LEU D 267 -0.14 8.96 -15.24
N ARG D 268 -0.04 10.25 -15.51
CA ARG D 268 -0.88 10.91 -16.52
C ARG D 268 -2.36 10.80 -16.14
N ARG D 269 -2.63 10.97 -14.83
CA ARG D 269 -4.01 11.14 -14.35
C ARG D 269 -4.38 12.59 -14.52
N VAL D 270 -5.69 12.84 -14.57
CA VAL D 270 -6.22 14.19 -14.76
C VAL D 270 -6.65 14.79 -13.41
N HIS D 271 -6.10 15.96 -13.12
CA HIS D 271 -6.40 16.70 -11.87
C HIS D 271 -6.74 18.14 -12.15
N PRO D 272 -7.66 18.73 -11.36
CA PRO D 272 -7.88 20.16 -11.58
C PRO D 272 -6.87 21.00 -10.79
N VAL D 273 -5.87 21.52 -11.45
CA VAL D 273 -4.76 22.22 -10.81
C VAL D 273 -4.56 23.54 -11.52
N SER D 274 -3.87 24.48 -10.88
N SER D 274 -3.89 24.48 -10.85
CA SER D 274 -3.72 25.79 -11.47
CA SER D 274 -3.63 25.79 -11.44
C SER D 274 -2.58 25.85 -12.47
C SER D 274 -2.60 25.70 -12.53
N THR D 275 -2.89 26.32 -13.68
CA THR D 275 -1.93 26.31 -14.80
C THR D 275 -2.19 27.53 -15.63
N MET D 276 -1.20 27.93 -16.43
CA MET D 276 -1.32 29.09 -17.27
C MET D 276 -2.41 28.92 -18.33
N ILE D 277 -3.43 29.76 -18.29
CA ILE D 277 -4.64 29.50 -19.03
C ILE D 277 -4.83 30.47 -20.23
N LYS D 278 -3.81 31.27 -20.48
CA LYS D 278 -3.82 32.21 -21.61
C LYS D 278 -4.13 31.44 -22.90
N GLY D 279 -5.12 31.92 -23.66
CA GLY D 279 -5.55 31.23 -24.86
C GLY D 279 -6.91 30.56 -24.74
N LEU D 280 -7.35 30.29 -23.51
CA LEU D 280 -8.67 29.67 -23.34
C LEU D 280 -9.73 30.63 -22.79
N TYR D 281 -10.96 30.44 -23.24
CA TYR D 281 -12.12 31.11 -22.71
C TYR D 281 -12.03 32.61 -22.94
N GLY D 282 -11.32 33.02 -23.97
CA GLY D 282 -11.22 34.43 -24.30
C GLY D 282 -10.27 35.14 -23.36
N ILE D 283 -9.51 34.35 -22.60
CA ILE D 283 -8.51 34.91 -21.68
C ILE D 283 -7.19 35.16 -22.41
N LYS D 284 -6.70 36.39 -22.27
CA LYS D 284 -5.58 36.91 -23.05
C LYS D 284 -4.35 37.30 -22.21
N ASP D 285 -4.44 37.22 -20.88
CA ASP D 285 -3.32 37.60 -20.02
C ASP D 285 -2.62 36.37 -19.42
N ASP D 286 -1.40 36.55 -18.90
CA ASP D 286 -0.70 35.47 -18.19
C ASP D 286 -1.32 35.22 -16.83
N VAL D 287 -2.42 34.49 -16.80
N VAL D 287 -2.39 34.43 -16.83
CA VAL D 287 -2.98 34.12 -15.52
CA VAL D 287 -3.15 34.11 -15.63
C VAL D 287 -3.08 32.60 -15.40
C VAL D 287 -3.19 32.59 -15.41
N PHE D 288 -3.06 32.17 -14.17
CA PHE D 288 -3.18 30.77 -13.81
C PHE D 288 -4.55 30.55 -13.20
N LEU D 289 -5.28 29.53 -13.67
CA LEU D 289 -6.53 29.13 -13.01
C LEU D 289 -6.62 27.63 -13.10
N SER D 290 -7.56 27.01 -12.38
CA SER D 290 -7.63 25.55 -12.46
C SER D 290 -8.44 25.06 -13.63
N VAL D 291 -7.87 24.11 -14.35
CA VAL D 291 -8.59 23.34 -15.38
C VAL D 291 -8.08 21.90 -15.21
N PRO D 292 -8.77 20.93 -15.80
CA PRO D 292 -8.30 19.55 -15.66
C PRO D 292 -6.99 19.36 -16.45
N CYS D 293 -5.93 18.89 -15.78
CA CYS D 293 -4.60 18.83 -16.38
C CYS D 293 -4.08 17.40 -16.29
N ILE D 294 -3.32 16.98 -17.31
CA ILE D 294 -2.67 15.66 -17.26
CA ILE D 294 -2.67 15.67 -17.28
C ILE D 294 -1.33 15.82 -16.58
N LEU D 295 -1.15 15.09 -15.48
CA LEU D 295 0.04 15.24 -14.61
C LEU D 295 0.96 14.03 -14.68
N GLY D 296 2.26 14.26 -14.85
CA GLY D 296 3.21 13.17 -15.01
C GLY D 296 4.61 13.64 -14.67
N GLN D 297 5.64 12.94 -15.15
CA GLN D 297 6.99 13.20 -14.65
C GLN D 297 7.57 14.52 -15.15
N ASN D 298 6.94 15.14 -16.16
CA ASN D 298 7.34 16.48 -16.58
C ASN D 298 6.36 17.55 -16.11
N GLY D 299 5.52 17.22 -15.14
CA GLY D 299 4.56 18.22 -14.65
C GLY D 299 3.29 18.13 -15.49
N ILE D 300 2.80 19.28 -15.93
CA ILE D 300 1.58 19.36 -16.72
C ILE D 300 1.96 19.23 -18.19
N SER D 301 1.58 18.12 -18.83
CA SER D 301 1.94 17.95 -20.24
C SER D 301 0.81 18.32 -21.20
N ASP D 302 -0.41 18.35 -20.68
CA ASP D 302 -1.61 18.57 -21.48
C ASP D 302 -2.73 19.10 -20.60
N LEU D 303 -3.72 19.77 -21.19
N LEU D 303 -3.68 19.82 -21.22
CA LEU D 303 -4.91 20.09 -20.41
CA LEU D 303 -4.90 20.32 -20.58
C LEU D 303 -6.18 19.83 -21.20
C LEU D 303 -6.15 19.66 -21.20
N VAL D 304 -7.25 19.56 -20.44
CA VAL D 304 -8.54 19.22 -21.01
C VAL D 304 -9.33 20.48 -21.22
N LYS D 305 -9.93 20.61 -22.39
CA LYS D 305 -10.75 21.78 -22.71
C LYS D 305 -12.21 21.48 -22.39
N VAL D 306 -12.66 21.94 -21.22
CA VAL D 306 -13.99 21.63 -20.73
C VAL D 306 -14.96 22.61 -21.39
N THR D 307 -16.08 22.10 -21.94
CA THR D 307 -17.11 22.99 -22.46
C THR D 307 -17.87 23.64 -21.29
N LEU D 308 -17.87 24.97 -21.25
CA LEU D 308 -18.51 25.70 -20.16
C LEU D 308 -19.74 26.40 -20.69
N THR D 309 -20.73 26.60 -19.83
CA THR D 309 -21.88 27.45 -20.16
C THR D 309 -21.44 28.90 -20.23
N SER D 310 -22.27 29.76 -20.81
CA SER D 310 -21.95 31.18 -20.91
C SER D 310 -21.65 31.79 -19.53
N GLU D 311 -22.46 31.43 -18.54
CA GLU D 311 -22.29 31.91 -17.17
C GLU D 311 -20.97 31.41 -16.56
N GLU D 312 -20.67 30.12 -16.75
CA GLU D 312 -19.42 29.54 -16.24
C GLU D 312 -18.19 30.21 -16.88
N GLU D 313 -18.27 30.38 -18.20
CA GLU D 313 -17.20 31.05 -18.92
C GLU D 313 -16.98 32.48 -18.40
N ALA D 314 -18.07 33.22 -18.22
CA ALA D 314 -17.99 34.59 -17.73
C ALA D 314 -17.34 34.65 -16.35
N ARG D 315 -17.63 33.66 -15.50
CA ARG D 315 -17.02 33.63 -14.15
C ARG D 315 -15.52 33.45 -14.24
N LEU D 316 -15.06 32.56 -15.11
CA LEU D 316 -13.62 32.34 -15.28
C LEU D 316 -12.98 33.59 -15.83
N LYS D 317 -13.65 34.24 -16.77
CA LYS D 317 -13.14 35.47 -17.34
C LYS D 317 -13.04 36.58 -16.29
N LYS D 318 -14.06 36.70 -15.43
CA LYS D 318 -14.03 37.72 -14.40
C LYS D 318 -12.87 37.46 -13.44
N SER D 319 -12.66 36.19 -13.06
CA SER D 319 -11.53 35.84 -12.23
C SER D 319 -10.22 36.19 -12.89
N ALA D 320 -10.06 35.85 -14.16
CA ALA D 320 -8.85 36.18 -14.85
C ALA D 320 -8.57 37.69 -14.82
N ASP D 321 -9.62 38.50 -15.06
CA ASP D 321 -9.49 39.96 -15.05
C ASP D 321 -9.01 40.44 -13.69
N THR D 322 -9.59 39.89 -12.64
CA THR D 322 -9.26 40.31 -11.28
C THR D 322 -7.81 39.93 -10.97
N LEU D 323 -7.39 38.72 -11.38
CA LEU D 323 -6.01 38.26 -11.14
C LEU D 323 -5.04 39.11 -11.88
N TRP D 324 -5.32 39.37 -13.15
CA TRP D 324 -4.40 40.18 -13.94
C TRP D 324 -4.33 41.61 -13.38
N GLY D 325 -5.44 42.14 -12.89
CA GLY D 325 -5.43 43.47 -12.27
C GLY D 325 -4.44 43.60 -11.13
N ILE D 326 -4.28 42.54 -10.36
CA ILE D 326 -3.32 42.51 -9.26
C ILE D 326 -1.91 42.25 -9.80
N GLN D 327 -1.79 41.24 -10.65
CA GLN D 327 -0.47 40.82 -11.14
C GLN D 327 0.29 41.92 -11.87
N LYS D 328 -0.43 42.74 -12.62
CA LYS D 328 0.24 43.79 -13.39
C LYS D 328 0.80 44.90 -12.49
N GLU D 329 0.38 44.92 -11.22
CA GLU D 329 0.89 45.92 -10.25
C GLU D 329 1.99 45.38 -9.37
N LEU D 330 2.33 44.10 -9.51
CA LEU D 330 3.39 43.50 -8.71
C LEU D 330 4.78 44.00 -9.10
N GLN D 331 5.66 44.14 -8.12
CA GLN D 331 7.05 44.48 -8.38
C GLN D 331 7.92 43.25 -8.13
N PHE D 332 8.56 42.74 -9.18
CA PHE D 332 9.43 41.57 -9.06
C PHE D 332 10.87 41.95 -8.81
C11 9Y1 E . 21.00 -27.69 -11.59
C13 9Y1 E . 21.36 -27.90 -10.26
C14 9Y1 E . 20.49 -27.52 -9.24
N15 9Y1 E . 17.22 -25.78 -8.68
C17 9Y1 E . 15.45 -24.97 -7.22
C19 9Y1 E . 13.85 -23.78 -6.24
C20 9Y1 E . 13.23 -22.98 -5.10
C23 9Y1 E . 13.21 -24.03 -7.42
F01 9Y1 E . 17.14 -25.42 -4.33
C02 9Y1 E . 17.02 -26.52 -5.07
F03 9Y1 E . 17.75 -27.46 -4.44
F04 9Y1 E . 15.74 -26.91 -4.90
C05 9Y1 E . 17.36 -26.39 -6.52
C06 9Y1 E . 18.45 -26.95 -7.16
C07 9Y1 E . 18.35 -26.54 -8.51
C08 9Y1 E . 19.26 -26.92 -9.55
C09 9Y1 E . 18.90 -26.72 -10.89
C10 9Y1 E . 19.77 -27.10 -11.90
F12 9Y1 E . 21.82 -28.05 -12.55
N16 9Y1 E . 16.64 -25.68 -7.48
N18 9Y1 E . 15.15 -24.33 -6.13
O21 9Y1 E . 13.99 -22.78 -4.14
O22 9Y1 E . 12.05 -22.63 -5.27
S24 9Y1 E . 14.19 -24.97 -8.49
C11 9Y1 F . 14.83 -15.72 -22.63
C13 9Y1 F . 15.99 -15.36 -23.27
C14 9Y1 F . 16.70 -16.30 -23.99
N15 9Y1 F . 18.18 -18.37 -25.39
C17 9Y1 F . 19.81 -19.61 -26.71
C19 9Y1 F . 21.68 -20.43 -27.69
C20 9Y1 F . 22.70 -21.55 -28.14
C23 9Y1 F . 21.86 -19.09 -27.94
F01 9Y1 F . 17.46 -22.00 -27.70
C02 9Y1 F . 17.62 -21.91 -26.36
F03 9Y1 F . 16.66 -22.66 -25.85
F04 9Y1 F . 18.75 -22.55 -26.07
C05 9Y1 F . 17.58 -20.50 -25.83
C06 9Y1 F . 16.57 -19.94 -25.08
C07 9Y1 F . 16.97 -18.61 -24.82
C08 9Y1 F . 16.23 -17.63 -24.06
C09 9Y1 F . 15.06 -17.98 -23.40
C10 9Y1 F . 14.37 -17.03 -22.69
F12 9Y1 F . 14.17 -14.82 -21.94
N16 9Y1 F . 18.56 -19.50 -26.00
N18 9Y1 F . 20.50 -20.73 -26.98
O21 9Y1 F . 22.53 -22.66 -27.59
O22 9Y1 F . 23.56 -21.22 -28.97
S24 9Y1 F . 20.56 -18.14 -27.31
C ACT G . 15.11 -9.44 9.77
O ACT G . 16.11 -8.75 9.47
OXT ACT G . 15.34 -10.56 10.31
CH3 ACT G . 13.71 -8.95 9.51
C ACT H . 10.92 -7.41 14.65
O ACT H . 10.46 -6.52 15.40
OXT ACT H . 11.26 -8.45 15.25
CH3 ACT H . 11.05 -7.24 13.15
S DMS I . 19.50 -19.08 29.07
O DMS I . 18.15 -18.68 28.60
C1 DMS I . 19.59 -18.84 30.85
C2 DMS I . 19.65 -20.87 29.12
C1 MLA J . -11.34 -12.84 -19.66
O1A MLA J . -10.13 -12.77 -20.05
O1B MLA J . -12.27 -12.23 -20.29
C2 MLA J . -11.64 -13.64 -18.41
C3 MLA J . -12.55 -14.74 -18.88
O3A MLA J . -13.71 -14.48 -19.33
O3B MLA J . -12.14 -15.94 -18.83
C11 9Y1 K . -28.00 -5.45 -31.82
C13 9Y1 K . -27.17 -4.84 -32.74
C14 9Y1 K . -27.51 -3.59 -33.24
N15 9Y1 K . -30.11 -0.95 -32.90
C17 9Y1 K . -31.19 1.22 -33.29
C19 9Y1 K . -32.36 3.16 -33.18
C20 9Y1 K . -32.63 4.68 -33.40
C23 9Y1 K . -33.24 2.32 -32.55
F01 9Y1 K . -29.57 1.72 -36.34
C02 9Y1 K . -28.74 1.48 -35.34
F03 9Y1 K . -27.54 1.35 -35.87
F04 9Y1 K . -28.71 2.65 -34.72
C05 9Y1 K . -29.07 0.32 -34.44
C06 9Y1 K . -28.35 -0.87 -34.31
C07 9Y1 K . -29.04 -1.65 -33.35
C08 9Y1 K . -28.68 -2.96 -32.84
C09 9Y1 K . -29.51 -3.59 -31.89
C10 9Y1 K . -29.17 -4.82 -31.39
F12 9Y1 K . -27.67 -6.65 -31.32
N16 9Y1 K . -30.15 0.23 -33.56
N18 9Y1 K . -31.17 2.51 -33.60
O21 9Y1 K . -33.62 4.96 -34.10
O22 9Y1 K . -31.81 5.45 -32.84
S24 9Y1 K . -32.66 0.70 -32.47
C ACT L . -15.63 5.18 -42.41
O ACT L . -16.23 5.34 -43.50
OXT ACT L . -16.29 5.53 -41.39
CH3 ACT L . -14.24 4.63 -42.30
S DMS M . -15.25 -0.37 -14.24
O DMS M . -14.69 0.71 -15.10
C1 DMS M . -13.90 -1.48 -13.79
C2 DMS M . -15.69 0.34 -12.58
C11 9Y1 N . 3.80 11.58 34.45
C13 9Y1 N . 4.94 10.81 34.44
C14 9Y1 N . 5.65 10.62 33.25
N15 9Y1 N . 5.46 11.34 29.53
C17 9Y1 N . 6.38 11.21 27.21
C19 9Y1 N . 6.66 10.86 25.01
C20 9Y1 N . 7.16 10.08 23.76
C23 9Y1 N . 5.95 12.03 24.94
F01 9Y1 N . 8.84 8.95 28.01
C02 9Y1 N . 8.89 10.10 28.71
F03 9Y1 N . 9.86 9.89 29.65
F04 9Y1 N . 9.42 11.01 27.87
C05 9Y1 N . 7.57 10.54 29.33
C06 9Y1 N . 7.26 10.54 30.68
C07 9Y1 N . 5.93 11.04 30.79
C08 9Y1 N . 5.19 11.22 32.06
C09 9Y1 N . 4.03 12.01 32.08
C10 9Y1 N . 3.33 12.18 33.27
F12 9Y1 N . 3.12 11.75 35.57
N16 9Y1 N . 6.45 11.04 28.65
N18 9Y1 N . 6.90 10.39 26.31
O21 9Y1 N . 7.76 9.04 24.03
O22 9Y1 N . 6.94 10.58 22.64
S24 9Y1 N . 5.55 12.64 26.52
C11 9Y1 O . -11.48 13.22 26.01
C13 9Y1 O . -10.73 14.35 26.36
C14 9Y1 O . -10.84 14.90 27.63
N15 9Y1 O . -12.53 14.29 30.89
C17 9Y1 O . -13.05 14.66 33.20
C19 9Y1 O . -13.52 14.41 35.38
C20 9Y1 O . -13.31 14.64 36.89
C23 9Y1 O . -14.51 13.64 34.87
F01 9Y1 O . -12.24 17.85 33.34
C02 9Y1 O . -11.24 17.25 32.69
F03 9Y1 O . -10.51 18.20 32.14
F04 9Y1 O . -10.48 16.77 33.66
C05 9Y1 O . -11.63 16.16 31.72
C06 9Y1 O . -11.23 16.07 30.39
C07 9Y1 O . -11.83 14.88 29.90
C08 9Y1 O . -11.71 14.32 28.56
C09 9Y1 O . -12.45 13.17 28.22
C10 9Y1 O . -12.33 12.63 26.94
F12 9Y1 O . -11.35 12.72 24.81
N16 9Y1 O . -12.42 15.04 31.98
N18 9Y1 O . -12.66 14.99 34.42
O21 9Y1 O . -14.12 14.08 37.65
O22 9Y1 O . -12.31 15.34 37.15
S24 9Y1 O . -14.45 13.60 33.15
C11 9Y1 P . 8.56 1.42 46.82
C13 9Y1 P . 7.37 1.63 47.53
C14 9Y1 P . 6.64 2.81 47.33
N15 9Y1 P . 6.77 5.97 45.32
C17 9Y1 P . 6.03 8.11 44.55
C19 9Y1 P . 5.73 10.07 43.57
C20 9Y1 P . 4.98 11.39 43.26
C23 9Y1 P . 6.91 9.74 42.99
F01 9Y1 P . 3.90 8.78 46.98
C02 9Y1 P . 3.59 7.53 46.50
F03 9Y1 P . 2.80 6.99 47.43
F04 9Y1 P . 2.78 7.75 45.45
C05 9Y1 P . 4.81 6.66 46.22
C06 9Y1 P . 5.10 5.40 46.76
C07 9Y1 P . 6.35 5.01 46.18
C08 9Y1 P . 7.09 3.77 46.41
C09 9Y1 P . 8.29 3.53 45.70
C10 9Y1 P . 9.01 2.36 45.91
F12 9Y1 P . 9.25 0.30 47.02
N16 9Y1 P . 5.86 6.96 45.34
N18 9Y1 P . 5.21 9.12 44.47
O21 9Y1 P . 3.84 11.42 43.73
O22 9Y1 P . 5.61 12.24 42.60
S24 9Y1 P . 7.48 8.22 43.53
C11 9Y1 Q . 6.82 12.30 46.16
C13 9Y1 Q . 5.99 11.94 47.22
C14 9Y1 Q . 6.18 10.74 47.86
N15 9Y1 Q . 8.32 7.61 47.92
C17 9Y1 Q . 8.87 5.39 48.95
C19 9Y1 Q . 9.54 3.30 49.49
C20 9Y1 Q . 9.42 1.91 50.16
C23 9Y1 Q . 10.62 3.68 48.74
F01 9Y1 Q . 5.81 5.03 50.50
C02 9Y1 Q . 6.49 6.17 50.86
F03 9Y1 Q . 5.61 6.89 51.59
F04 9Y1 Q . 7.41 5.77 51.74
C05 9Y1 Q . 7.04 6.97 49.70
C06 9Y1 Q . 6.57 8.21 49.30
C07 9Y1 Q . 7.38 8.60 48.19
C08 9Y1 Q . 7.20 9.86 47.47
C09 9Y1 Q . 8.05 10.22 46.40
C10 9Y1 Q . 7.85 11.43 45.75
F12 9Y1 Q . 6.63 13.48 45.53
N16 9Y1 Q . 8.10 6.61 48.86
N18 9Y1 Q . 8.53 4.28 49.62
O21 9Y1 Q . 10.43 1.20 50.10
O22 9Y1 Q . 8.31 1.66 50.66
S24 9Y1 Q . 10.45 5.28 48.13
C1 GOL R . 21.88 -11.67 19.17
O1 GOL R . 21.35 -10.78 20.12
C2 GOL R . 21.35 -13.08 19.43
O2 GOL R . 20.11 -12.97 20.08
C3 GOL R . 21.15 -13.76 18.10
O3 GOL R . 20.50 -14.99 18.32
C ACT S . -17.25 27.38 -24.09
O ACT S . -17.35 28.46 -23.46
OXT ACT S . -16.46 26.53 -23.60
CH3 ACT S . -18.04 27.12 -25.35
S DMS T . -0.91 30.46 3.32
O DMS T . -1.62 29.61 2.32
C1 DMS T . 0.50 31.27 2.53
C2 DMS T . -1.86 31.95 3.70
C1 GOL U . -20.42 12.85 -19.82
O1 GOL U . -20.90 11.94 -20.78
C2 GOL U . -21.54 13.13 -18.83
O2 GOL U . -21.94 11.91 -18.26
C3 GOL U . -21.04 14.07 -17.76
O3 GOL U . -22.13 14.41 -16.92
#